data_6X9F
#
_entry.id   6X9F
#
_cell.length_a   284.690
_cell.length_b   109.050
_cell.length_c   108.200
_cell.angle_alpha   90.000
_cell.angle_beta   112.260
_cell.angle_gamma   90.000
#
_symmetry.space_group_name_H-M   'C 1 2 1'
#
loop_
_entity.id
_entity.type
_entity.pdbx_description
1 polymer 'UDP-N-acetylmuramate--L-alanine ligase'
2 non-polymer [(2R)-1-{4-[(5-cyclopropyl-1H-pyrazol-3-yl)amino]-2H-pyrazolo[3,4-d]pyrimidin-6-yl}piperidin-2-yl]methanol
3 non-polymer 1,2-ETHANEDIOL
4 non-polymer 'DIMETHYL SULFOXIDE'
5 non-polymer 'CHLORIDE ION'
6 water water
#
_entity_poly.entity_id   1
_entity_poly.type   'polypeptide(L)'
_entity_poly.pdbx_seq_one_letter_code
;HRRIHFVGIGGAGMCGIAEVLLNLGYEVSGSDLKASAVTERLEKFGAQIFIGHQAENADGADVLVVSSAINRANPEVASA
LERRIPVVPRAEMLAELMRYRHGIAVAGTHGKTTTTSLIASVFAAGGLDPTFVIGGRLNAAGTNAQLGASRYLVAEADES
DASFLHLQPMVAVVTNIDADHMATYGGDFNKLKKTFVEFLHNLPFYGLAVMCVDDPVVREILPQIARPTVTYGLSEDADV
RAINIRQEGMRTWFTVLRPEREPLDVSVNMPGLHNVLNSLATIVIATDEGISDEAIVQGLSGFQGVGRRFQVYGELQVEG
GSVMLVDDYGHHPREVAAVIKAIRGGWPERRLVMVYQPHRYTRTRDLYEDFVQVLGEANVLLLMEVYPAGEEPIPGADSR
QLCHSIRQRGQLDPIYFERDADLAPLVKPLLRAGDILLCQGAGDVGGLAPQLIKNPLFAGKGGKGA
;
_entity_poly.pdbx_strand_id   A,B,C,D,E,F,G,H
#
# COMPACT_ATOMS: atom_id res chain seq x y z
N HIS A 1 -18.56 1.76 10.06
CA HIS A 1 -18.37 2.55 8.85
C HIS A 1 -17.78 3.94 9.17
N ARG A 2 -16.69 4.32 8.49
CA ARG A 2 -15.93 5.51 8.85
C ARG A 2 -15.74 6.52 7.72
N ARG A 3 -15.80 6.14 6.47
CA ARG A 3 -15.56 7.04 5.33
C ARG A 3 -16.82 7.21 4.49
N ILE A 4 -17.27 8.44 4.32
CA ILE A 4 -18.45 8.77 3.55
C ILE A 4 -18.03 9.47 2.26
N HIS A 5 -18.51 8.96 1.12
CA HIS A 5 -18.20 9.52 -0.19
C HIS A 5 -19.44 10.15 -0.84
N PHE A 6 -19.31 11.42 -1.24
CA PHE A 6 -20.38 12.20 -1.83
C PHE A 6 -20.21 12.30 -3.34
N VAL A 7 -21.22 11.91 -4.10
CA VAL A 7 -21.20 12.03 -5.55
C VAL A 7 -21.77 13.40 -5.92
N GLY A 8 -20.91 14.31 -6.37
CA GLY A 8 -21.36 15.67 -6.61
C GLY A 8 -21.29 16.49 -5.34
N ILE A 9 -20.15 16.46 -4.66
CA ILE A 9 -20.05 17.05 -3.33
C ILE A 9 -20.15 18.58 -3.38
N GLY A 10 -19.93 19.20 -4.54
CA GLY A 10 -19.98 20.65 -4.57
C GLY A 10 -21.40 21.17 -4.48
N GLY A 11 -22.29 20.64 -5.29
CA GLY A 11 -23.58 21.26 -5.48
C GLY A 11 -24.51 21.04 -4.33
N ALA A 12 -25.76 21.45 -4.56
CA ALA A 12 -26.98 21.12 -3.82
C ALA A 12 -26.78 21.45 -2.33
N GLY A 13 -27.47 20.70 -1.49
CA GLY A 13 -27.17 20.66 -0.08
C GLY A 13 -26.36 19.41 0.18
N MET A 14 -25.40 19.15 -0.71
CA MET A 14 -24.39 18.12 -0.45
C MET A 14 -23.25 18.66 0.41
N CYS A 15 -22.77 19.88 0.13
CA CYS A 15 -21.58 20.38 0.79
C CYS A 15 -21.79 20.57 2.29
N GLY A 16 -22.96 21.09 2.67
CA GLY A 16 -23.24 21.24 4.09
C GLY A 16 -23.19 19.94 4.85
N ILE A 17 -23.78 18.87 4.30
CA ILE A 17 -23.80 17.57 4.96
C ILE A 17 -22.39 17.06 5.13
N ALA A 18 -21.56 17.17 4.09
CA ALA A 18 -20.17 16.75 4.20
C ALA A 18 -19.46 17.54 5.29
N GLU A 19 -19.76 18.83 5.40
CA GLU A 19 -19.07 19.66 6.39
C GLU A 19 -19.41 19.21 7.80
N VAL A 20 -20.69 18.93 8.08
CA VAL A 20 -21.09 18.44 9.40
C VAL A 20 -20.43 17.10 9.69
N LEU A 21 -20.34 16.22 8.68
CA LEU A 21 -19.75 14.91 8.91
C LEU A 21 -18.27 15.05 9.23
N LEU A 22 -17.60 16.02 8.61
CA LEU A 22 -16.23 16.30 9.02
C LEU A 22 -16.19 16.78 10.45
N ASN A 23 -17.14 17.63 10.85
CA ASN A 23 -17.18 18.12 12.22
C ASN A 23 -17.42 16.99 13.20
N LEU A 24 -18.12 15.94 12.78
CA LEU A 24 -18.38 14.79 13.65
C LEU A 24 -17.19 13.84 13.72
N GLY A 25 -16.16 14.06 12.91
CA GLY A 25 -14.96 13.26 12.94
C GLY A 25 -14.84 12.17 11.88
N TYR A 26 -15.77 12.13 10.92
CA TYR A 26 -15.68 11.13 9.87
C TYR A 26 -14.65 11.52 8.83
N GLU A 27 -14.08 10.51 8.17
CA GLU A 27 -13.39 10.74 6.90
C GLU A 27 -14.43 11.00 5.84
N VAL A 28 -14.28 12.09 5.11
CA VAL A 28 -15.21 12.48 4.06
C VAL A 28 -14.44 12.67 2.76
N SER A 29 -14.99 12.12 1.68
CA SER A 29 -14.49 12.34 0.34
C SER A 29 -15.66 12.67 -0.58
N GLY A 30 -15.34 13.23 -1.73
CA GLY A 30 -16.37 13.57 -2.69
C GLY A 30 -15.78 13.80 -4.06
N SER A 31 -16.63 13.62 -5.06
CA SER A 31 -16.31 13.93 -6.45
C SER A 31 -17.18 15.08 -6.94
N ASP A 32 -16.67 15.79 -7.94
CA ASP A 32 -17.49 16.79 -8.62
C ASP A 32 -16.89 17.03 -10.00
N LEU A 33 -17.70 17.64 -10.87
CA LEU A 33 -17.23 17.89 -12.23
C LEU A 33 -16.24 19.04 -12.30
N LYS A 34 -16.37 20.04 -11.41
CA LYS A 34 -15.55 21.23 -11.46
C LYS A 34 -15.17 21.68 -10.06
N ALA A 35 -13.90 22.06 -9.90
CA ALA A 35 -13.46 22.57 -8.61
C ALA A 35 -14.04 23.96 -8.37
N SER A 36 -14.30 24.27 -7.10
CA SER A 36 -14.92 25.54 -6.74
C SER A 36 -14.50 25.94 -5.33
N ALA A 37 -14.84 27.17 -4.96
CA ALA A 37 -14.58 27.62 -3.60
C ALA A 37 -15.29 26.75 -2.57
N VAL A 38 -16.38 26.09 -2.96
CA VAL A 38 -17.07 25.17 -2.06
C VAL A 38 -16.20 23.94 -1.78
N THR A 39 -15.61 23.36 -2.84
CA THR A 39 -14.76 22.19 -2.64
C THR A 39 -13.43 22.57 -2.00
N GLU A 40 -12.92 23.79 -2.24
CA GLU A 40 -11.71 24.22 -1.56
C GLU A 40 -11.95 24.32 -0.06
N ARG A 41 -13.11 24.83 0.35
CA ARG A 41 -13.40 24.93 1.76
C ARG A 41 -13.48 23.55 2.40
N LEU A 42 -14.18 22.62 1.74
CA LEU A 42 -14.25 21.26 2.24
C LEU A 42 -12.86 20.63 2.35
N GLU A 43 -12.00 20.90 1.38
CA GLU A 43 -10.66 20.35 1.40
C GLU A 43 -9.83 20.97 2.53
N LYS A 44 -10.01 22.27 2.76
CA LYS A 44 -9.36 22.93 3.89
C LYS A 44 -9.78 22.30 5.21
N PHE A 45 -11.03 21.88 5.30
CA PHE A 45 -11.58 21.23 6.48
C PHE A 45 -11.31 19.73 6.54
N GLY A 46 -10.59 19.15 5.57
CA GLY A 46 -10.21 17.75 5.64
C GLY A 46 -10.82 16.81 4.62
N ALA A 47 -11.69 17.28 3.74
CA ALA A 47 -12.29 16.37 2.76
C ALA A 47 -11.31 16.09 1.63
N GLN A 48 -11.30 14.84 1.17
CA GLN A 48 -10.56 14.47 -0.03
C GLN A 48 -11.47 14.64 -1.24
N ILE A 49 -11.05 15.47 -2.19
CA ILE A 49 -11.88 15.88 -3.32
C ILE A 49 -11.30 15.31 -4.60
N PHE A 50 -12.16 14.65 -5.39
CA PHE A 50 -11.80 14.16 -6.72
C PHE A 50 -12.56 14.96 -7.77
N ILE A 51 -11.85 15.45 -8.78
CA ILE A 51 -12.48 16.16 -9.88
C ILE A 51 -12.66 15.18 -11.02
N GLY A 52 -13.91 15.01 -11.46
CA GLY A 52 -14.26 13.98 -12.41
C GLY A 52 -14.81 12.74 -11.72
N HIS A 53 -15.53 11.93 -12.49
CA HIS A 53 -16.21 10.75 -11.97
C HIS A 53 -15.58 9.49 -12.54
N GLN A 54 -14.73 8.85 -11.76
CA GLN A 54 -14.18 7.54 -12.11
C GLN A 54 -14.42 6.59 -10.94
N ALA A 55 -14.53 5.30 -11.26
CA ALA A 55 -14.94 4.31 -10.25
C ALA A 55 -13.98 4.27 -9.06
N GLU A 56 -12.70 4.57 -9.27
CA GLU A 56 -11.73 4.51 -8.19
C GLU A 56 -11.94 5.58 -7.13
N ASN A 57 -12.79 6.58 -7.38
CA ASN A 57 -13.02 7.59 -6.34
C ASN A 57 -13.84 7.03 -5.19
N ALA A 58 -14.61 5.97 -5.42
CA ALA A 58 -15.39 5.37 -4.35
C ALA A 58 -14.59 4.38 -3.53
N ASP A 59 -13.37 4.07 -3.95
CA ASP A 59 -12.54 3.11 -3.22
C ASP A 59 -12.33 3.58 -1.79
N GLY A 60 -12.48 2.65 -0.85
CA GLY A 60 -12.37 2.96 0.55
C GLY A 60 -13.63 3.49 1.20
N ALA A 61 -14.64 3.89 0.42
CA ALA A 61 -15.86 4.42 1.01
C ALA A 61 -16.65 3.33 1.70
N ASP A 62 -17.23 3.66 2.84
CA ASP A 62 -18.15 2.74 3.50
C ASP A 62 -19.60 3.03 3.14
N VAL A 63 -19.89 4.22 2.60
CA VAL A 63 -21.23 4.59 2.16
C VAL A 63 -21.08 5.70 1.14
N LEU A 64 -21.99 5.72 0.16
CA LEU A 64 -22.07 6.80 -0.82
C LEU A 64 -23.33 7.63 -0.57
N VAL A 65 -23.20 8.95 -0.73
CA VAL A 65 -24.33 9.87 -0.70
C VAL A 65 -24.48 10.44 -2.11
N VAL A 66 -25.70 10.31 -2.68
CA VAL A 66 -26.02 10.88 -3.98
C VAL A 66 -27.08 11.96 -3.79
N SER A 67 -27.06 12.97 -4.68
CA SER A 67 -27.96 14.10 -4.50
C SER A 67 -29.37 13.79 -4.97
N SER A 68 -29.50 13.18 -6.14
CA SER A 68 -30.82 12.79 -6.63
C SER A 68 -31.05 11.32 -6.33
N ALA A 69 -31.08 10.50 -7.38
CA ALA A 69 -31.25 9.06 -7.23
C ALA A 69 -30.02 8.34 -7.80
N ILE A 70 -30.01 7.02 -7.61
CA ILE A 70 -28.90 6.21 -8.10
C ILE A 70 -28.90 6.22 -9.63
N ASN A 71 -27.78 6.65 -10.21
CA ASN A 71 -27.63 6.73 -11.66
C ASN A 71 -26.60 5.71 -12.11
N ARG A 72 -27.05 4.71 -12.87
CA ARG A 72 -26.13 3.71 -13.40
C ARG A 72 -25.06 4.36 -14.28
N ALA A 73 -25.41 5.46 -14.96
CA ALA A 73 -24.45 6.13 -15.83
C ALA A 73 -23.21 6.53 -15.07
N ASN A 74 -23.38 7.03 -13.85
CA ASN A 74 -22.24 7.49 -13.07
C ASN A 74 -21.47 6.28 -12.55
N PRO A 75 -20.20 6.11 -12.89
CA PRO A 75 -19.51 4.86 -12.56
C PRO A 75 -19.25 4.68 -11.07
N GLU A 76 -19.09 5.76 -10.31
CA GLU A 76 -18.89 5.63 -8.87
C GLU A 76 -20.07 4.91 -8.23
N VAL A 77 -21.29 5.30 -8.59
CA VAL A 77 -22.47 4.63 -8.07
C VAL A 77 -22.46 3.15 -8.44
N ALA A 78 -22.15 2.84 -9.69
CA ALA A 78 -22.19 1.44 -10.13
C ALA A 78 -21.10 0.63 -9.46
N SER A 79 -19.93 1.24 -9.24
CA SER A 79 -18.87 0.53 -8.52
C SER A 79 -19.26 0.30 -7.07
N ALA A 80 -20.07 1.18 -6.49
CA ALA A 80 -20.54 0.96 -5.13
C ALA A 80 -21.58 -0.14 -5.09
N LEU A 81 -22.57 -0.07 -5.99
CA LEU A 81 -23.61 -1.09 -6.04
C LEU A 81 -23.01 -2.48 -6.16
N GLU A 82 -21.93 -2.61 -6.93
CA GLU A 82 -21.33 -3.91 -7.18
C GLU A 82 -20.55 -4.44 -5.98
N ARG A 83 -20.09 -3.57 -5.09
CA ARG A 83 -19.40 -4.00 -3.88
C ARG A 83 -20.36 -4.08 -2.69
N ARG A 84 -21.66 -3.88 -2.92
CA ARG A 84 -22.66 -3.76 -1.87
C ARG A 84 -22.28 -2.69 -0.84
N ILE A 85 -21.65 -1.61 -1.32
CA ILE A 85 -21.46 -0.42 -0.52
C ILE A 85 -22.76 0.37 -0.56
N PRO A 86 -23.44 0.58 0.57
CA PRO A 86 -24.74 1.25 0.53
C PRO A 86 -24.64 2.64 -0.08
N VAL A 87 -25.65 2.98 -0.89
CA VAL A 87 -25.77 4.26 -1.54
C VAL A 87 -27.04 4.88 -0.98
N VAL A 88 -26.91 5.95 -0.21
CA VAL A 88 -28.09 6.52 0.43
C VAL A 88 -28.39 7.87 -0.20
N PRO A 89 -29.66 8.23 -0.32
CA PRO A 89 -30.01 9.56 -0.84
C PRO A 89 -29.58 10.67 0.11
N ARG A 90 -29.27 11.82 -0.51
CA ARG A 90 -28.92 13.04 0.21
C ARG A 90 -29.85 13.32 1.39
N ALA A 91 -31.16 13.33 1.15
CA ALA A 91 -32.11 13.72 2.19
C ALA A 91 -32.03 12.81 3.41
N GLU A 92 -31.70 11.53 3.22
CA GLU A 92 -31.65 10.62 4.37
C GLU A 92 -30.40 10.89 5.22
N MET A 93 -29.26 11.10 4.57
CA MET A 93 -28.06 11.46 5.32
C MET A 93 -28.27 12.78 6.03
N LEU A 94 -28.94 13.73 5.38
CA LEU A 94 -29.29 14.99 6.04
C LEU A 94 -30.10 14.75 7.31
N ALA A 95 -31.09 13.85 7.24
CA ALA A 95 -31.95 13.59 8.39
C ALA A 95 -31.16 13.01 9.57
N GLU A 96 -30.18 12.16 9.29
CA GLU A 96 -29.49 11.43 10.34
C GLU A 96 -28.55 12.30 11.14
N LEU A 97 -28.15 13.47 10.62
CA LEU A 97 -27.31 14.36 11.40
C LEU A 97 -27.95 14.67 12.74
N MET A 98 -29.27 14.64 12.80
CA MET A 98 -29.96 15.02 14.01
C MET A 98 -29.66 14.07 15.17
N ARG A 99 -29.25 12.83 14.88
CA ARG A 99 -28.91 11.89 15.95
C ARG A 99 -27.64 12.28 16.70
N TYR A 100 -26.83 13.18 16.15
CA TYR A 100 -25.58 13.55 16.81
C TYR A 100 -25.68 14.83 17.62
N ARG A 101 -26.83 15.50 17.61
CA ARG A 101 -26.98 16.83 18.18
C ARG A 101 -28.29 16.88 18.93
N HIS A 102 -28.53 17.98 19.62
CA HIS A 102 -29.82 18.24 20.27
C HIS A 102 -30.77 18.78 19.19
N GLY A 103 -31.52 17.87 18.58
CA GLY A 103 -32.26 18.22 17.36
C GLY A 103 -33.62 18.82 17.67
N ILE A 104 -33.97 19.84 16.90
CA ILE A 104 -35.27 20.49 16.97
C ILE A 104 -35.86 20.41 15.57
N ALA A 105 -36.89 19.58 15.42
CA ALA A 105 -37.54 19.31 14.14
C ALA A 105 -38.79 20.18 14.02
N VAL A 106 -38.83 21.06 13.02
CA VAL A 106 -39.98 21.93 12.81
C VAL A 106 -40.84 21.32 11.72
N ALA A 107 -41.94 20.70 12.13
CA ALA A 107 -42.90 20.09 11.22
C ALA A 107 -44.13 20.95 11.10
N GLY A 108 -44.98 20.60 10.14
CA GLY A 108 -46.13 21.40 9.80
C GLY A 108 -46.12 21.62 8.30
N THR A 109 -47.31 21.69 7.69
CA THR A 109 -47.35 21.88 6.25
C THR A 109 -46.86 23.27 5.86
N HIS A 110 -47.33 24.31 6.55
CA HIS A 110 -46.92 25.68 6.26
C HIS A 110 -46.21 26.30 7.46
N GLY A 111 -45.25 27.15 7.17
CA GLY A 111 -44.58 27.89 8.21
C GLY A 111 -43.31 27.26 8.73
N LYS A 112 -42.86 26.16 8.13
CA LYS A 112 -41.66 25.49 8.61
C LYS A 112 -40.46 26.42 8.49
N THR A 113 -40.36 27.11 7.36
CA THR A 113 -39.15 27.87 7.09
C THR A 113 -39.02 29.08 8.00
N THR A 114 -40.10 29.85 8.17
CA THR A 114 -39.98 31.00 9.05
C THR A 114 -39.78 30.57 10.50
N THR A 115 -40.44 29.50 10.93
CA THR A 115 -40.30 29.06 12.32
C THR A 115 -38.89 28.58 12.60
N THR A 116 -38.33 27.76 11.70
CA THR A 116 -36.93 27.33 11.83
C THR A 116 -35.99 28.52 11.97
N SER A 117 -36.23 29.58 11.20
CA SER A 117 -35.33 30.73 11.22
C SER A 117 -35.50 31.54 12.49
N LEU A 118 -36.75 31.68 12.95
CA LEU A 118 -36.99 32.35 14.22
C LEU A 118 -36.26 31.63 15.35
N ILE A 119 -36.40 30.29 15.40
CA ILE A 119 -35.72 29.50 16.42
C ILE A 119 -34.21 29.74 16.35
N ALA A 120 -33.61 29.61 15.16
CA ALA A 120 -32.17 29.85 15.03
C ALA A 120 -31.80 31.27 15.42
N SER A 121 -32.66 32.24 15.13
CA SER A 121 -32.31 33.61 15.48
C SER A 121 -32.29 33.80 17.00
N VAL A 122 -33.25 33.19 17.71
CA VAL A 122 -33.30 33.34 19.16
C VAL A 122 -32.14 32.58 19.82
N PHE A 123 -31.92 31.34 19.42
CA PHE A 123 -30.80 30.58 19.94
C PHE A 123 -29.48 31.32 19.70
N ALA A 124 -29.31 31.89 18.50
CA ALA A 124 -28.11 32.66 18.20
C ALA A 124 -28.00 33.90 19.07
N ALA A 125 -29.13 34.57 19.33
CA ALA A 125 -29.12 35.68 20.27
C ALA A 125 -28.73 35.23 21.68
N GLY A 126 -28.96 33.96 22.01
CA GLY A 126 -28.56 33.41 23.28
C GLY A 126 -27.16 32.84 23.31
N GLY A 127 -26.40 33.01 22.23
CA GLY A 127 -25.00 32.63 22.20
C GLY A 127 -24.74 31.21 21.74
N LEU A 128 -25.75 30.53 21.20
CA LEU A 128 -25.69 29.10 20.96
C LEU A 128 -25.37 28.72 19.53
N ASP A 129 -25.32 29.70 18.60
CA ASP A 129 -24.87 29.57 17.21
C ASP A 129 -25.35 28.29 16.53
N PRO A 130 -26.66 28.02 16.51
CA PRO A 130 -27.11 26.72 16.02
C PRO A 130 -26.85 26.58 14.53
N THR A 131 -26.70 25.33 14.11
CA THR A 131 -26.82 24.96 12.71
C THR A 131 -28.29 24.72 12.40
N PHE A 132 -28.77 25.28 11.28
CA PHE A 132 -30.16 25.10 10.89
C PHE A 132 -30.31 24.75 9.42
N VAL A 133 -31.39 24.04 9.10
CA VAL A 133 -31.64 23.46 7.78
C VAL A 133 -32.94 24.03 7.25
N ILE A 134 -32.84 24.79 6.16
CA ILE A 134 -33.99 25.37 5.45
CA ILE A 134 -34.02 25.30 5.46
C ILE A 134 -33.85 25.00 3.98
N GLY A 135 -34.93 24.50 3.37
CA GLY A 135 -34.85 24.11 1.97
C GLY A 135 -33.77 23.10 1.70
N GLY A 136 -33.48 22.23 2.65
CA GLY A 136 -32.39 21.28 2.48
C GLY A 136 -30.99 21.84 2.51
N ARG A 137 -30.81 23.13 2.81
CA ARG A 137 -29.50 23.74 2.88
C ARG A 137 -29.14 24.01 4.35
N LEU A 138 -27.95 23.56 4.76
CA LEU A 138 -27.45 23.77 6.12
C LEU A 138 -26.85 25.16 6.24
N ASN A 139 -27.21 25.86 7.31
CA ASN A 139 -26.69 27.21 7.57
C ASN A 139 -26.32 27.38 9.04
N ALA A 140 -25.55 28.43 9.29
CA ALA A 140 -25.32 28.97 10.62
C ALA A 140 -24.77 30.38 10.43
N ALA A 141 -24.73 31.15 11.52
CA ALA A 141 -24.24 32.52 11.43
C ALA A 141 -22.73 32.65 11.60
N GLY A 142 -22.04 31.57 12.01
CA GLY A 142 -20.64 31.69 12.39
C GLY A 142 -19.69 31.94 11.24
N THR A 143 -20.06 31.52 10.03
CA THR A 143 -19.29 31.73 8.80
C THR A 143 -17.93 31.01 8.78
N ASN A 144 -17.00 31.39 9.65
CA ASN A 144 -15.69 30.72 9.66
C ASN A 144 -15.75 29.34 10.30
N ALA A 145 -16.62 29.13 11.30
CA ALA A 145 -16.74 27.85 12.02
C ALA A 145 -17.47 26.81 11.19
N GLN A 146 -17.00 25.56 11.27
CA GLN A 146 -17.63 24.46 10.53
C GLN A 146 -19.10 24.32 10.90
N LEU A 147 -19.92 23.96 9.92
CA LEU A 147 -21.31 23.63 10.23
C LEU A 147 -21.36 22.44 11.17
N GLY A 148 -22.36 22.42 12.05
CA GLY A 148 -22.49 21.35 13.01
C GLY A 148 -21.75 21.56 14.31
N ALA A 149 -21.03 22.67 14.46
CA ALA A 149 -20.23 22.87 15.67
C ALA A 149 -21.12 23.06 16.89
N SER A 150 -22.26 23.72 16.73
CA SER A 150 -23.18 23.93 17.85
C SER A 150 -23.74 22.60 18.33
N ARG A 151 -24.13 22.56 19.61
CA ARG A 151 -24.87 21.42 20.11
C ARG A 151 -26.23 21.31 19.45
N TYR A 152 -26.74 22.39 18.86
CA TYR A 152 -28.13 22.46 18.43
C TYR A 152 -28.24 22.35 16.92
N LEU A 153 -29.21 21.55 16.47
CA LEU A 153 -29.53 21.39 15.06
C LEU A 153 -31.02 21.59 14.86
N VAL A 154 -31.39 22.67 14.18
CA VAL A 154 -32.78 23.04 13.94
C VAL A 154 -33.09 22.74 12.48
N ALA A 155 -34.13 21.94 12.25
CA ALA A 155 -34.39 21.50 10.87
C ALA A 155 -35.88 21.42 10.55
N GLU A 156 -36.23 21.94 9.35
CA GLU A 156 -37.52 21.66 8.73
C GLU A 156 -37.76 20.16 8.68
N ALA A 157 -38.97 19.74 9.04
CA ALA A 157 -39.40 18.35 8.85
C ALA A 157 -40.59 18.33 7.90
N ASP A 158 -40.38 17.80 6.71
CA ASP A 158 -41.36 17.84 5.62
C ASP A 158 -42.09 16.50 5.56
N GLU A 159 -43.43 16.53 5.68
CA GLU A 159 -44.14 15.27 5.75
C GLU A 159 -44.21 14.54 4.42
N SER A 160 -43.74 15.16 3.34
CA SER A 160 -43.67 14.49 2.04
C SER A 160 -42.28 13.94 1.76
N ASP A 161 -41.31 14.24 2.61
CA ASP A 161 -39.98 13.68 2.47
C ASP A 161 -39.96 12.22 2.96
N ALA A 162 -39.21 11.39 2.23
CA ALA A 162 -39.18 9.97 2.58
C ALA A 162 -38.47 9.72 3.91
N SER A 163 -37.73 10.69 4.42
CA SER A 163 -37.05 10.53 5.71
C SER A 163 -37.83 11.12 6.87
N PHE A 164 -39.07 11.55 6.64
CA PHE A 164 -39.87 12.21 7.66
C PHE A 164 -39.90 11.42 8.97
N LEU A 165 -40.15 10.10 8.86
CA LEU A 165 -40.31 9.23 10.02
C LEU A 165 -38.98 8.71 10.56
N HIS A 166 -37.85 9.16 10.02
CA HIS A 166 -36.54 8.75 10.48
C HIS A 166 -35.78 9.87 11.19
N LEU A 167 -36.42 11.01 11.43
CA LEU A 167 -35.83 12.02 12.29
C LEU A 167 -35.86 11.57 13.74
N GLN A 168 -34.79 11.88 14.48
CA GLN A 168 -34.72 11.60 15.90
C GLN A 168 -34.48 12.91 16.65
N PRO A 169 -35.49 13.77 16.73
CA PRO A 169 -35.31 15.04 17.42
C PRO A 169 -35.51 14.88 18.91
N MET A 170 -34.99 15.87 19.65
CA MET A 170 -35.35 16.06 21.06
C MET A 170 -36.62 16.87 21.20
N VAL A 171 -36.89 17.76 20.26
CA VAL A 171 -38.05 18.65 20.29
C VAL A 171 -38.66 18.63 18.90
N ALA A 172 -39.98 18.59 18.84
CA ALA A 172 -40.68 18.61 17.56
C ALA A 172 -41.84 19.59 17.63
N VAL A 173 -41.90 20.49 16.65
CA VAL A 173 -43.01 21.42 16.50
C VAL A 173 -43.93 20.89 15.42
N VAL A 174 -45.24 21.10 15.61
CA VAL A 174 -46.21 20.89 14.56
C VAL A 174 -46.99 22.18 14.45
N THR A 175 -46.66 23.00 13.44
CA THR A 175 -47.36 24.26 13.24
C THR A 175 -48.79 24.06 12.74
N ASN A 176 -49.02 23.04 11.91
CA ASN A 176 -50.33 22.79 11.31
C ASN A 176 -50.26 21.54 10.45
N ILE A 177 -51.43 21.00 10.12
CA ILE A 177 -51.53 19.77 9.32
C ILE A 177 -52.54 20.01 8.20
N ASP A 178 -52.05 20.11 6.98
CA ASP A 178 -52.85 20.39 5.80
C ASP A 178 -52.81 19.19 4.86
N ALA A 179 -53.68 19.21 3.85
CA ALA A 179 -53.87 18.08 2.96
C ALA A 179 -53.05 18.17 1.68
N ASP A 180 -52.21 19.21 1.55
CA ASP A 180 -51.32 19.36 0.40
C ASP A 180 -50.70 18.06 -0.07
N HIS A 181 -50.11 17.29 0.84
CA HIS A 181 -49.31 16.12 0.49
C HIS A 181 -50.05 14.81 0.71
N MET A 182 -51.38 14.82 0.55
CA MET A 182 -52.15 13.59 0.65
C MET A 182 -51.66 12.51 -0.30
N ALA A 183 -51.17 12.88 -1.49
CA ALA A 183 -50.76 11.86 -2.46
C ALA A 183 -49.61 11.01 -1.93
N THR A 184 -48.75 11.59 -1.07
CA THR A 184 -47.68 10.82 -0.43
C THR A 184 -48.24 9.66 0.39
N TYR A 185 -49.47 9.81 0.89
CA TYR A 185 -50.06 8.81 1.78
C TYR A 185 -51.30 8.18 1.17
N GLY A 186 -51.20 7.71 -0.07
CA GLY A 186 -52.31 7.08 -0.75
C GLY A 186 -53.48 8.00 -1.03
N GLY A 187 -53.29 9.31 -0.90
CA GLY A 187 -54.38 10.24 -1.07
C GLY A 187 -55.44 10.12 0.00
N ASP A 188 -55.04 9.82 1.24
CA ASP A 188 -55.97 9.71 2.35
C ASP A 188 -55.54 10.62 3.50
N PHE A 189 -56.42 11.57 3.87
CA PHE A 189 -56.03 12.57 4.88
C PHE A 189 -55.91 11.93 6.26
N ASN A 190 -56.77 10.96 6.56
CA ASN A 190 -56.62 10.20 7.80
C ASN A 190 -55.25 9.51 7.89
N LYS A 191 -54.73 8.99 6.78
CA LYS A 191 -53.38 8.42 6.79
C LYS A 191 -52.34 9.49 7.08
N LEU A 192 -52.49 10.64 6.44
CA LEU A 192 -51.61 11.77 6.70
C LEU A 192 -51.59 12.13 8.18
N LYS A 193 -52.77 12.20 8.81
CA LYS A 193 -52.81 12.57 10.23
C LYS A 193 -52.11 11.52 11.09
N LYS A 194 -52.29 10.23 10.78
CA LYS A 194 -51.61 9.19 11.54
C LYS A 194 -50.08 9.32 11.40
N THR A 195 -49.59 9.79 10.26
CA THR A 195 -48.15 9.96 10.11
C THR A 195 -47.62 11.04 11.07
N PHE A 196 -48.40 12.10 11.30
CA PHE A 196 -47.97 13.12 12.25
C PHE A 196 -47.93 12.58 13.67
N VAL A 197 -48.89 11.73 14.03
CA VAL A 197 -48.82 11.06 15.34
C VAL A 197 -47.57 10.19 15.40
N GLU A 198 -47.34 9.36 14.37
CA GLU A 198 -46.13 8.54 14.35
C GLU A 198 -44.87 9.40 14.45
N PHE A 199 -44.81 10.49 13.67
CA PHE A 199 -43.67 11.39 13.75
C PHE A 199 -43.43 11.88 15.18
N LEU A 200 -44.49 12.29 15.87
CA LEU A 200 -44.31 12.76 17.24
C LEU A 200 -43.90 11.63 18.17
N HIS A 201 -44.22 10.38 17.83
CA HIS A 201 -43.78 9.28 18.67
C HIS A 201 -42.33 8.89 18.44
N ASN A 202 -41.63 9.55 17.52
CA ASN A 202 -40.19 9.41 17.43
C ASN A 202 -39.45 10.20 18.49
N LEU A 203 -40.12 11.12 19.17
CA LEU A 203 -39.53 11.77 20.33
C LEU A 203 -39.24 10.73 21.41
N PRO A 204 -38.17 10.90 22.18
CA PRO A 204 -38.00 10.08 23.38
C PRO A 204 -38.99 10.52 24.44
N PHE A 205 -39.18 9.67 25.47
CA PHE A 205 -40.11 10.00 26.54
C PHE A 205 -39.73 11.31 27.25
N TYR A 206 -38.46 11.71 27.21
CA TYR A 206 -38.02 12.98 27.79
C TYR A 206 -38.05 14.13 26.78
N GLY A 207 -38.55 13.89 25.57
CA GLY A 207 -38.62 14.92 24.56
C GLY A 207 -39.75 15.89 24.82
N LEU A 208 -39.94 16.80 23.87
CA LEU A 208 -41.02 17.77 23.94
C LEU A 208 -41.73 17.82 22.60
N ALA A 209 -43.06 17.76 22.64
CA ALA A 209 -43.88 18.09 21.48
C ALA A 209 -44.47 19.48 21.68
N VAL A 210 -44.27 20.34 20.68
CA VAL A 210 -44.78 21.71 20.69
C VAL A 210 -45.87 21.78 19.62
N MET A 211 -47.12 21.98 20.04
CA MET A 211 -48.29 21.77 19.21
C MET A 211 -49.10 23.06 19.08
N CYS A 212 -49.42 23.45 17.86
CA CYS A 212 -50.28 24.60 17.65
C CYS A 212 -51.74 24.13 17.74
N VAL A 213 -52.39 24.40 18.88
CA VAL A 213 -53.78 23.98 19.02
C VAL A 213 -54.77 24.93 18.38
N ASP A 214 -54.30 25.98 17.68
CA ASP A 214 -55.21 26.77 16.86
C ASP A 214 -55.62 26.02 15.59
N ASP A 215 -54.85 25.01 15.20
CA ASP A 215 -55.18 24.13 14.09
C ASP A 215 -56.07 23.01 14.60
N PRO A 216 -57.25 22.80 14.01
CA PRO A 216 -58.18 21.82 14.58
C PRO A 216 -57.72 20.40 14.43
N VAL A 217 -56.84 20.13 13.46
CA VAL A 217 -56.34 18.78 13.30
C VAL A 217 -55.24 18.49 14.32
N VAL A 218 -54.34 19.44 14.56
CA VAL A 218 -53.40 19.31 15.67
C VAL A 218 -54.16 19.05 16.95
N ARG A 219 -55.23 19.80 17.19
CA ARG A 219 -55.98 19.61 18.43
C ARG A 219 -56.64 18.24 18.47
N GLU A 220 -57.01 17.69 17.31
CA GLU A 220 -57.67 16.40 17.26
C GLU A 220 -56.74 15.26 17.65
N ILE A 221 -55.46 15.34 17.26
CA ILE A 221 -54.54 14.23 17.55
C ILE A 221 -53.82 14.40 18.88
N LEU A 222 -53.94 15.57 19.52
CA LEU A 222 -53.31 15.84 20.80
C LEU A 222 -53.49 14.71 21.83
N PRO A 223 -54.68 14.15 22.05
CA PRO A 223 -54.80 13.10 23.08
C PRO A 223 -54.10 11.79 22.73
N GLN A 224 -53.59 11.63 21.50
CA GLN A 224 -52.83 10.43 21.17
C GLN A 224 -51.34 10.60 21.41
N ILE A 225 -50.88 11.81 21.70
CA ILE A 225 -49.45 12.05 21.86
C ILE A 225 -49.07 11.62 23.26
N ALA A 226 -48.34 10.53 23.37
CA ALA A 226 -47.95 10.06 24.69
C ALA A 226 -46.53 10.54 25.01
N ARG A 227 -46.30 11.84 24.83
CA ARG A 227 -45.03 12.51 25.01
C ARG A 227 -45.29 13.85 25.68
N PRO A 228 -44.35 14.36 26.47
CA PRO A 228 -44.53 15.70 27.07
C PRO A 228 -44.87 16.72 25.98
N THR A 229 -45.86 17.55 26.26
CA THR A 229 -46.48 18.40 25.26
C THR A 229 -46.70 19.79 25.82
N VAL A 230 -46.37 20.81 25.04
CA VAL A 230 -46.74 22.19 25.34
C VAL A 230 -47.54 22.72 24.15
N THR A 231 -48.71 23.25 24.43
CA THR A 231 -49.55 23.80 23.37
C THR A 231 -49.38 25.29 23.30
N TYR A 232 -49.53 25.84 22.10
CA TYR A 232 -49.49 27.27 21.91
C TYR A 232 -50.53 27.66 20.87
N GLY A 233 -50.91 28.92 20.91
CA GLY A 233 -51.83 29.47 19.94
C GLY A 233 -52.47 30.73 20.48
N LEU A 234 -53.35 31.29 19.65
CA LEU A 234 -54.25 32.33 20.11
C LEU A 234 -55.41 31.79 20.93
N SER A 235 -55.68 30.48 20.85
CA SER A 235 -56.78 29.89 21.62
C SER A 235 -56.61 30.21 23.11
N GLU A 236 -57.72 30.46 23.79
CA GLU A 236 -57.68 30.84 25.20
C GLU A 236 -57.17 29.73 26.09
N ASP A 237 -57.22 28.48 25.62
CA ASP A 237 -56.81 27.34 26.43
C ASP A 237 -55.43 26.82 26.06
N ALA A 238 -54.67 27.57 25.28
CA ALA A 238 -53.30 27.17 24.98
C ALA A 238 -52.40 27.45 26.19
N ASP A 239 -51.38 26.60 26.38
CA ASP A 239 -50.41 26.83 27.44
C ASP A 239 -49.68 28.16 27.25
N VAL A 240 -49.20 28.40 26.03
CA VAL A 240 -48.46 29.61 25.69
C VAL A 240 -49.30 30.36 24.66
N ARG A 241 -49.77 31.55 25.03
CA ARG A 241 -50.74 32.34 24.27
C ARG A 241 -50.21 33.73 23.96
N ALA A 242 -50.76 34.32 22.91
CA ALA A 242 -50.53 35.71 22.57
C ALA A 242 -51.80 36.50 22.81
N ILE A 243 -51.66 37.68 23.43
CA ILE A 243 -52.78 38.59 23.66
C ILE A 243 -52.33 40.01 23.34
N ASN A 244 -53.31 40.92 23.28
CA ASN A 244 -53.07 42.35 23.03
C ASN A 244 -52.18 42.56 21.81
N ILE A 245 -52.53 41.91 20.71
CA ILE A 245 -51.79 42.07 19.47
C ILE A 245 -52.06 43.47 18.91
N ARG A 246 -50.99 44.15 18.50
CA ARG A 246 -51.13 45.48 17.95
CA ARG A 246 -51.05 45.53 18.05
C ARG A 246 -50.01 45.72 16.96
N GLN A 247 -50.02 46.89 16.35
CA GLN A 247 -49.04 47.20 15.31
C GLN A 247 -48.41 48.57 15.55
N GLU A 248 -47.16 48.69 15.09
CA GLU A 248 -46.42 49.96 14.97
C GLU A 248 -45.57 49.82 13.70
N GLY A 249 -46.12 50.23 12.57
CA GLY A 249 -45.45 50.07 11.29
C GLY A 249 -45.59 48.67 10.71
N MET A 250 -44.49 48.13 10.17
CA MET A 250 -44.44 46.73 9.76
C MET A 250 -44.10 45.81 10.91
N ARG A 251 -44.07 46.34 12.13
CA ARG A 251 -43.75 45.59 13.33
C ARG A 251 -45.03 45.22 14.07
N THR A 252 -45.13 43.96 14.45
CA THR A 252 -46.26 43.48 15.24
C THR A 252 -45.83 43.28 16.69
N TRP A 253 -46.58 43.86 17.61
CA TRP A 253 -46.35 43.72 19.04
C TRP A 253 -47.39 42.80 19.65
N PHE A 254 -46.99 42.04 20.67
CA PHE A 254 -47.97 41.31 21.47
C PHE A 254 -47.35 40.86 22.79
N THR A 255 -48.22 40.47 23.71
CA THR A 255 -47.83 39.96 25.02
C THR A 255 -47.99 38.44 25.02
N VAL A 256 -46.93 37.72 25.41
CA VAL A 256 -46.96 36.26 25.47
C VAL A 256 -47.15 35.83 26.92
N LEU A 257 -48.11 34.94 27.14
CA LEU A 257 -48.42 34.39 28.44
C LEU A 257 -47.85 32.99 28.52
N ARG A 258 -47.17 32.68 29.61
CA ARG A 258 -46.52 31.39 29.77
C ARG A 258 -46.83 30.86 31.16
N PRO A 259 -46.94 29.54 31.32
CA PRO A 259 -47.18 28.99 32.67
C PRO A 259 -46.05 29.36 33.61
N GLU A 260 -46.41 29.77 34.83
CA GLU A 260 -45.48 30.10 35.91
C GLU A 260 -44.49 31.21 35.54
N ARG A 261 -44.82 32.06 34.56
CA ARG A 261 -43.98 33.19 34.20
C ARG A 261 -44.84 34.46 34.12
N GLU A 262 -44.18 35.60 34.24
CA GLU A 262 -44.88 36.87 34.10
C GLU A 262 -45.11 37.18 32.62
N PRO A 263 -46.15 37.96 32.30
CA PRO A 263 -46.40 38.34 30.90
C PRO A 263 -45.18 39.02 30.29
N LEU A 264 -44.86 38.65 29.06
CA LEU A 264 -43.67 39.14 28.37
C LEU A 264 -44.09 39.83 27.08
N ASP A 265 -43.66 41.08 26.92
CA ASP A 265 -43.93 41.85 25.72
C ASP A 265 -42.83 41.59 24.70
N VAL A 266 -43.24 41.15 23.51
CA VAL A 266 -42.31 40.88 22.42
C VAL A 266 -42.82 41.63 21.20
N SER A 267 -41.99 41.65 20.16
CA SER A 267 -42.40 42.19 18.88
C SER A 267 -41.63 41.44 17.80
N VAL A 268 -42.25 41.32 16.64
CA VAL A 268 -41.65 40.65 15.51
C VAL A 268 -41.81 41.57 14.30
N ASN A 269 -40.86 41.51 13.38
CA ASN A 269 -40.80 42.45 12.27
C ASN A 269 -41.43 41.88 11.01
N MET A 270 -42.55 41.17 11.14
CA MET A 270 -43.27 40.57 10.03
C MET A 270 -44.74 40.57 10.38
N PRO A 271 -45.63 40.76 9.40
CA PRO A 271 -47.05 40.92 9.72
C PRO A 271 -47.81 39.59 9.71
N GLY A 272 -49.03 39.66 10.23
CA GLY A 272 -49.97 38.55 10.16
C GLY A 272 -49.93 37.66 11.39
N LEU A 273 -51.08 37.06 11.70
CA LEU A 273 -51.14 36.15 12.84
C LEU A 273 -50.27 34.92 12.67
N HIS A 274 -49.94 34.53 11.43
CA HIS A 274 -49.09 33.36 11.28
C HIS A 274 -47.69 33.64 11.82
N ASN A 275 -47.20 34.87 11.66
CA ASN A 275 -45.90 35.17 12.24
C ASN A 275 -45.99 35.39 13.74
N VAL A 276 -47.17 35.76 14.26
CA VAL A 276 -47.38 35.68 15.72
C VAL A 276 -47.26 34.23 16.18
N LEU A 277 -47.92 33.31 15.46
CA LEU A 277 -47.87 31.89 15.83
C LEU A 277 -46.45 31.31 15.71
N ASN A 278 -45.69 31.69 14.66
CA ASN A 278 -44.30 31.28 14.55
C ASN A 278 -43.50 31.74 15.77
N SER A 279 -43.80 32.95 16.28
CA SER A 279 -43.08 33.46 17.44
C SER A 279 -43.44 32.66 18.68
N LEU A 280 -44.72 32.30 18.82
CA LEU A 280 -45.13 31.52 19.99
C LEU A 280 -44.42 30.18 20.03
N ALA A 281 -44.34 29.51 18.87
CA ALA A 281 -43.64 28.23 18.81
C ALA A 281 -42.19 28.39 19.23
N THR A 282 -41.54 29.43 18.70
CA THR A 282 -40.17 29.76 19.08
C THR A 282 -40.07 30.02 20.58
N ILE A 283 -40.97 30.87 21.10
CA ILE A 283 -40.96 31.21 22.52
C ILE A 283 -41.08 29.95 23.38
N VAL A 284 -41.92 29.00 22.97
CA VAL A 284 -42.08 27.77 23.74
C VAL A 284 -40.78 26.98 23.76
N ILE A 285 -40.10 26.88 22.62
CA ILE A 285 -38.88 26.07 22.56
C ILE A 285 -37.76 26.73 23.34
N ALA A 286 -37.61 28.05 23.17
CA ALA A 286 -36.55 28.76 23.86
C ALA A 286 -36.77 28.71 25.36
N THR A 287 -38.03 28.88 25.79
CA THR A 287 -38.32 28.87 27.23
C THR A 287 -37.97 27.51 27.84
N ASP A 288 -38.45 26.42 27.22
CA ASP A 288 -38.14 25.07 27.70
C ASP A 288 -36.63 24.83 27.76
N GLU A 289 -35.88 25.42 26.82
CA GLU A 289 -34.45 25.25 26.76
C GLU A 289 -33.71 26.12 27.78
N GLY A 290 -34.40 27.05 28.43
CA GLY A 290 -33.77 27.88 29.42
C GLY A 290 -33.14 29.15 28.89
N ILE A 291 -33.45 29.55 27.65
CA ILE A 291 -32.91 30.80 27.12
C ILE A 291 -33.58 31.99 27.81
N SER A 292 -32.84 33.09 27.92
CA SER A 292 -33.29 34.23 28.70
C SER A 292 -34.37 35.03 27.96
N ASP A 293 -35.16 35.77 28.74
CA ASP A 293 -36.14 36.69 28.16
C ASP A 293 -35.47 37.69 27.21
N GLU A 294 -34.27 38.16 27.56
CA GLU A 294 -33.58 39.15 26.73
CA GLU A 294 -33.61 39.16 26.72
C GLU A 294 -33.23 38.58 25.37
N ALA A 295 -32.78 37.32 25.34
CA ALA A 295 -32.38 36.75 24.05
C ALA A 295 -33.61 36.36 23.23
N ILE A 296 -34.71 36.01 23.89
CA ILE A 296 -35.95 35.78 23.16
C ILE A 296 -36.40 37.08 22.48
N VAL A 297 -36.41 38.17 23.25
CA VAL A 297 -36.84 39.46 22.72
C VAL A 297 -35.90 39.91 21.61
N GLN A 298 -34.59 39.76 21.83
CA GLN A 298 -33.63 40.22 20.83
C GLN A 298 -33.69 39.38 19.56
N GLY A 299 -33.83 38.06 19.69
CA GLY A 299 -33.87 37.21 18.52
C GLY A 299 -35.11 37.44 17.67
N LEU A 300 -36.26 37.63 18.32
CA LEU A 300 -37.50 37.83 17.59
C LEU A 300 -37.51 39.17 16.85
N SER A 301 -36.98 40.23 17.49
CA SER A 301 -37.15 41.56 16.94
C SER A 301 -36.09 41.89 15.89
N GLY A 302 -34.87 41.41 16.08
CA GLY A 302 -33.81 41.65 15.13
C GLY A 302 -33.82 40.66 13.99
N PHE A 303 -34.97 40.04 13.73
CA PHE A 303 -35.12 39.06 12.66
C PHE A 303 -35.71 39.75 11.43
N GLN A 304 -34.93 39.80 10.34
CA GLN A 304 -35.33 40.50 9.13
C GLN A 304 -36.36 39.70 8.33
N HIS B 1 37.59 -14.98 -31.77
CA HIS B 1 38.24 -16.22 -31.34
C HIS B 1 37.20 -17.31 -31.06
N ARG B 2 37.27 -18.41 -31.81
CA ARG B 2 36.20 -19.42 -31.81
C ARG B 2 36.62 -20.79 -31.33
N ARG B 3 37.89 -21.19 -31.48
CA ARG B 3 38.33 -22.53 -31.10
C ARG B 3 39.34 -22.46 -29.94
N ILE B 4 39.00 -23.12 -28.84
CA ILE B 4 39.82 -23.17 -27.64
C ILE B 4 40.39 -24.58 -27.50
N HIS B 5 41.71 -24.66 -27.30
CA HIS B 5 42.44 -25.93 -27.21
C HIS B 5 42.95 -26.13 -25.79
N PHE B 6 42.56 -27.25 -25.16
CA PHE B 6 42.95 -27.59 -23.79
C PHE B 6 44.12 -28.57 -23.81
N VAL B 7 45.25 -28.18 -23.23
CA VAL B 7 46.39 -29.07 -23.07
C VAL B 7 46.22 -29.82 -21.75
N GLY B 8 45.84 -31.08 -21.82
CA GLY B 8 45.53 -31.86 -20.64
C GLY B 8 44.04 -31.89 -20.35
N ILE B 9 43.22 -32.08 -21.38
CA ILE B 9 41.80 -31.81 -21.28
C ILE B 9 41.08 -32.79 -20.35
N GLY B 10 41.66 -33.96 -20.11
CA GLY B 10 41.03 -34.88 -19.19
C GLY B 10 41.23 -34.56 -17.72
N GLY B 11 42.15 -33.64 -17.42
CA GLY B 11 42.44 -33.30 -16.04
C GLY B 11 41.23 -32.78 -15.28
N ALA B 12 41.32 -32.85 -13.96
CA ALA B 12 40.15 -32.73 -13.09
C ALA B 12 39.52 -31.34 -13.18
N GLY B 13 40.32 -30.30 -13.34
CA GLY B 13 39.79 -28.96 -13.46
C GLY B 13 39.60 -28.45 -14.87
N MET B 14 40.01 -29.20 -15.89
CA MET B 14 39.97 -28.75 -17.27
C MET B 14 38.71 -29.21 -18.01
N CYS B 15 38.21 -30.40 -17.69
CA CYS B 15 37.11 -30.97 -18.45
C CYS B 15 35.82 -30.18 -18.28
N GLY B 16 35.50 -29.78 -17.04
CA GLY B 16 34.31 -28.96 -16.83
C GLY B 16 34.34 -27.64 -17.57
N ILE B 17 35.51 -26.99 -17.62
CA ILE B 17 35.61 -25.75 -18.38
C ILE B 17 35.34 -26.00 -19.85
N ALA B 18 35.92 -27.09 -20.36
CA ALA B 18 35.72 -27.39 -21.77
C ALA B 18 34.25 -27.65 -22.06
N GLU B 19 33.57 -28.30 -21.12
CA GLU B 19 32.17 -28.64 -21.31
C GLU B 19 31.31 -27.38 -21.34
N VAL B 20 31.54 -26.46 -20.40
CA VAL B 20 30.83 -25.19 -20.42
C VAL B 20 31.08 -24.43 -21.72
N LEU B 21 32.34 -24.41 -22.19
CA LEU B 21 32.62 -23.71 -23.44
C LEU B 21 31.91 -24.37 -24.61
N LEU B 22 31.71 -25.68 -24.56
CA LEU B 22 30.93 -26.34 -25.60
C LEU B 22 29.48 -25.91 -25.50
N ASN B 23 28.96 -25.83 -24.27
CA ASN B 23 27.60 -25.36 -24.08
C ASN B 23 27.41 -23.96 -24.62
N LEU B 24 28.45 -23.13 -24.55
CA LEU B 24 28.35 -21.75 -25.05
C LEU B 24 28.50 -21.64 -26.55
N GLY B 25 28.76 -22.74 -27.26
CA GLY B 25 28.85 -22.70 -28.71
C GLY B 25 30.24 -22.54 -29.29
N TYR B 26 31.29 -22.59 -28.48
CA TYR B 26 32.63 -22.55 -29.02
C TYR B 26 33.03 -23.91 -29.59
N GLU B 27 33.99 -23.87 -30.53
CA GLU B 27 34.72 -25.07 -30.92
C GLU B 27 35.77 -25.34 -29.86
N VAL B 28 35.77 -26.57 -29.33
CA VAL B 28 36.68 -26.97 -28.27
C VAL B 28 37.46 -28.17 -28.73
N SER B 29 38.78 -28.12 -28.54
CA SER B 29 39.64 -29.27 -28.78
C SER B 29 40.53 -29.44 -27.56
N GLY B 30 41.11 -30.63 -27.44
CA GLY B 30 41.97 -30.89 -26.30
C GLY B 30 42.82 -32.11 -26.52
N SER B 31 43.97 -32.16 -25.84
CA SER B 31 44.85 -33.30 -25.87
C SER B 31 44.95 -33.91 -24.47
N ASP B 32 45.18 -35.22 -24.42
CA ASP B 32 45.53 -35.86 -23.16
C ASP B 32 46.38 -37.08 -23.48
N LEU B 33 47.08 -37.58 -22.45
CA LEU B 33 47.95 -38.72 -22.67
C LEU B 33 47.18 -40.03 -22.77
N LYS B 34 46.04 -40.13 -22.08
CA LYS B 34 45.25 -41.35 -22.08
C LYS B 34 43.80 -40.99 -22.39
N ALA B 35 43.19 -41.73 -23.31
CA ALA B 35 41.75 -41.62 -23.50
C ALA B 35 41.03 -42.08 -22.23
N SER B 36 39.87 -41.50 -21.99
CA SER B 36 39.18 -41.63 -20.71
C SER B 36 37.69 -41.46 -20.95
N ALA B 37 36.89 -41.97 -20.00
CA ALA B 37 35.45 -41.71 -20.05
C ALA B 37 35.16 -40.22 -19.97
N VAL B 38 36.08 -39.42 -19.42
CA VAL B 38 35.91 -37.97 -19.42
C VAL B 38 36.17 -37.40 -20.81
N THR B 39 37.15 -37.94 -21.52
CA THR B 39 37.35 -37.48 -22.90
C THR B 39 36.25 -38.00 -23.83
N GLU B 40 35.71 -39.19 -23.55
CA GLU B 40 34.64 -39.69 -24.39
C GLU B 40 33.38 -38.86 -24.21
N ARG B 41 33.06 -38.44 -22.98
CA ARG B 41 31.90 -37.60 -22.78
C ARG B 41 32.08 -36.25 -23.46
N LEU B 42 33.29 -35.69 -23.39
CA LEU B 42 33.55 -34.45 -24.12
C LEU B 42 33.42 -34.66 -25.62
N GLU B 43 33.85 -35.81 -26.12
CA GLU B 43 33.74 -36.05 -27.57
C GLU B 43 32.29 -36.19 -27.98
N LYS B 44 31.49 -36.91 -27.18
CA LYS B 44 30.06 -37.02 -27.42
C LYS B 44 29.39 -35.64 -27.46
N PHE B 45 29.94 -34.66 -26.76
CA PHE B 45 29.41 -33.31 -26.74
C PHE B 45 30.03 -32.40 -27.80
N GLY B 46 30.98 -32.88 -28.60
CA GLY B 46 31.49 -32.15 -29.74
C GLY B 46 32.95 -31.72 -29.67
N ALA B 47 33.67 -32.03 -28.59
CA ALA B 47 35.09 -31.72 -28.54
C ALA B 47 35.87 -32.67 -29.45
N GLN B 48 36.91 -32.13 -30.10
CA GLN B 48 37.84 -32.97 -30.83
C GLN B 48 38.98 -33.32 -29.89
N ILE B 49 39.20 -34.62 -29.68
CA ILE B 49 40.14 -35.13 -28.69
C ILE B 49 41.38 -35.65 -29.41
N PHE B 50 42.56 -35.28 -28.91
CA PHE B 50 43.81 -35.85 -29.37
C PHE B 50 44.46 -36.64 -28.25
N ILE B 51 44.96 -37.82 -28.56
CA ILE B 51 45.72 -38.63 -27.61
C ILE B 51 47.20 -38.42 -27.88
N GLY B 52 47.94 -38.06 -26.84
CA GLY B 52 49.35 -37.73 -27.02
C GLY B 52 49.53 -36.26 -27.38
N HIS B 53 50.70 -35.71 -27.06
CA HIS B 53 50.98 -34.31 -27.31
C HIS B 53 51.86 -34.17 -28.54
N GLN B 54 51.44 -33.34 -29.48
CA GLN B 54 52.25 -33.01 -30.64
C GLN B 54 51.80 -31.66 -31.17
N ALA B 55 52.73 -30.95 -31.81
CA ALA B 55 52.53 -29.56 -32.18
C ALA B 55 51.28 -29.39 -33.04
N GLU B 56 51.04 -30.32 -33.96
CA GLU B 56 49.88 -30.25 -34.85
C GLU B 56 48.56 -30.20 -34.10
N ASN B 57 48.49 -30.70 -32.85
CA ASN B 57 47.22 -30.69 -32.12
C ASN B 57 46.71 -29.27 -31.91
N ALA B 58 47.60 -28.29 -31.85
CA ALA B 58 47.23 -26.91 -31.58
C ALA B 58 46.84 -26.13 -32.83
N ASP B 59 46.90 -26.75 -34.00
CA ASP B 59 46.59 -26.05 -35.24
C ASP B 59 45.13 -25.61 -35.24
N GLY B 60 44.90 -24.39 -35.72
CA GLY B 60 43.57 -23.81 -35.73
C GLY B 60 43.11 -23.16 -34.45
N ALA B 61 43.73 -23.47 -33.31
CA ALA B 61 43.27 -22.93 -32.04
C ALA B 61 43.43 -21.42 -32.00
N ASP B 62 42.47 -20.74 -31.40
CA ASP B 62 42.62 -19.31 -31.20
C ASP B 62 43.17 -18.98 -29.83
N VAL B 63 43.06 -19.92 -28.90
CA VAL B 63 43.61 -19.77 -27.56
C VAL B 63 43.92 -21.17 -27.03
N LEU B 64 45.00 -21.28 -26.27
CA LEU B 64 45.35 -22.51 -25.56
C LEU B 64 45.09 -22.35 -24.08
N VAL B 65 44.62 -23.43 -23.45
CA VAL B 65 44.40 -23.48 -22.02
C VAL B 65 45.29 -24.58 -21.45
N VAL B 66 46.06 -24.25 -20.41
CA VAL B 66 46.96 -25.20 -19.76
C VAL B 66 46.58 -25.30 -18.29
N SER B 67 46.71 -26.51 -17.72
CA SER B 67 46.21 -26.74 -16.37
C SER B 67 47.12 -26.10 -15.32
N SER B 68 48.44 -26.22 -15.51
CA SER B 68 49.37 -25.65 -14.55
C SER B 68 49.96 -24.37 -15.12
N ALA B 69 51.26 -24.14 -14.89
CA ALA B 69 51.95 -23.03 -15.50
C ALA B 69 52.33 -23.39 -16.95
N ILE B 70 52.88 -22.41 -17.66
CA ILE B 70 53.26 -22.63 -19.05
C ILE B 70 54.43 -23.59 -19.09
N ASN B 71 54.22 -24.74 -19.73
CA ASN B 71 55.18 -25.84 -19.81
C ASN B 71 55.81 -25.79 -21.19
N ARG B 72 56.86 -24.97 -21.32
CA ARG B 72 57.53 -24.78 -22.62
C ARG B 72 57.96 -26.11 -23.24
N ALA B 73 58.22 -27.13 -22.42
CA ALA B 73 58.63 -28.42 -22.96
C ALA B 73 57.53 -29.04 -23.82
N ASN B 74 56.28 -28.96 -23.37
CA ASN B 74 55.17 -29.53 -24.11
C ASN B 74 55.13 -28.91 -25.51
N PRO B 75 55.01 -29.72 -26.57
CA PRO B 75 55.13 -29.15 -27.93
C PRO B 75 53.93 -28.33 -28.37
N GLU B 76 52.72 -28.67 -27.91
CA GLU B 76 51.55 -27.84 -28.21
C GLU B 76 51.74 -26.44 -27.71
N VAL B 77 52.17 -26.29 -26.46
CA VAL B 77 52.40 -24.97 -25.87
C VAL B 77 53.44 -24.21 -26.67
N ALA B 78 54.59 -24.85 -26.92
CA ALA B 78 55.66 -24.16 -27.63
C ALA B 78 55.21 -23.75 -29.02
N SER B 79 54.40 -24.57 -29.69
CA SER B 79 53.96 -24.22 -31.03
C SER B 79 53.03 -23.01 -31.01
N ALA B 80 52.21 -22.91 -29.96
CA ALA B 80 51.33 -21.74 -29.83
C ALA B 80 52.14 -20.48 -29.58
N LEU B 81 53.12 -20.55 -28.65
CA LEU B 81 53.92 -19.38 -28.34
C LEU B 81 54.63 -18.84 -29.58
N GLU B 82 55.17 -19.73 -30.40
CA GLU B 82 55.88 -19.32 -31.61
C GLU B 82 54.94 -18.69 -32.63
N ARG B 83 53.64 -18.96 -32.55
CA ARG B 83 52.67 -18.34 -33.45
C ARG B 83 51.87 -17.24 -32.78
N ARG B 84 52.35 -16.74 -31.64
CA ARG B 84 51.73 -15.67 -30.87
C ARG B 84 50.23 -15.91 -30.63
N ILE B 85 49.90 -17.17 -30.34
CA ILE B 85 48.56 -17.54 -29.92
C ILE B 85 48.52 -17.50 -28.40
N PRO B 86 47.55 -16.82 -27.79
CA PRO B 86 47.55 -16.72 -26.32
C PRO B 86 47.40 -18.08 -25.67
N VAL B 87 48.06 -18.21 -24.52
CA VAL B 87 48.04 -19.38 -23.65
C VAL B 87 47.60 -18.87 -22.28
N VAL B 88 46.37 -19.18 -21.88
CA VAL B 88 45.84 -18.66 -20.63
C VAL B 88 45.81 -19.80 -19.62
N PRO B 89 46.07 -19.52 -18.34
CA PRO B 89 45.96 -20.58 -17.34
C PRO B 89 44.51 -20.97 -17.11
N ARG B 90 44.34 -22.21 -16.64
CA ARG B 90 43.03 -22.77 -16.33
C ARG B 90 42.19 -21.81 -15.49
N ALA B 91 42.78 -21.23 -14.45
CA ALA B 91 41.99 -20.42 -13.52
C ALA B 91 41.43 -19.17 -14.18
N GLU B 92 42.12 -18.63 -15.18
CA GLU B 92 41.60 -17.45 -15.84
C GLU B 92 40.45 -17.79 -16.76
N MET B 93 40.55 -18.94 -17.44
CA MET B 93 39.44 -19.38 -18.29
C MET B 93 38.23 -19.70 -17.42
N LEU B 94 38.46 -20.34 -16.29
CA LEU B 94 37.39 -20.64 -15.36
C LEU B 94 36.71 -19.37 -14.89
N ALA B 95 37.48 -18.34 -14.60
CA ALA B 95 36.88 -17.10 -14.12
C ALA B 95 36.09 -16.39 -15.23
N GLU B 96 36.47 -16.57 -16.50
CA GLU B 96 35.77 -15.85 -17.57
C GLU B 96 34.40 -16.41 -17.87
N LEU B 97 34.11 -17.64 -17.44
CA LEU B 97 32.80 -18.23 -17.70
C LEU B 97 31.69 -17.36 -17.12
N MET B 98 31.98 -16.64 -16.03
CA MET B 98 30.97 -15.80 -15.41
C MET B 98 30.43 -14.72 -16.33
N ARG B 99 31.23 -14.28 -17.31
CA ARG B 99 30.77 -13.26 -18.25
C ARG B 99 29.59 -13.73 -19.08
N TYR B 100 29.34 -15.05 -19.15
CA TYR B 100 28.28 -15.57 -20.01
C TYR B 100 27.01 -15.89 -19.24
N ARG B 101 27.03 -15.72 -17.92
CA ARG B 101 25.97 -16.24 -17.07
C ARG B 101 25.65 -15.22 -16.00
N HIS B 102 24.61 -15.51 -15.24
CA HIS B 102 24.28 -14.70 -14.06
C HIS B 102 25.18 -15.20 -12.93
N GLY B 103 26.32 -14.54 -12.75
CA GLY B 103 27.36 -15.05 -11.89
C GLY B 103 27.17 -14.63 -10.44
N ILE B 104 27.31 -15.58 -9.55
CA ILE B 104 27.27 -15.35 -8.11
C ILE B 104 28.63 -15.78 -7.56
N ALA B 105 29.43 -14.81 -7.12
CA ALA B 105 30.77 -15.06 -6.61
C ALA B 105 30.75 -15.05 -5.09
N VAL B 106 31.13 -16.16 -4.48
CA VAL B 106 31.16 -16.32 -3.03
C VAL B 106 32.60 -16.11 -2.60
N ALA B 107 32.90 -14.93 -2.06
CA ALA B 107 34.23 -14.62 -1.57
C ALA B 107 34.25 -14.65 -0.04
N GLY B 108 35.45 -14.59 0.50
CA GLY B 108 35.66 -14.67 1.92
C GLY B 108 36.70 -15.72 2.21
N THR B 109 37.51 -15.52 3.25
CA THR B 109 38.60 -16.44 3.52
C THR B 109 38.08 -17.80 3.94
N HIS B 110 37.00 -17.84 4.71
CA HIS B 110 36.47 -19.07 5.28
C HIS B 110 34.99 -19.21 4.97
N GLY B 111 34.56 -20.44 4.67
CA GLY B 111 33.17 -20.72 4.39
C GLY B 111 32.73 -20.57 2.95
N LYS B 112 33.65 -20.29 2.02
CA LYS B 112 33.29 -20.22 0.61
C LYS B 112 32.64 -21.52 0.16
N THR B 113 33.22 -22.64 0.55
CA THR B 113 32.80 -23.93 0.01
C THR B 113 31.42 -24.32 0.48
N THR B 114 31.15 -24.16 1.77
CA THR B 114 29.82 -24.51 2.27
C THR B 114 28.78 -23.53 1.74
N THR B 115 29.11 -22.24 1.71
CA THR B 115 28.13 -21.25 1.25
C THR B 115 27.83 -21.43 -0.23
N THR B 116 28.85 -21.73 -1.05
CA THR B 116 28.58 -22.00 -2.47
C THR B 116 27.64 -23.19 -2.63
N SER B 117 27.88 -24.25 -1.85
CA SER B 117 27.05 -25.44 -1.93
C SER B 117 25.63 -25.15 -1.47
N LEU B 118 25.47 -24.34 -0.41
CA LEU B 118 24.13 -24.03 0.08
C LEU B 118 23.35 -23.24 -0.93
N ILE B 119 24.01 -22.26 -1.55
CA ILE B 119 23.37 -21.50 -2.61
C ILE B 119 22.93 -22.42 -3.73
N ALA B 120 23.83 -23.28 -4.18
CA ALA B 120 23.47 -24.23 -5.24
C ALA B 120 22.29 -25.09 -4.81
N SER B 121 22.28 -25.52 -3.55
CA SER B 121 21.21 -26.42 -3.11
C SER B 121 19.87 -25.70 -3.08
N VAL B 122 19.86 -24.41 -2.71
CA VAL B 122 18.60 -23.67 -2.67
C VAL B 122 18.12 -23.38 -4.09
N PHE B 123 19.01 -22.87 -4.95
CA PHE B 123 18.66 -22.66 -6.34
C PHE B 123 18.19 -23.95 -7.01
N ALA B 124 18.82 -25.08 -6.72
CA ALA B 124 18.32 -26.35 -7.26
C ALA B 124 16.92 -26.64 -6.74
N ALA B 125 16.67 -26.37 -5.46
CA ALA B 125 15.34 -26.62 -4.94
C ALA B 125 14.30 -25.74 -5.63
N GLY B 126 14.70 -24.58 -6.13
CA GLY B 126 13.79 -23.75 -6.91
C GLY B 126 13.74 -24.10 -8.38
N GLY B 127 14.25 -25.27 -8.77
CA GLY B 127 14.20 -25.70 -10.16
C GLY B 127 15.18 -25.02 -11.10
N LEU B 128 16.23 -24.38 -10.57
CA LEU B 128 17.13 -23.59 -11.40
C LEU B 128 18.41 -24.31 -11.81
N ASP B 129 18.68 -25.50 -11.24
CA ASP B 129 19.76 -26.38 -11.68
C ASP B 129 21.10 -25.68 -11.93
N PRO B 130 21.58 -24.85 -10.99
CA PRO B 130 22.77 -24.04 -11.27
C PRO B 130 24.00 -24.91 -11.50
N THR B 131 24.93 -24.36 -12.26
CA THR B 131 26.30 -24.88 -12.30
C THR B 131 27.10 -24.17 -11.20
N PHE B 132 27.89 -24.94 -10.45
CA PHE B 132 28.64 -24.31 -9.37
C PHE B 132 30.06 -24.85 -9.32
N VAL B 133 30.96 -24.03 -8.75
CA VAL B 133 32.40 -24.28 -8.76
C VAL B 133 32.87 -24.32 -7.32
N ILE B 134 33.40 -25.47 -6.91
CA ILE B 134 34.04 -25.65 -5.61
CA ILE B 134 34.06 -25.61 -5.62
C ILE B 134 35.39 -26.30 -5.84
N GLY B 135 36.44 -25.71 -5.31
CA GLY B 135 37.77 -26.27 -5.44
C GLY B 135 38.24 -26.37 -6.87
N GLY B 136 37.89 -25.38 -7.70
CA GLY B 136 38.29 -25.47 -9.09
C GLY B 136 37.53 -26.47 -9.93
N ARG B 137 36.47 -27.07 -9.42
CA ARG B 137 35.75 -28.14 -10.11
C ARG B 137 34.31 -27.72 -10.36
N LEU B 138 33.91 -27.74 -11.64
CA LEU B 138 32.54 -27.38 -12.01
C LEU B 138 31.59 -28.55 -11.77
N ASN B 139 30.41 -28.22 -11.24
CA ASN B 139 29.40 -29.21 -10.86
C ASN B 139 28.02 -28.68 -11.19
N ALA B 140 27.08 -29.63 -11.24
CA ALA B 140 25.64 -29.36 -11.29
C ALA B 140 24.95 -30.64 -10.85
N ALA B 141 23.73 -30.50 -10.33
CA ALA B 141 23.04 -31.67 -9.79
C ALA B 141 22.66 -32.65 -10.88
N GLY B 142 22.01 -32.17 -11.94
CA GLY B 142 21.59 -33.06 -13.03
C GLY B 142 22.80 -33.56 -13.80
N THR B 143 22.87 -34.88 -13.99
CA THR B 143 24.09 -35.54 -14.45
C THR B 143 24.26 -35.46 -15.97
N ASN B 144 23.18 -35.58 -16.73
CA ASN B 144 23.30 -35.72 -18.17
C ASN B 144 23.29 -34.40 -18.91
N ALA B 145 22.70 -33.35 -18.35
CA ALA B 145 22.74 -32.03 -18.99
C ALA B 145 24.16 -31.47 -18.97
N GLN B 146 24.52 -30.75 -20.03
CA GLN B 146 25.82 -30.12 -20.10
C GLN B 146 25.99 -29.14 -18.96
N LEU B 147 27.21 -29.07 -18.44
CA LEU B 147 27.52 -28.01 -17.48
C LEU B 147 27.36 -26.65 -18.17
N GLY B 148 26.99 -25.64 -17.38
CA GLY B 148 26.73 -24.33 -17.92
C GLY B 148 25.35 -24.11 -18.49
N ALA B 149 24.49 -25.13 -18.48
CA ALA B 149 23.20 -24.97 -19.13
C ALA B 149 22.29 -24.03 -18.33
N SER B 150 22.41 -24.03 -17.02
CA SER B 150 21.66 -23.08 -16.20
C SER B 150 22.04 -21.63 -16.56
N ARG B 151 21.11 -20.71 -16.31
CA ARG B 151 21.43 -19.29 -16.37
C ARG B 151 22.41 -18.89 -15.27
N TYR B 152 22.56 -19.72 -14.25
CA TYR B 152 23.25 -19.34 -13.03
C TYR B 152 24.59 -20.05 -12.94
N LEU B 153 25.63 -19.29 -12.58
CA LEU B 153 26.95 -19.84 -12.28
C LEU B 153 27.34 -19.37 -10.88
N VAL B 154 27.40 -20.29 -9.93
CA VAL B 154 27.78 -19.99 -8.55
C VAL B 154 29.22 -20.46 -8.38
N ALA B 155 30.11 -19.57 -7.96
CA ALA B 155 31.53 -19.91 -7.92
C ALA B 155 32.21 -19.35 -6.68
N GLU B 156 33.03 -20.16 -6.01
CA GLU B 156 33.85 -19.57 -4.97
C GLU B 156 34.89 -18.67 -5.59
N ALA B 157 35.23 -17.61 -4.87
CA ALA B 157 36.16 -16.59 -5.31
C ALA B 157 37.27 -16.53 -4.28
N ASP B 158 38.47 -16.94 -4.68
CA ASP B 158 39.63 -17.03 -3.80
C ASP B 158 40.52 -15.81 -3.98
N GLU B 159 40.82 -15.12 -2.88
CA GLU B 159 41.64 -13.92 -2.95
C GLU B 159 43.13 -14.19 -3.10
N SER B 160 43.55 -15.44 -3.00
CA SER B 160 44.92 -15.78 -3.34
C SER B 160 45.09 -16.02 -4.84
N ASP B 161 43.99 -16.22 -5.55
CA ASP B 161 44.06 -16.60 -6.95
C ASP B 161 44.28 -15.39 -7.84
N ALA B 162 45.11 -15.57 -8.86
CA ALA B 162 45.51 -14.43 -9.68
C ALA B 162 44.34 -13.85 -10.49
N SER B 163 43.24 -14.57 -10.62
CA SER B 163 42.08 -14.11 -11.37
C SER B 163 41.00 -13.45 -10.51
N PHE B 164 41.23 -13.34 -9.19
CA PHE B 164 40.26 -12.76 -8.27
C PHE B 164 39.60 -11.51 -8.83
N LEU B 165 40.41 -10.54 -9.26
CA LEU B 165 39.92 -9.26 -9.75
C LEU B 165 39.45 -9.29 -11.21
N HIS B 166 39.37 -10.46 -11.84
CA HIS B 166 38.82 -10.56 -13.20
C HIS B 166 37.46 -11.25 -13.22
N LEU B 167 36.95 -11.63 -12.06
CA LEU B 167 35.58 -12.05 -11.95
C LEU B 167 34.64 -10.91 -12.32
N GLN B 168 33.60 -11.22 -13.07
CA GLN B 168 32.56 -10.24 -13.42
C GLN B 168 31.21 -10.80 -12.99
N PRO B 169 30.95 -10.84 -11.69
CA PRO B 169 29.70 -11.43 -11.21
C PRO B 169 28.57 -10.40 -11.18
N MET B 170 27.35 -10.93 -11.07
CA MET B 170 26.20 -10.08 -10.81
CA MET B 170 26.15 -10.13 -10.81
C MET B 170 25.92 -9.93 -9.33
N VAL B 171 26.37 -10.87 -8.51
CA VAL B 171 26.18 -10.88 -7.07
C VAL B 171 27.47 -11.36 -6.45
N ALA B 172 27.92 -10.70 -5.39
CA ALA B 172 29.14 -11.10 -4.70
C ALA B 172 28.90 -11.11 -3.20
N VAL B 173 29.31 -12.20 -2.57
CA VAL B 173 29.24 -12.39 -1.13
C VAL B 173 30.63 -12.21 -0.55
N VAL B 174 30.72 -11.58 0.62
CA VAL B 174 31.95 -11.59 1.40
C VAL B 174 31.58 -12.13 2.77
N THR B 175 31.94 -13.39 3.04
CA THR B 175 31.61 -14.01 4.31
C THR B 175 32.49 -13.47 5.44
N ASN B 176 33.78 -13.25 5.16
CA ASN B 176 34.73 -12.77 6.16
C ASN B 176 36.05 -12.46 5.47
N ILE B 177 36.89 -11.67 6.12
CA ILE B 177 38.20 -11.30 5.60
C ILE B 177 39.26 -11.66 6.64
N ASP B 178 40.02 -12.72 6.38
CA ASP B 178 41.09 -13.14 7.27
C ASP B 178 42.44 -12.83 6.62
N ALA B 179 43.51 -12.95 7.40
CA ALA B 179 44.85 -12.61 6.96
C ALA B 179 45.62 -13.81 6.41
N ASP B 180 44.94 -14.92 6.12
CA ASP B 180 45.62 -16.14 5.65
C ASP B 180 46.55 -15.87 4.47
N HIS B 181 46.10 -15.05 3.51
CA HIS B 181 46.78 -14.84 2.24
C HIS B 181 47.39 -13.45 2.12
N MET B 182 47.94 -12.94 3.22
CA MET B 182 48.72 -11.71 3.15
C MET B 182 49.91 -11.85 2.20
N ALA B 183 50.51 -13.04 2.11
CA ALA B 183 51.65 -13.22 1.22
C ALA B 183 51.34 -12.79 -0.21
N THR B 184 50.11 -13.04 -0.67
CA THR B 184 49.74 -12.64 -2.03
C THR B 184 49.79 -11.13 -2.20
N TYR B 185 49.74 -10.39 -1.10
CA TYR B 185 49.66 -8.94 -1.17
C TYR B 185 50.82 -8.31 -0.40
N GLY B 186 52.03 -8.80 -0.66
CA GLY B 186 53.21 -8.24 -0.05
C GLY B 186 53.23 -8.35 1.46
N GLY B 187 52.53 -9.33 2.01
CA GLY B 187 52.47 -9.50 3.46
C GLY B 187 51.81 -8.36 4.19
N ASP B 188 50.82 -7.69 3.59
CA ASP B 188 50.22 -6.50 4.16
C ASP B 188 48.71 -6.64 4.21
N PHE B 189 48.14 -6.66 5.43
CA PHE B 189 46.70 -6.87 5.55
C PHE B 189 45.90 -5.70 4.99
N ASN B 190 46.45 -4.49 5.03
CA ASN B 190 45.73 -3.34 4.51
C ASN B 190 45.56 -3.42 3.00
N LYS B 191 46.59 -3.90 2.29
CA LYS B 191 46.45 -4.13 0.86
C LYS B 191 45.40 -5.20 0.60
N LEU B 192 45.40 -6.26 1.41
CA LEU B 192 44.41 -7.31 1.24
C LEU B 192 43.00 -6.78 1.42
N LYS B 193 42.80 -5.88 2.39
CA LYS B 193 41.49 -5.25 2.55
C LYS B 193 41.10 -4.46 1.30
N LYS B 194 42.05 -3.68 0.75
CA LYS B 194 41.75 -2.88 -0.43
C LYS B 194 41.36 -3.76 -1.62
N THR B 195 41.96 -4.95 -1.71
CA THR B 195 41.62 -5.88 -2.76
C THR B 195 40.18 -6.38 -2.66
N PHE B 196 39.65 -6.52 -1.44
CA PHE B 196 38.22 -6.86 -1.33
C PHE B 196 37.33 -5.69 -1.76
N VAL B 197 37.73 -4.46 -1.46
CA VAL B 197 36.99 -3.32 -1.98
C VAL B 197 36.99 -3.35 -3.51
N GLU B 198 38.19 -3.52 -4.10
CA GLU B 198 38.31 -3.54 -5.56
C GLU B 198 37.52 -4.69 -6.17
N PHE B 199 37.51 -5.84 -5.50
CA PHE B 199 36.72 -6.96 -5.99
C PHE B 199 35.22 -6.63 -6.02
N LEU B 200 34.71 -5.99 -4.97
CA LEU B 200 33.30 -5.60 -4.93
C LEU B 200 32.99 -4.53 -5.96
N HIS B 201 33.97 -3.74 -6.35
CA HIS B 201 33.75 -2.71 -7.35
C HIS B 201 33.72 -3.27 -8.77
N ASN B 202 34.04 -4.55 -8.98
CA ASN B 202 33.78 -5.19 -10.26
C ASN B 202 32.30 -5.50 -10.48
N LEU B 203 31.48 -5.46 -9.43
CA LEU B 203 30.05 -5.52 -9.62
C LEU B 203 29.58 -4.35 -10.49
N PRO B 204 28.60 -4.56 -11.35
CA PRO B 204 27.96 -3.41 -12.03
C PRO B 204 27.07 -2.66 -11.04
N PHE B 205 26.65 -1.46 -11.41
CA PHE B 205 25.80 -0.67 -10.51
C PHE B 205 24.47 -1.36 -10.20
N TYR B 206 23.98 -2.25 -11.07
CA TYR B 206 22.77 -3.02 -10.78
C TYR B 206 23.06 -4.29 -9.99
N GLY B 207 24.32 -4.58 -9.69
CA GLY B 207 24.68 -5.76 -8.95
C GLY B 207 24.30 -5.67 -7.48
N LEU B 208 24.71 -6.69 -6.74
CA LEU B 208 24.41 -6.78 -5.32
C LEU B 208 25.63 -7.28 -4.54
N ALA B 209 26.00 -6.56 -3.49
CA ALA B 209 27.00 -7.02 -2.52
C ALA B 209 26.30 -7.53 -1.26
N VAL B 210 26.60 -8.77 -0.89
CA VAL B 210 26.05 -9.42 0.29
C VAL B 210 27.18 -9.57 1.29
N MET B 211 27.05 -8.89 2.44
CA MET B 211 28.18 -8.53 3.30
C MET B 211 27.92 -9.01 4.71
N CYS B 212 28.81 -9.83 5.25
CA CYS B 212 28.62 -10.31 6.60
C CYS B 212 29.15 -9.26 7.57
N VAL B 213 28.25 -8.53 8.25
CA VAL B 213 28.72 -7.48 9.17
C VAL B 213 29.06 -8.01 10.54
N ASP B 214 28.97 -9.32 10.78
CA ASP B 214 29.53 -9.84 12.02
C ASP B 214 31.05 -9.86 11.99
N ASP B 215 31.62 -9.71 10.80
CA ASP B 215 33.06 -9.63 10.65
C ASP B 215 33.49 -8.17 10.76
N PRO B 216 34.35 -7.82 11.71
CA PRO B 216 34.66 -6.39 11.90
C PRO B 216 35.35 -5.77 10.70
N VAL B 217 36.06 -6.57 9.91
CA VAL B 217 36.78 -6.00 8.77
C VAL B 217 35.83 -5.77 7.59
N VAL B 218 34.87 -6.69 7.41
CA VAL B 218 33.80 -6.44 6.44
C VAL B 218 33.04 -5.18 6.82
N ARG B 219 32.66 -5.08 8.10
CA ARG B 219 31.92 -3.90 8.55
C ARG B 219 32.74 -2.63 8.35
N GLU B 220 34.07 -2.75 8.42
CA GLU B 220 34.95 -1.59 8.28
C GLU B 220 35.00 -1.08 6.85
N ILE B 221 35.03 -1.98 5.86
CA ILE B 221 35.12 -1.50 4.48
C ILE B 221 33.76 -1.15 3.90
N LEU B 222 32.67 -1.47 4.60
CA LEU B 222 31.32 -1.22 4.12
C LEU B 222 31.10 0.19 3.56
N PRO B 223 31.55 1.27 4.20
CA PRO B 223 31.31 2.60 3.61
C PRO B 223 32.02 2.84 2.30
N GLN B 224 32.99 2.03 1.94
CA GLN B 224 33.66 2.22 0.66
C GLN B 224 32.93 1.56 -0.49
N ILE B 225 31.95 0.70 -0.21
CA ILE B 225 31.30 -0.10 -1.25
C ILE B 225 30.27 0.78 -1.94
N ALA B 226 30.55 1.19 -3.16
CA ALA B 226 29.59 2.08 -3.84
C ALA B 226 28.69 1.26 -4.77
N ARG B 227 28.15 0.17 -4.24
CA ARG B 227 27.27 -0.74 -4.94
C ARG B 227 26.11 -1.06 -4.02
N PRO B 228 24.97 -1.50 -4.57
CA PRO B 228 23.86 -1.93 -3.72
C PRO B 228 24.30 -3.06 -2.80
N THR B 229 23.97 -2.93 -1.52
CA THR B 229 24.48 -3.80 -0.47
C THR B 229 23.34 -4.30 0.40
N VAL B 230 23.39 -5.57 0.77
CA VAL B 230 22.51 -6.10 1.81
C VAL B 230 23.40 -6.74 2.85
N THR B 231 23.22 -6.38 4.11
CA THR B 231 24.08 -6.95 5.14
C THR B 231 23.35 -8.06 5.87
N TYR B 232 24.12 -9.03 6.35
CA TYR B 232 23.57 -10.12 7.13
C TYR B 232 24.48 -10.45 8.29
N GLY B 233 23.92 -11.18 9.25
CA GLY B 233 24.72 -11.64 10.38
C GLY B 233 23.83 -11.82 11.60
N LEU B 234 24.49 -12.12 12.71
CA LEU B 234 23.80 -12.14 13.99
C LEU B 234 23.64 -10.75 14.58
N SER B 235 24.36 -9.76 14.06
CA SER B 235 24.28 -8.40 14.58
C SER B 235 22.83 -7.93 14.58
N GLU B 236 22.47 -7.14 15.60
CA GLU B 236 21.12 -6.60 15.65
C GLU B 236 20.87 -5.55 14.57
N ASP B 237 21.92 -4.97 14.00
CA ASP B 237 21.79 -3.92 12.98
C ASP B 237 21.97 -4.45 11.56
N ALA B 238 22.15 -5.76 11.37
CA ALA B 238 22.22 -6.30 10.01
C ALA B 238 20.83 -6.30 9.37
N ASP B 239 20.80 -6.21 8.02
CA ASP B 239 19.53 -6.22 7.29
C ASP B 239 18.82 -7.56 7.40
N VAL B 240 19.55 -8.66 7.30
CA VAL B 240 19.02 -10.01 7.38
C VAL B 240 19.70 -10.70 8.55
N ARG B 241 18.91 -11.12 9.55
CA ARG B 241 19.38 -11.57 10.85
C ARG B 241 18.81 -12.95 11.19
N ALA B 242 19.52 -13.66 12.06
CA ALA B 242 18.99 -14.86 12.70
C ALA B 242 18.72 -14.58 14.17
N ILE B 243 17.58 -15.05 14.67
CA ILE B 243 17.28 -14.99 16.09
C ILE B 243 16.73 -16.35 16.49
N ASN B 244 16.63 -16.55 17.80
CA ASN B 244 16.01 -17.74 18.40
C ASN B 244 16.68 -19.02 17.87
N ILE B 245 18.02 -19.02 17.92
CA ILE B 245 18.76 -20.19 17.48
C ILE B 245 18.60 -21.30 18.52
N ARG B 246 18.27 -22.49 18.05
CA ARG B 246 18.07 -23.61 18.97
CA ARG B 246 17.96 -23.61 18.92
C ARG B 246 18.44 -24.89 18.24
N GLN B 247 18.23 -26.02 18.90
CA GLN B 247 18.70 -27.27 18.31
C GLN B 247 17.79 -28.43 18.67
N GLU B 248 17.74 -29.41 17.76
CA GLU B 248 17.15 -30.73 17.99
C GLU B 248 18.08 -31.71 17.28
N GLY B 249 19.00 -32.32 18.02
CA GLY B 249 19.98 -33.19 17.40
C GLY B 249 21.06 -32.40 16.69
N MET B 250 21.56 -32.96 15.57
CA MET B 250 22.54 -32.25 14.74
C MET B 250 21.91 -31.13 13.91
N ARG B 251 20.61 -30.91 14.08
CA ARG B 251 19.86 -29.94 13.30
C ARG B 251 19.76 -28.63 14.07
N THR B 252 20.05 -27.53 13.40
CA THR B 252 19.98 -26.20 13.98
C THR B 252 18.79 -25.46 13.39
N TRP B 253 17.89 -25.02 14.27
CA TRP B 253 16.74 -24.21 13.87
C TRP B 253 17.00 -22.75 14.19
N PHE B 254 16.47 -21.87 13.36
CA PHE B 254 16.43 -20.46 13.71
C PHE B 254 15.40 -19.73 12.87
N THR B 255 15.11 -18.51 13.28
CA THR B 255 14.20 -17.62 12.59
C THR B 255 15.01 -16.54 11.87
N VAL B 256 14.77 -16.38 10.57
CA VAL B 256 15.47 -15.37 9.76
C VAL B 256 14.54 -14.17 9.55
N LEU B 257 15.04 -12.98 9.88
CA LEU B 257 14.31 -11.72 9.70
C LEU B 257 14.81 -11.00 8.45
N ARG B 258 13.89 -10.59 7.61
CA ARG B 258 14.22 -9.94 6.35
C ARG B 258 13.39 -8.67 6.22
N PRO B 259 13.93 -7.64 5.58
CA PRO B 259 13.15 -6.42 5.36
C PRO B 259 11.88 -6.75 4.58
N GLU B 260 10.77 -6.14 4.98
CA GLU B 260 9.45 -6.28 4.32
C GLU B 260 9.01 -7.73 4.13
N ARG B 261 9.46 -8.67 4.96
CA ARG B 261 8.92 -10.02 4.94
C ARG B 261 8.57 -10.44 6.36
N GLU B 262 7.63 -11.37 6.46
CA GLU B 262 7.34 -12.00 7.73
C GLU B 262 8.54 -12.86 8.16
N PRO B 263 8.71 -13.04 9.47
CA PRO B 263 9.77 -13.95 9.95
C PRO B 263 9.60 -15.35 9.36
N LEU B 264 10.72 -16.01 9.11
CA LEU B 264 10.73 -17.30 8.44
C LEU B 264 11.56 -18.30 9.24
N ASP B 265 10.94 -19.39 9.68
CA ASP B 265 11.65 -20.45 10.37
C ASP B 265 12.37 -21.35 9.37
N VAL B 266 13.67 -21.53 9.56
CA VAL B 266 14.44 -22.44 8.73
C VAL B 266 15.20 -23.37 9.63
N SER B 267 15.71 -24.44 9.04
CA SER B 267 16.60 -25.34 9.76
C SER B 267 17.69 -25.81 8.81
N VAL B 268 18.89 -25.98 9.34
CA VAL B 268 20.02 -26.49 8.59
C VAL B 268 20.56 -27.70 9.35
N ASN B 269 21.14 -28.65 8.60
CA ASN B 269 21.56 -29.93 9.15
C ASN B 269 23.05 -29.95 9.43
N MET B 270 23.58 -28.88 10.00
CA MET B 270 24.98 -28.73 10.34
C MET B 270 25.06 -27.86 11.59
N PRO B 271 26.02 -28.08 12.47
CA PRO B 271 26.11 -27.28 13.69
C PRO B 271 26.96 -26.03 13.53
N GLY B 272 26.77 -25.11 14.45
CA GLY B 272 27.68 -23.99 14.60
C GLY B 272 27.15 -22.71 14.00
N LEU B 273 27.51 -21.58 14.61
CA LEU B 273 27.00 -20.30 14.12
C LEU B 273 27.49 -20.00 12.71
N HIS B 274 28.68 -20.49 12.34
CA HIS B 274 29.13 -20.30 10.97
C HIS B 274 28.16 -20.91 9.95
N ASN B 275 27.50 -22.03 10.27
CA ASN B 275 26.54 -22.54 9.30
C ASN B 275 25.22 -21.78 9.34
N VAL B 276 24.87 -21.18 10.48
CA VAL B 276 23.80 -20.18 10.47
C VAL B 276 24.16 -19.02 9.53
N LEU B 277 25.39 -18.51 9.65
CA LEU B 277 25.80 -17.40 8.77
C LEU B 277 25.83 -17.82 7.30
N ASN B 278 26.37 -19.00 6.98
CA ASN B 278 26.27 -19.49 5.59
C ASN B 278 24.82 -19.52 5.13
N SER B 279 23.90 -19.89 6.00
CA SER B 279 22.50 -19.90 5.59
C SER B 279 21.98 -18.50 5.38
N LEU B 280 22.36 -17.55 6.25
CA LEU B 280 21.88 -16.18 6.07
C LEU B 280 22.33 -15.62 4.72
N ALA B 281 23.60 -15.88 4.35
CA ALA B 281 24.09 -15.37 3.07
C ALA B 281 23.31 -15.99 1.92
N THR B 282 23.00 -17.28 2.02
CA THR B 282 22.20 -17.95 1.00
C THR B 282 20.81 -17.37 0.94
N ILE B 283 20.16 -17.21 2.10
CA ILE B 283 18.83 -16.63 2.16
C ILE B 283 18.80 -15.23 1.55
N VAL B 284 19.87 -14.46 1.73
CA VAL B 284 19.92 -13.13 1.10
C VAL B 284 19.93 -13.27 -0.43
N ILE B 285 20.83 -14.12 -0.95
CA ILE B 285 20.92 -14.31 -2.40
C ILE B 285 19.57 -14.77 -2.95
N ALA B 286 18.97 -15.77 -2.30
CA ALA B 286 17.78 -16.39 -2.84
C ALA B 286 16.59 -15.45 -2.75
N THR B 287 16.50 -14.65 -1.70
CA THR B 287 15.43 -13.67 -1.58
C THR B 287 15.53 -12.62 -2.66
N ASP B 288 16.74 -12.11 -2.88
CA ASP B 288 16.94 -11.09 -3.90
C ASP B 288 16.65 -11.63 -5.28
N GLU B 289 16.87 -12.92 -5.50
CA GLU B 289 16.64 -13.51 -6.81
C GLU B 289 15.17 -13.85 -7.03
N GLY B 290 14.34 -13.78 -6.00
CA GLY B 290 12.92 -14.05 -6.15
C GLY B 290 12.51 -15.48 -5.86
N ILE B 291 13.37 -16.27 -5.26
CA ILE B 291 13.09 -17.68 -4.99
C ILE B 291 12.14 -17.78 -3.81
N SER B 292 11.28 -18.78 -3.83
CA SER B 292 10.19 -18.89 -2.85
C SER B 292 10.72 -19.32 -1.49
N ASP B 293 9.94 -19.02 -0.45
CA ASP B 293 10.24 -19.51 0.90
C ASP B 293 10.35 -21.03 0.92
N GLU B 294 9.42 -21.71 0.24
CA GLU B 294 9.41 -23.17 0.24
CA GLU B 294 9.41 -23.16 0.25
C GLU B 294 10.72 -23.74 -0.30
N ALA B 295 11.22 -23.17 -1.40
CA ALA B 295 12.48 -23.64 -1.95
C ALA B 295 13.64 -23.31 -1.01
N ILE B 296 13.61 -22.14 -0.38
CA ILE B 296 14.65 -21.80 0.59
C ILE B 296 14.64 -22.80 1.73
N VAL B 297 13.46 -23.05 2.31
CA VAL B 297 13.35 -24.02 3.39
C VAL B 297 13.82 -25.40 2.92
N GLN B 298 13.46 -25.79 1.70
CA GLN B 298 13.81 -27.13 1.25
C GLN B 298 15.31 -27.24 0.95
N GLY B 299 15.89 -26.26 0.28
CA GLY B 299 17.31 -26.35 -0.05
C GLY B 299 18.19 -26.34 1.19
N LEU B 300 17.87 -25.48 2.17
CA LEU B 300 18.64 -25.41 3.41
C LEU B 300 18.51 -26.70 4.21
N SER B 301 17.30 -27.25 4.28
CA SER B 301 17.02 -28.37 5.17
C SER B 301 17.61 -29.67 4.65
N GLY B 302 17.43 -29.95 3.37
CA GLY B 302 17.93 -31.15 2.77
C GLY B 302 19.41 -31.16 2.46
N PHE B 303 20.15 -30.13 2.87
CA PHE B 303 21.58 -30.11 2.58
C PHE B 303 22.33 -30.99 3.59
N GLN B 304 23.14 -31.91 3.07
CA GLN B 304 23.90 -32.84 3.91
C GLN B 304 25.24 -32.25 4.35
N HIS C 1 21.51 -21.08 -42.48
CA HIS C 1 21.65 -20.38 -43.75
C HIS C 1 22.14 -18.95 -43.53
N ARG C 2 23.27 -18.58 -44.17
CA ARG C 2 24.00 -17.38 -43.79
C ARG C 2 24.26 -16.38 -44.92
N ARG C 3 24.16 -16.77 -46.19
CA ARG C 3 24.44 -15.87 -47.31
C ARG C 3 23.20 -15.71 -48.20
N ILE C 4 22.71 -14.47 -48.33
CA ILE C 4 21.53 -14.16 -49.12
C ILE C 4 21.98 -13.48 -50.42
N HIS C 5 21.41 -13.93 -51.54
CA HIS C 5 21.74 -13.40 -52.86
C HIS C 5 20.51 -12.75 -53.49
N PHE C 6 20.65 -11.47 -53.85
CA PHE C 6 19.56 -10.68 -54.42
C PHE C 6 19.74 -10.58 -55.93
N VAL C 7 18.74 -11.00 -56.68
CA VAL C 7 18.78 -10.89 -58.14
C VAL C 7 18.12 -9.56 -58.52
N GLY C 8 18.95 -8.60 -58.92
CA GLY C 8 18.48 -7.24 -59.15
C GLY C 8 18.59 -6.42 -57.88
N ILE C 9 19.74 -6.48 -57.23
CA ILE C 9 19.88 -5.92 -55.88
C ILE C 9 19.78 -4.39 -55.87
N GLY C 10 20.02 -3.73 -56.99
CA GLY C 10 19.86 -2.28 -56.96
C GLY C 10 18.44 -1.79 -57.15
N GLY C 11 17.50 -2.70 -57.38
CA GLY C 11 16.11 -2.33 -57.56
C GLY C 11 15.55 -1.62 -56.35
N ALA C 12 14.38 -1.00 -56.58
CA ALA C 12 13.81 -0.04 -55.64
C ALA C 12 13.51 -0.69 -54.30
N GLY C 13 12.80 -1.80 -54.31
CA GLY C 13 12.47 -2.47 -53.07
C GLY C 13 13.44 -3.54 -52.63
N MET C 14 14.59 -3.64 -53.27
CA MET C 14 15.55 -4.71 -53.00
C MET C 14 16.73 -4.24 -52.16
N CYS C 15 17.26 -3.05 -52.43
CA CYS C 15 18.45 -2.56 -51.74
C CYS C 15 18.20 -2.36 -50.26
N GLY C 16 17.01 -1.87 -49.90
CA GLY C 16 16.70 -1.71 -48.49
C GLY C 16 16.75 -3.02 -47.74
N ILE C 17 16.13 -4.05 -48.30
CA ILE C 17 16.16 -5.38 -47.67
C ILE C 17 17.59 -5.85 -47.48
N ALA C 18 18.40 -5.73 -48.52
CA ALA C 18 19.80 -6.16 -48.42
C ALA C 18 20.54 -5.37 -47.35
N GLU C 19 20.27 -4.06 -47.26
CA GLU C 19 20.90 -3.23 -46.24
C GLU C 19 20.59 -3.72 -44.83
N VAL C 20 19.31 -4.01 -44.56
CA VAL C 20 18.92 -4.52 -43.24
C VAL C 20 19.59 -5.85 -42.96
N LEU C 21 19.63 -6.74 -43.97
CA LEU C 21 20.25 -8.04 -43.74
C LEU C 21 21.74 -7.90 -43.45
N LEU C 22 22.40 -6.90 -44.04
CA LEU C 22 23.77 -6.58 -43.65
C LEU C 22 23.82 -6.10 -42.21
N ASN C 23 22.85 -5.28 -41.80
CA ASN C 23 22.82 -4.78 -40.43
C ASN C 23 22.59 -5.91 -39.45
N LEU C 24 21.87 -6.95 -39.87
CA LEU C 24 21.63 -8.12 -39.03
C LEU C 24 22.83 -9.05 -38.99
N GLY C 25 23.88 -8.76 -39.75
CA GLY C 25 25.08 -9.59 -39.75
C GLY C 25 25.11 -10.73 -40.77
N TYR C 26 24.23 -10.73 -41.77
CA TYR C 26 24.29 -11.76 -42.80
C TYR C 26 25.32 -11.40 -43.87
N GLU C 27 25.84 -12.44 -44.54
CA GLU C 27 26.53 -12.25 -45.80
C GLU C 27 25.51 -11.95 -46.87
N VAL C 28 25.70 -10.85 -47.59
CA VAL C 28 24.77 -10.42 -48.62
C VAL C 28 25.53 -10.22 -49.91
N SER C 29 25.00 -10.79 -51.00
CA SER C 29 25.49 -10.54 -52.34
C SER C 29 24.30 -10.19 -53.21
N GLY C 30 24.58 -9.60 -54.36
CA GLY C 30 23.53 -9.32 -55.32
C GLY C 30 24.13 -9.06 -56.67
N SER C 31 23.31 -9.28 -57.70
CA SER C 31 23.63 -8.92 -59.06
C SER C 31 22.72 -7.79 -59.51
N ASP C 32 23.20 -7.03 -60.49
CA ASP C 32 22.35 -6.04 -61.16
C ASP C 32 22.95 -5.75 -62.52
N LEU C 33 22.14 -5.21 -63.42
CA LEU C 33 22.65 -4.91 -64.75
C LEU C 33 23.48 -3.62 -64.76
N LYS C 34 23.21 -2.69 -63.85
CA LYS C 34 23.88 -1.38 -63.84
C LYS C 34 24.43 -1.08 -62.45
N ALA C 35 25.67 -0.62 -62.40
CA ALA C 35 26.24 -0.12 -61.16
C ALA C 35 25.73 1.28 -60.88
N SER C 36 25.39 1.54 -59.62
CA SER C 36 24.83 2.82 -59.23
C SER C 36 25.30 3.17 -57.83
N ALA C 37 24.98 4.41 -57.41
CA ALA C 37 25.30 4.81 -56.05
C ALA C 37 24.65 3.88 -55.03
N VAL C 38 23.51 3.29 -55.39
CA VAL C 38 22.85 2.34 -54.50
C VAL C 38 23.68 1.06 -54.37
N THR C 39 24.30 0.60 -55.45
CA THR C 39 25.15 -0.57 -55.32
C THR C 39 26.50 -0.23 -54.68
N GLU C 40 27.04 0.95 -54.97
CA GLU C 40 28.22 1.39 -54.25
C GLU C 40 27.96 1.45 -52.76
N ARG C 41 26.78 1.92 -52.36
CA ARG C 41 26.50 2.03 -50.93
C ARG C 41 26.42 0.65 -50.31
N LEU C 42 25.76 -0.29 -50.97
CA LEU C 42 25.69 -1.65 -50.44
C LEU C 42 27.07 -2.28 -50.34
N GLU C 43 27.92 -2.02 -51.34
CA GLU C 43 29.29 -2.52 -51.32
C GLU C 43 30.09 -1.92 -50.18
N LYS C 44 29.91 -0.62 -49.93
CA LYS C 44 30.60 0.00 -48.80
C LYS C 44 30.18 -0.65 -47.48
N PHE C 45 28.93 -1.10 -47.38
CA PHE C 45 28.41 -1.74 -46.18
C PHE C 45 28.65 -3.25 -46.14
N GLY C 46 29.33 -3.82 -47.12
CA GLY C 46 29.71 -5.22 -47.04
C GLY C 46 29.12 -6.12 -48.10
N ALA C 47 28.21 -5.65 -48.95
CA ALA C 47 27.64 -6.55 -49.95
C ALA C 47 28.63 -6.81 -51.06
N GLN C 48 28.63 -8.04 -51.56
CA GLN C 48 29.38 -8.39 -52.75
C GLN C 48 28.47 -8.17 -53.95
N ILE C 49 28.82 -7.23 -54.82
CA ILE C 49 28.00 -6.86 -55.95
C ILE C 49 28.58 -7.47 -57.21
N PHE C 50 27.72 -8.07 -58.04
CA PHE C 50 28.06 -8.56 -59.37
C PHE C 50 27.28 -7.75 -60.39
N ILE C 51 27.94 -7.37 -61.48
CA ILE C 51 27.29 -6.66 -62.58
C ILE C 51 27.07 -7.65 -63.71
N GLY C 52 25.83 -7.82 -64.12
CA GLY C 52 25.47 -8.84 -65.07
C GLY C 52 24.95 -10.09 -64.39
N HIS C 53 24.22 -10.90 -65.16
CA HIS C 53 23.54 -12.08 -64.63
C HIS C 53 24.16 -13.34 -65.23
N GLN C 54 24.90 -14.08 -64.40
CA GLN C 54 25.48 -15.36 -64.79
C GLN C 54 25.37 -16.32 -63.62
N ALA C 55 25.26 -17.62 -63.95
CA ALA C 55 24.91 -18.63 -62.94
C ALA C 55 25.88 -18.65 -61.77
N GLU C 56 27.16 -18.35 -62.04
CA GLU C 56 28.16 -18.36 -60.98
C GLU C 56 27.89 -17.32 -59.90
N ASN C 57 27.13 -16.26 -60.21
CA ASN C 57 26.85 -15.25 -59.20
C ASN C 57 26.06 -15.80 -58.02
N ALA C 58 25.33 -16.91 -58.21
CA ALA C 58 24.55 -17.48 -57.13
C ALA C 58 25.34 -18.50 -56.30
N ASP C 59 26.59 -18.78 -56.66
CA ASP C 59 27.35 -19.80 -55.95
C ASP C 59 27.48 -19.45 -54.48
N GLY C 60 27.37 -20.48 -53.63
CA GLY C 60 27.45 -20.29 -52.20
C GLY C 60 26.27 -19.61 -51.57
N ALA C 61 25.27 -19.18 -52.34
CA ALA C 61 24.09 -18.55 -51.75
C ALA C 61 23.22 -19.61 -51.08
N ASP C 62 22.77 -19.32 -49.88
CA ASP C 62 21.85 -20.20 -49.19
C ASP C 62 20.39 -19.88 -49.51
N VAL C 63 20.12 -18.66 -49.98
CA VAL C 63 18.78 -18.28 -50.42
C VAL C 63 18.91 -17.20 -51.49
N LEU C 64 18.04 -17.24 -52.49
CA LEU C 64 17.91 -16.17 -53.48
C LEU C 64 16.66 -15.34 -53.24
N VAL C 65 16.76 -14.03 -53.49
CA VAL C 65 15.63 -13.10 -53.45
C VAL C 65 15.50 -12.47 -54.83
N VAL C 66 14.30 -12.52 -55.41
CA VAL C 66 14.02 -11.92 -56.70
C VAL C 66 12.97 -10.82 -56.52
N SER C 67 13.00 -9.84 -57.43
CA SER C 67 12.22 -8.62 -57.23
C SER C 67 10.73 -8.86 -57.42
N SER C 68 10.36 -9.57 -58.49
CA SER C 68 8.95 -9.79 -58.78
C SER C 68 8.71 -11.29 -58.77
N ALA C 69 8.53 -11.91 -59.94
CA ALA C 69 8.20 -13.33 -60.06
C ALA C 69 9.48 -14.15 -60.26
N ILE C 70 9.28 -15.46 -60.47
CA ILE C 70 10.43 -16.35 -60.67
C ILE C 70 11.21 -15.94 -61.90
N ASN C 71 10.56 -15.91 -63.06
CA ASN C 71 11.16 -15.48 -64.32
C ASN C 71 12.53 -16.14 -64.52
N ARG C 72 12.51 -17.46 -64.47
CA ARG C 72 13.74 -18.24 -64.55
C ARG C 72 14.29 -18.33 -65.97
N ALA C 73 14.27 -17.21 -66.69
CA ALA C 73 15.14 -17.05 -67.84
C ALA C 73 16.52 -16.59 -67.39
N ASN C 74 16.54 -15.74 -66.37
CA ASN C 74 17.76 -15.34 -65.70
C ASN C 74 18.49 -16.57 -65.17
N PRO C 75 19.75 -16.79 -65.56
CA PRO C 75 20.41 -18.06 -65.19
C PRO C 75 20.59 -18.23 -63.68
N GLU C 76 20.83 -17.14 -62.95
CA GLU C 76 21.04 -17.25 -61.51
C GLU C 76 19.87 -17.95 -60.83
N VAL C 77 18.64 -17.58 -61.21
CA VAL C 77 17.47 -18.29 -60.71
C VAL C 77 17.50 -19.75 -61.15
N ALA C 78 17.78 -19.99 -62.42
CA ALA C 78 17.78 -21.37 -62.90
C ALA C 78 18.85 -22.19 -62.20
N SER C 79 20.00 -21.58 -61.94
CA SER C 79 21.06 -22.30 -61.21
C SER C 79 20.62 -22.65 -59.80
N ALA C 80 19.92 -21.72 -59.12
CA ALA C 80 19.46 -22.00 -57.77
C ALA C 80 18.38 -23.09 -57.75
N LEU C 81 17.45 -23.05 -58.71
CA LEU C 81 16.41 -24.06 -58.72
C LEU C 81 17.00 -25.44 -58.89
N GLU C 82 18.03 -25.57 -59.75
CA GLU C 82 18.62 -26.87 -60.03
C GLU C 82 19.45 -27.36 -58.86
N ARG C 83 20.05 -26.46 -58.09
CA ARG C 83 20.82 -26.85 -56.92
C ARG C 83 19.98 -26.90 -55.65
N ARG C 84 18.65 -26.75 -55.75
CA ARG C 84 17.72 -26.79 -54.60
C ARG C 84 17.98 -25.67 -53.59
N ILE C 85 18.36 -24.50 -54.09
CA ILE C 85 18.51 -23.30 -53.27
C ILE C 85 17.18 -22.57 -53.29
N PRO C 86 16.57 -22.27 -52.14
CA PRO C 86 15.25 -21.65 -52.14
C PRO C 86 15.29 -20.26 -52.75
N VAL C 87 14.22 -19.93 -53.47
CA VAL C 87 14.06 -18.65 -54.15
C VAL C 87 12.80 -18.03 -53.57
N VAL C 88 12.97 -16.95 -52.81
CA VAL C 88 11.82 -16.34 -52.13
C VAL C 88 11.54 -14.98 -52.77
N PRO C 89 10.27 -14.60 -52.90
CA PRO C 89 9.96 -13.30 -53.49
C PRO C 89 10.36 -12.17 -52.56
N ARG C 90 10.68 -11.03 -53.19
CA ARG C 90 11.03 -9.81 -52.47
C ARG C 90 10.10 -9.57 -51.28
N ALA C 91 8.79 -9.67 -51.51
CA ALA C 91 7.83 -9.30 -50.48
C ALA C 91 7.94 -10.18 -49.25
N GLU C 92 8.23 -11.48 -49.43
CA GLU C 92 8.30 -12.37 -48.27
C GLU C 92 9.53 -12.10 -47.43
N MET C 93 10.67 -11.80 -48.07
CA MET C 93 11.86 -11.44 -47.33
C MET C 93 11.67 -10.12 -46.62
N LEU C 94 10.99 -9.19 -47.28
CA LEU C 94 10.63 -7.93 -46.64
C LEU C 94 9.87 -8.17 -45.33
N ALA C 95 8.90 -9.10 -45.33
CA ALA C 95 8.06 -9.28 -44.15
C ALA C 95 8.79 -9.96 -43.00
N GLU C 96 9.75 -10.83 -43.31
CA GLU C 96 10.47 -11.55 -42.28
C GLU C 96 11.44 -10.68 -41.48
N LEU C 97 11.83 -9.52 -42.03
CA LEU C 97 12.65 -8.58 -41.29
C LEU C 97 12.06 -8.29 -39.91
N MET C 98 10.74 -8.37 -39.79
CA MET C 98 10.08 -8.00 -38.55
C MET C 98 10.35 -8.98 -37.41
N ARG C 99 10.80 -10.20 -37.70
CA ARG C 99 11.13 -11.12 -36.62
C ARG C 99 12.37 -10.70 -35.83
N TYR C 100 13.22 -9.87 -36.41
CA TYR C 100 14.45 -9.47 -35.76
C TYR C 100 14.33 -8.20 -34.93
N ARG C 101 13.16 -7.57 -34.94
CA ARG C 101 13.01 -6.22 -34.41
C ARG C 101 11.71 -6.14 -33.66
N HIS C 102 11.46 -4.99 -33.02
CA HIS C 102 10.18 -4.70 -32.40
C HIS C 102 9.26 -4.17 -33.51
N GLY C 103 8.49 -5.06 -34.11
CA GLY C 103 7.73 -4.72 -35.31
C GLY C 103 6.37 -4.11 -34.98
N ILE C 104 6.03 -3.06 -35.72
CA ILE C 104 4.72 -2.40 -35.64
C ILE C 104 4.08 -2.49 -37.02
N ALA C 105 3.03 -3.29 -37.14
CA ALA C 105 2.40 -3.55 -38.43
C ALA C 105 1.16 -2.68 -38.56
N VAL C 106 1.16 -1.81 -39.55
CA VAL C 106 0.04 -0.91 -39.77
C VAL C 106 -0.82 -1.54 -40.87
N ALA C 107 -1.95 -2.13 -40.48
CA ALA C 107 -2.87 -2.75 -41.42
C ALA C 107 -4.13 -1.90 -41.54
N GLY C 108 -4.93 -2.21 -42.55
CA GLY C 108 -6.10 -1.41 -42.88
C GLY C 108 -6.08 -1.29 -44.39
N THR C 109 -7.27 -1.11 -44.98
CA THR C 109 -7.33 -0.92 -46.42
C THR C 109 -6.88 0.48 -46.82
N HIS C 110 -7.40 1.50 -46.14
CA HIS C 110 -7.02 2.89 -46.40
C HIS C 110 -6.28 3.50 -45.20
N GLY C 111 -5.24 4.28 -45.49
CA GLY C 111 -4.55 5.01 -44.45
C GLY C 111 -3.31 4.35 -43.90
N LYS C 112 -2.80 3.31 -44.54
CA LYS C 112 -1.63 2.64 -44.02
C LYS C 112 -0.42 3.54 -44.14
N THR C 113 -0.35 4.28 -45.24
CA THR C 113 0.83 5.06 -45.55
C THR C 113 0.98 6.25 -44.61
N THR C 114 -0.11 6.98 -44.37
CA THR C 114 0.00 8.13 -43.50
C THR C 114 0.25 7.70 -42.06
N THR C 115 -0.47 6.67 -41.61
CA THR C 115 -0.29 6.22 -40.23
C THR C 115 1.12 5.73 -39.99
N THR C 116 1.71 5.02 -40.95
CA THR C 116 3.09 4.56 -40.81
C THR C 116 4.04 5.74 -40.71
N SER C 117 3.80 6.77 -41.51
CA SER C 117 4.64 7.96 -41.48
C SER C 117 4.49 8.72 -40.17
N LEU C 118 3.25 8.88 -39.68
CA LEU C 118 3.07 9.54 -38.39
C LEU C 118 3.78 8.76 -37.29
N ILE C 119 3.64 7.44 -37.31
CA ILE C 119 4.29 6.61 -36.30
C ILE C 119 5.79 6.82 -36.35
N ALA C 120 6.37 6.73 -37.55
CA ALA C 120 7.79 6.98 -37.73
C ALA C 120 8.18 8.37 -37.22
N SER C 121 7.37 9.38 -37.53
CA SER C 121 7.71 10.74 -37.13
C SER C 121 7.66 10.91 -35.61
N VAL C 122 6.69 10.30 -34.93
CA VAL C 122 6.63 10.46 -33.48
C VAL C 122 7.79 9.73 -32.82
N PHE C 123 8.08 8.51 -33.26
CA PHE C 123 9.20 7.75 -32.73
C PHE C 123 10.52 8.46 -33.00
N ALA C 124 10.69 9.02 -34.21
CA ALA C 124 11.88 9.82 -34.50
C ALA C 124 11.99 10.98 -33.51
N ALA C 125 10.88 11.65 -33.22
CA ALA C 125 10.91 12.74 -32.24
C ALA C 125 11.34 12.25 -30.87
N GLY C 126 11.03 11.00 -30.54
CA GLY C 126 11.50 10.41 -29.31
C GLY C 126 12.92 9.89 -29.35
N GLY C 127 13.65 10.15 -30.44
CA GLY C 127 15.03 9.74 -30.53
C GLY C 127 15.25 8.30 -30.92
N LEU C 128 14.22 7.62 -31.42
CA LEU C 128 14.27 6.18 -31.66
C LEU C 128 14.61 5.81 -33.10
N ASP C 129 14.71 6.80 -34.01
CA ASP C 129 15.17 6.64 -35.40
C ASP C 129 14.63 5.37 -36.08
N PRO C 130 13.32 5.13 -36.08
CA PRO C 130 12.81 3.84 -36.57
C PRO C 130 13.07 3.68 -38.05
N THR C 131 13.21 2.42 -38.47
CA THR C 131 13.12 2.09 -39.89
C THR C 131 11.66 1.85 -40.21
N PHE C 132 11.22 2.30 -41.39
CA PHE C 132 9.82 2.14 -41.73
C PHE C 132 9.65 1.82 -43.21
N VAL C 133 8.56 1.11 -43.52
CA VAL C 133 8.31 0.57 -44.85
C VAL C 133 7.03 1.17 -45.36
N ILE C 134 7.12 1.92 -46.44
CA ILE C 134 5.98 2.50 -47.14
C ILE C 134 6.13 2.15 -48.60
N GLY C 135 5.07 1.61 -49.20
CA GLY C 135 5.11 1.23 -50.60
C GLY C 135 6.19 0.20 -50.93
N GLY C 136 6.54 -0.66 -49.98
CA GLY C 136 7.60 -1.61 -50.22
C GLY C 136 9.01 -1.06 -50.08
N ARG C 137 9.18 0.24 -49.82
CA ARG C 137 10.51 0.85 -49.71
C ARG C 137 10.87 1.08 -48.24
N LEU C 138 12.06 0.65 -47.85
CA LEU C 138 12.56 0.86 -46.50
C LEU C 138 13.17 2.25 -46.37
N ASN C 139 12.88 2.91 -45.24
CA ASN C 139 13.32 4.29 -44.96
C ASN C 139 13.70 4.45 -43.50
N ALA C 140 14.51 5.47 -43.25
CA ALA C 140 14.80 5.98 -41.91
C ALA C 140 15.39 7.37 -42.08
N ALA C 141 15.24 8.21 -41.08
CA ALA C 141 15.72 9.59 -41.19
C ALA C 141 17.23 9.72 -40.99
N GLY C 142 17.89 8.69 -40.42
CA GLY C 142 19.31 8.80 -40.11
C GLY C 142 20.20 8.90 -41.34
N THR C 143 19.83 8.21 -42.42
CA THR C 143 20.43 8.24 -43.75
C THR C 143 21.87 7.71 -43.84
N ASN C 144 22.80 8.18 -43.00
CA ASN C 144 24.14 7.57 -43.05
C ASN C 144 24.21 6.27 -42.25
N ALA C 145 23.43 6.16 -41.17
CA ALA C 145 23.26 4.90 -40.46
C ALA C 145 22.52 3.87 -41.32
N GLN C 146 22.95 2.62 -41.22
CA GLN C 146 22.34 1.54 -41.99
C GLN C 146 20.86 1.40 -41.65
N LEU C 147 20.05 1.10 -42.66
CA LEU C 147 18.68 0.71 -42.42
C LEU C 147 18.64 -0.49 -41.48
N GLY C 148 17.64 -0.52 -40.60
CA GLY C 148 17.53 -1.59 -39.62
C GLY C 148 18.22 -1.35 -38.29
N ALA C 149 18.96 -0.25 -38.14
CA ALA C 149 19.75 -0.06 -36.93
C ALA C 149 18.87 0.13 -35.70
N SER C 150 17.70 0.72 -35.86
CA SER C 150 16.81 0.97 -34.73
C SER C 150 16.24 -0.34 -34.20
N ARG C 151 15.87 -0.33 -32.91
CA ARG C 151 15.10 -1.45 -32.38
C ARG C 151 13.76 -1.59 -33.11
N TYR C 152 13.26 -0.51 -33.71
CA TYR C 152 11.87 -0.47 -34.16
C TYR C 152 11.79 -0.61 -35.67
N LEU C 153 10.83 -1.40 -36.13
CA LEU C 153 10.51 -1.51 -37.55
C LEU C 153 9.00 -1.34 -37.73
N VAL C 154 8.61 -0.29 -38.44
CA VAL C 154 7.23 0.10 -38.67
C VAL C 154 6.90 -0.19 -40.13
N ALA C 155 5.89 -1.01 -40.41
CA ALA C 155 5.63 -1.37 -41.80
C ALA C 155 4.16 -1.45 -42.14
N GLU C 156 3.82 -0.97 -43.34
CA GLU C 156 2.53 -1.25 -43.93
C GLU C 156 2.31 -2.75 -44.02
N ALA C 157 1.09 -3.19 -43.69
CA ALA C 157 0.68 -4.57 -43.83
C ALA C 157 -0.51 -4.60 -44.79
N ASP C 158 -0.30 -5.06 -46.00
CA ASP C 158 -1.32 -5.01 -47.03
C ASP C 158 -2.04 -6.35 -47.11
N GLU C 159 -3.38 -6.31 -47.05
CA GLU C 159 -4.10 -7.58 -47.00
C GLU C 159 -4.17 -8.28 -48.34
N SER C 160 -3.82 -7.61 -49.43
CA SER C 160 -3.77 -8.28 -50.72
C SER C 160 -2.42 -8.95 -50.98
N ASP C 161 -1.46 -8.73 -50.10
CA ASP C 161 -0.13 -9.29 -50.27
C ASP C 161 -0.07 -10.72 -49.76
N ALA C 162 0.62 -11.58 -50.51
CA ALA C 162 0.74 -12.99 -50.14
C ALA C 162 1.48 -13.19 -48.80
N SER C 163 2.19 -12.19 -48.30
CA SER C 163 2.90 -12.34 -47.04
C SER C 163 2.15 -11.76 -45.86
N PHE C 164 0.92 -11.28 -46.07
CA PHE C 164 0.12 -10.66 -45.02
C PHE C 164 0.14 -11.49 -43.73
N LEU C 165 -0.19 -12.79 -43.83
CA LEU C 165 -0.31 -13.62 -42.65
C LEU C 165 1.04 -14.13 -42.14
N HIS C 166 2.16 -13.64 -42.67
CA HIS C 166 3.47 -14.06 -42.19
C HIS C 166 4.20 -12.95 -41.44
N LEU C 167 3.61 -11.76 -41.35
CA LEU C 167 4.17 -10.78 -40.44
C LEU C 167 4.15 -11.32 -39.02
N GLN C 168 5.17 -10.97 -38.23
CA GLN C 168 5.21 -11.31 -36.81
C GLN C 168 5.46 -10.04 -36.00
N PRO C 169 4.47 -9.17 -35.91
CA PRO C 169 4.65 -7.90 -35.19
C PRO C 169 4.48 -8.05 -33.68
N MET C 170 4.97 -7.05 -32.96
CA MET C 170 4.67 -6.84 -31.56
C MET C 170 3.41 -6.01 -31.37
N VAL C 171 3.14 -5.13 -32.31
CA VAL C 171 1.98 -4.27 -32.28
C VAL C 171 1.37 -4.28 -33.68
N ALA C 172 0.06 -4.27 -33.75
CA ALA C 172 -0.63 -4.30 -35.03
C ALA C 172 -1.81 -3.35 -34.96
N VAL C 173 -1.88 -2.44 -35.92
CA VAL C 173 -2.98 -1.50 -36.04
C VAL C 173 -3.92 -1.99 -37.15
N VAL C 174 -5.22 -1.84 -36.94
CA VAL C 174 -6.18 -2.02 -38.01
C VAL C 174 -6.97 -0.73 -38.11
N THR C 175 -6.71 0.05 -39.17
CA THR C 175 -7.37 1.33 -39.35
C THR C 175 -8.80 1.18 -39.88
N ASN C 176 -9.03 0.21 -40.77
CA ASN C 176 -10.33 -0.06 -41.39
C ASN C 176 -10.27 -1.32 -42.24
N ILE C 177 -11.43 -1.90 -42.50
CA ILE C 177 -11.55 -3.12 -43.28
C ILE C 177 -12.54 -2.86 -44.42
N ASP C 178 -12.03 -2.70 -45.64
CA ASP C 178 -12.85 -2.46 -46.82
C ASP C 178 -12.80 -3.69 -47.72
N ALA C 179 -13.58 -3.63 -48.80
CA ALA C 179 -13.75 -4.75 -49.72
C ALA C 179 -12.95 -4.58 -51.00
N ASP C 180 -12.00 -3.63 -51.04
CA ASP C 180 -11.19 -3.42 -52.23
C ASP C 180 -10.55 -4.72 -52.74
N HIS C 181 -10.13 -5.58 -51.82
CA HIS C 181 -9.32 -6.75 -52.13
C HIS C 181 -10.05 -8.05 -51.90
N MET C 182 -11.36 -8.06 -52.12
CA MET C 182 -12.14 -9.30 -52.02
C MET C 182 -11.65 -10.37 -53.00
N ALA C 183 -11.08 -9.99 -54.15
CA ALA C 183 -10.64 -10.98 -55.13
C ALA C 183 -9.53 -11.87 -54.60
N THR C 184 -8.66 -11.31 -53.75
CA THR C 184 -7.64 -12.07 -53.06
C THR C 184 -8.26 -13.19 -52.22
N TYR C 185 -9.50 -13.00 -51.76
CA TYR C 185 -10.12 -13.96 -50.86
C TYR C 185 -11.36 -14.56 -51.47
N GLY C 186 -11.24 -15.09 -52.69
CA GLY C 186 -12.35 -15.72 -53.37
C GLY C 186 -13.52 -14.81 -53.64
N GLY C 187 -13.29 -13.50 -53.69
CA GLY C 187 -14.38 -12.55 -53.86
C GLY C 187 -15.42 -12.59 -52.76
N ASP C 188 -15.01 -12.88 -51.52
CA ASP C 188 -15.91 -13.05 -50.39
C ASP C 188 -15.45 -12.14 -49.25
N PHE C 189 -16.27 -11.14 -48.89
CA PHE C 189 -15.91 -10.19 -47.83
C PHE C 189 -15.85 -10.86 -46.46
N ASN C 190 -16.67 -11.88 -46.22
CA ASN C 190 -16.57 -12.63 -44.96
C ASN C 190 -15.22 -13.34 -44.83
N LYS C 191 -14.69 -13.91 -45.92
CA LYS C 191 -13.36 -14.50 -45.85
C LYS C 191 -12.32 -13.42 -45.58
N LEU C 192 -12.49 -12.26 -46.20
CA LEU C 192 -11.60 -11.13 -45.96
C LEU C 192 -11.62 -10.72 -44.50
N LYS C 193 -12.81 -10.64 -43.90
CA LYS C 193 -12.90 -10.32 -42.48
C LYS C 193 -12.12 -11.31 -41.65
N LYS C 194 -12.29 -12.62 -41.95
CA LYS C 194 -11.63 -13.65 -41.15
C LYS C 194 -10.11 -13.54 -41.24
N THR C 195 -9.60 -13.04 -42.38
CA THR C 195 -8.16 -12.88 -42.54
C THR C 195 -7.60 -11.78 -41.63
N PHE C 196 -8.37 -10.72 -41.36
CA PHE C 196 -7.88 -9.71 -40.42
C PHE C 196 -7.88 -10.26 -39.00
N VAL C 197 -8.85 -11.10 -38.65
CA VAL C 197 -8.79 -11.82 -37.38
C VAL C 197 -7.53 -12.68 -37.30
N GLU C 198 -7.29 -13.53 -38.31
CA GLU C 198 -6.10 -14.37 -38.28
C GLU C 198 -4.83 -13.53 -38.21
N PHE C 199 -4.79 -12.41 -38.94
CA PHE C 199 -3.64 -11.53 -38.88
C PHE C 199 -3.39 -11.01 -37.46
N LEU C 200 -4.45 -10.53 -36.78
CA LEU C 200 -4.26 -10.09 -35.40
C LEU C 200 -3.86 -11.23 -34.50
N HIS C 201 -4.22 -12.45 -34.86
CA HIS C 201 -3.81 -13.58 -34.05
C HIS C 201 -2.34 -13.97 -34.28
N ASN C 202 -1.62 -13.34 -35.22
CA ASN C 202 -0.17 -13.54 -35.26
C ASN C 202 0.55 -12.75 -34.17
N LEU C 203 -0.15 -11.87 -33.45
CA LEU C 203 0.46 -11.20 -32.30
C LEU C 203 0.73 -12.22 -31.20
N PRO C 204 1.79 -12.01 -30.42
CA PRO C 204 1.97 -12.83 -29.23
C PRO C 204 0.94 -12.41 -28.18
N PHE C 205 0.76 -13.26 -27.16
CA PHE C 205 -0.16 -12.89 -26.09
C PHE C 205 0.24 -11.58 -25.43
N TYR C 206 1.51 -11.21 -25.46
CA TYR C 206 1.95 -9.95 -24.86
C TYR C 206 1.92 -8.79 -25.84
N GLY C 207 1.52 -9.03 -27.08
CA GLY C 207 1.46 -7.97 -28.07
C GLY C 207 0.36 -6.99 -27.82
N LEU C 208 0.05 -6.19 -28.85
CA LEU C 208 -0.99 -5.18 -28.73
C LEU C 208 -1.72 -5.03 -30.06
N ALA C 209 -3.06 -5.11 -30.01
CA ALA C 209 -3.91 -4.81 -31.15
C ALA C 209 -4.53 -3.44 -30.96
N VAL C 210 -4.34 -2.57 -31.94
CA VAL C 210 -4.82 -1.20 -31.91
C VAL C 210 -5.90 -1.08 -32.97
N MET C 211 -7.14 -0.89 -32.56
CA MET C 211 -8.33 -1.11 -33.38
C MET C 211 -9.17 0.14 -33.49
N CYS C 212 -9.46 0.56 -34.72
CA CYS C 212 -10.33 1.71 -34.92
C CYS C 212 -11.79 1.26 -34.83
N VAL C 213 -12.44 1.51 -33.69
CA VAL C 213 -13.83 1.10 -33.55
C VAL C 213 -14.82 2.01 -34.26
N ASP C 214 -14.34 3.07 -34.92
CA ASP C 214 -15.22 3.89 -35.75
C ASP C 214 -15.62 3.17 -37.02
N ASP C 215 -14.87 2.13 -37.41
CA ASP C 215 -15.16 1.25 -38.53
C ASP C 215 -16.07 0.13 -38.05
N PRO C 216 -17.24 -0.05 -38.66
CA PRO C 216 -18.19 -1.05 -38.12
C PRO C 216 -17.69 -2.47 -38.25
N VAL C 217 -16.81 -2.75 -39.21
CA VAL C 217 -16.32 -4.11 -39.37
C VAL C 217 -15.22 -4.38 -38.36
N VAL C 218 -14.43 -3.36 -38.00
CA VAL C 218 -13.45 -3.55 -36.94
C VAL C 218 -14.16 -3.83 -35.63
N ARG C 219 -15.29 -3.15 -35.41
CA ARG C 219 -16.04 -3.33 -34.17
C ARG C 219 -16.68 -4.69 -34.12
N GLU C 220 -17.01 -5.26 -35.29
CA GLU C 220 -17.68 -6.56 -35.35
C GLU C 220 -16.72 -7.68 -34.99
N ILE C 221 -15.46 -7.60 -35.42
CA ILE C 221 -14.53 -8.69 -35.12
C ILE C 221 -13.84 -8.52 -33.77
N LEU C 222 -14.02 -7.38 -33.12
CA LEU C 222 -13.36 -7.12 -31.84
C LEU C 222 -13.52 -8.25 -30.84
N PRO C 223 -14.71 -8.83 -30.62
CA PRO C 223 -14.81 -9.90 -29.61
C PRO C 223 -14.05 -11.17 -29.96
N GLN C 224 -13.63 -11.36 -31.20
CA GLN C 224 -12.83 -12.54 -31.53
C GLN C 224 -11.35 -12.37 -31.24
N ILE C 225 -10.90 -11.14 -30.98
CA ILE C 225 -9.48 -10.84 -30.82
C ILE C 225 -9.10 -11.28 -29.41
N ALA C 226 -8.33 -12.34 -29.32
CA ALA C 226 -7.95 -12.83 -28.00
C ALA C 226 -6.55 -12.33 -27.62
N ARG C 227 -6.32 -11.04 -27.82
CA ARG C 227 -5.03 -10.39 -27.61
C ARG C 227 -5.29 -9.06 -26.93
N PRO C 228 -4.30 -8.51 -26.20
CA PRO C 228 -4.48 -7.19 -25.60
C PRO C 228 -4.83 -6.16 -26.67
N THR C 229 -5.89 -5.40 -26.43
CA THR C 229 -6.48 -4.51 -27.41
C THR C 229 -6.69 -3.13 -26.81
N VAL C 230 -6.31 -2.08 -27.53
CA VAL C 230 -6.73 -0.72 -27.23
C VAL C 230 -7.51 -0.23 -28.44
N THR C 231 -8.70 0.30 -28.19
CA THR C 231 -9.54 0.83 -29.25
C THR C 231 -9.35 2.34 -29.32
N TYR C 232 -9.58 2.90 -30.51
CA TYR C 232 -9.48 4.33 -30.69
C TYR C 232 -10.50 4.78 -31.72
N GLY C 233 -10.76 6.07 -31.73
CA GLY C 233 -11.65 6.67 -32.71
C GLY C 233 -12.40 7.84 -32.10
N LEU C 234 -13.34 8.34 -32.88
CA LEU C 234 -14.26 9.38 -32.44
C LEU C 234 -15.42 8.84 -31.60
N SER C 235 -15.67 7.53 -31.64
CA SER C 235 -16.76 6.94 -30.89
C SER C 235 -16.63 7.31 -29.41
N GLU C 236 -17.79 7.52 -28.76
CA GLU C 236 -17.76 7.89 -27.35
C GLU C 236 -17.16 6.79 -26.51
N ASP C 237 -17.24 5.54 -26.96
CA ASP C 237 -16.79 4.39 -26.18
C ASP C 237 -15.40 3.89 -26.58
N ALA C 238 -14.68 4.62 -27.43
CA ALA C 238 -13.31 4.24 -27.75
C ALA C 238 -12.39 4.51 -26.55
N ASP C 239 -11.37 3.66 -26.39
CA ASP C 239 -10.42 3.84 -25.29
C ASP C 239 -9.68 5.16 -25.42
N VAL C 240 -9.23 5.47 -26.63
CA VAL C 240 -8.47 6.69 -26.91
C VAL C 240 -9.29 7.46 -27.94
N ARG C 241 -9.69 8.70 -27.59
CA ARG C 241 -10.67 9.47 -28.36
C ARG C 241 -10.13 10.86 -28.63
N ALA C 242 -10.66 11.47 -29.69
CA ALA C 242 -10.47 12.88 -30.01
C ALA C 242 -11.76 13.65 -29.74
N ILE C 243 -11.64 14.81 -29.10
CA ILE C 243 -12.78 15.69 -28.87
C ILE C 243 -12.34 17.12 -29.17
N ASN C 244 -13.33 18.01 -29.29
CA ASN C 244 -13.09 19.43 -29.51
C ASN C 244 -12.22 19.68 -30.75
N ILE C 245 -12.61 19.08 -31.87
CA ILE C 245 -11.87 19.27 -33.11
C ILE C 245 -12.15 20.66 -33.65
N ARG C 246 -11.09 21.38 -34.03
CA ARG C 246 -11.23 22.72 -34.56
CA ARG C 246 -11.16 22.76 -34.46
C ARG C 246 -10.07 22.99 -35.51
N GLN C 247 -10.13 24.15 -36.16
CA GLN C 247 -9.18 24.50 -37.22
C GLN C 247 -8.50 25.83 -36.95
N GLU C 248 -7.25 25.94 -37.41
CA GLU C 248 -6.44 27.16 -37.41
C GLU C 248 -5.54 27.10 -38.64
N GLY C 249 -6.03 27.64 -39.75
CA GLY C 249 -5.33 27.49 -41.02
C GLY C 249 -5.47 26.09 -41.59
N MET C 250 -4.42 25.56 -42.20
CA MET C 250 -4.44 24.17 -42.66
C MET C 250 -4.18 23.18 -41.54
N ARG C 251 -4.05 23.68 -40.30
CA ARG C 251 -3.70 22.89 -39.14
C ARG C 251 -4.94 22.53 -38.34
N THR C 252 -5.11 21.24 -38.08
CA THR C 252 -6.25 20.73 -37.32
C THR C 252 -5.84 20.47 -35.87
N TRP C 253 -6.58 21.04 -34.93
CA TRP C 253 -6.35 20.85 -33.51
C TRP C 253 -7.40 19.93 -32.92
N PHE C 254 -7.00 19.16 -31.91
CA PHE C 254 -7.99 18.41 -31.14
C PHE C 254 -7.40 17.99 -29.81
N THR C 255 -8.28 17.61 -28.89
CA THR C 255 -7.89 17.09 -27.57
C THR C 255 -8.02 15.57 -27.59
N VAL C 256 -6.96 14.86 -27.18
CA VAL C 256 -6.97 13.40 -27.15
C VAL C 256 -7.12 12.94 -25.69
N LEU C 257 -8.12 12.07 -25.46
CA LEU C 257 -8.43 11.50 -24.15
C LEU C 257 -7.84 10.10 -24.09
N ARG C 258 -7.10 9.81 -23.02
CA ARG C 258 -6.45 8.52 -22.85
C ARG C 258 -6.76 7.99 -21.46
N PRO C 259 -6.88 6.67 -21.31
CA PRO C 259 -7.07 6.11 -19.96
C PRO C 259 -5.93 6.53 -19.04
N GLU C 260 -6.30 6.94 -17.83
CA GLU C 260 -5.35 7.24 -16.77
C GLU C 260 -4.33 8.31 -17.17
N ARG C 261 -4.69 9.21 -18.08
CA ARG C 261 -3.82 10.33 -18.42
C ARG C 261 -4.66 11.60 -18.49
N GLU C 262 -4.00 12.74 -18.32
CA GLU C 262 -4.69 14.01 -18.48
C GLU C 262 -4.94 14.29 -19.96
N PRO C 263 -6.01 15.01 -20.29
CA PRO C 263 -6.29 15.31 -21.70
C PRO C 263 -5.13 16.07 -22.33
N LEU C 264 -4.87 15.77 -23.60
CA LEU C 264 -3.68 16.26 -24.27
C LEU C 264 -4.08 16.93 -25.57
N ASP C 265 -3.71 18.20 -25.74
CA ASP C 265 -4.00 18.94 -26.94
C ASP C 265 -2.92 18.66 -27.99
N VAL C 266 -3.34 18.30 -29.19
CA VAL C 266 -2.39 18.07 -30.26
C VAL C 266 -2.91 18.79 -31.50
N SER C 267 -2.03 18.94 -32.47
CA SER C 267 -2.40 19.48 -33.76
C SER C 267 -1.64 18.72 -34.83
N VAL C 268 -2.23 18.65 -36.02
CA VAL C 268 -1.62 17.97 -37.16
C VAL C 268 -1.83 18.84 -38.38
N ASN C 269 -0.93 18.74 -39.36
CA ASN C 269 -0.87 19.63 -40.51
C ASN C 269 -1.71 19.13 -41.68
N MET C 270 -2.65 18.23 -41.45
CA MET C 270 -3.41 17.68 -42.55
C MET C 270 -4.89 17.67 -42.20
N PRO C 271 -5.76 17.93 -43.16
CA PRO C 271 -7.19 18.10 -42.84
C PRO C 271 -7.93 16.78 -42.85
N GLY C 272 -9.15 16.83 -42.34
CA GLY C 272 -10.05 15.69 -42.46
C GLY C 272 -9.97 14.79 -41.25
N LEU C 273 -11.11 14.16 -40.93
CA LEU C 273 -11.15 13.30 -39.76
C LEU C 273 -10.23 12.09 -39.92
N HIS C 274 -9.96 11.66 -41.16
CA HIS C 274 -9.10 10.51 -41.34
C HIS C 274 -7.69 10.80 -40.83
N ASN C 275 -7.22 12.04 -40.94
CA ASN C 275 -5.93 12.34 -40.33
C ASN C 275 -6.03 12.52 -38.82
N VAL C 276 -7.20 12.86 -38.28
CA VAL C 276 -7.38 12.79 -36.83
C VAL C 276 -7.25 11.35 -36.37
N LEU C 277 -7.89 10.42 -37.10
CA LEU C 277 -7.81 9.01 -36.74
C LEU C 277 -6.40 8.46 -36.89
N ASN C 278 -5.68 8.83 -37.96
CA ASN C 278 -4.30 8.41 -38.08
C ASN C 278 -3.49 8.88 -36.87
N SER C 279 -3.77 10.08 -36.36
CA SER C 279 -3.03 10.56 -35.19
C SER C 279 -3.41 9.79 -33.94
N LEU C 280 -4.71 9.45 -33.80
CA LEU C 280 -5.12 8.64 -32.65
C LEU C 280 -4.42 7.30 -32.64
N ALA C 281 -4.33 6.64 -33.80
CA ALA C 281 -3.62 5.37 -33.86
C ALA C 281 -2.16 5.55 -33.42
N THR C 282 -1.51 6.60 -33.93
CA THR C 282 -0.14 6.90 -33.54
C THR C 282 -0.03 7.14 -32.04
N ILE C 283 -0.92 7.97 -31.50
CA ILE C 283 -0.88 8.30 -30.09
C ILE C 283 -1.03 7.04 -29.24
N VAL C 284 -1.86 6.08 -29.68
CA VAL C 284 -1.99 4.81 -28.95
C VAL C 284 -0.68 4.04 -28.97
N ILE C 285 -0.03 3.92 -30.14
CA ILE C 285 1.22 3.19 -30.22
C ILE C 285 2.27 3.84 -29.32
N ALA C 286 2.41 5.16 -29.44
CA ALA C 286 3.47 5.88 -28.76
C ALA C 286 3.28 5.86 -27.25
N THR C 287 2.03 6.05 -26.80
CA THR C 287 1.74 5.97 -25.38
C THR C 287 2.11 4.60 -24.83
N ASP C 288 1.65 3.54 -25.50
CA ASP C 288 1.92 2.19 -25.02
C ASP C 288 3.43 1.93 -24.95
N GLU C 289 4.19 2.54 -25.86
CA GLU C 289 5.63 2.35 -25.93
C GLU C 289 6.38 3.16 -24.88
N GLY C 290 5.74 4.11 -24.21
CA GLY C 290 6.43 4.92 -23.23
C GLY C 290 6.95 6.27 -23.71
N ILE C 291 6.62 6.66 -24.94
CA ILE C 291 7.14 7.91 -25.50
C ILE C 291 6.47 9.09 -24.82
N SER C 292 7.21 10.18 -24.67
CA SER C 292 6.69 11.32 -23.91
C SER C 292 5.64 12.10 -24.69
N ASP C 293 4.79 12.81 -23.94
CA ASP C 293 3.84 13.76 -24.54
C ASP C 293 4.55 14.72 -25.48
N GLU C 294 5.75 15.18 -25.11
CA GLU C 294 6.45 16.17 -25.92
CA GLU C 294 6.44 16.17 -25.93
C GLU C 294 6.88 15.59 -27.27
N ALA C 295 7.35 14.34 -27.28
CA ALA C 295 7.70 13.74 -28.56
C ALA C 295 6.46 13.45 -29.39
N ILE C 296 5.34 13.14 -28.73
CA ILE C 296 4.11 12.91 -29.46
C ILE C 296 3.64 14.20 -30.13
N VAL C 297 3.65 15.29 -29.38
CA VAL C 297 3.21 16.58 -29.91
C VAL C 297 4.15 17.02 -31.02
N GLN C 298 5.44 16.82 -30.83
CA GLN C 298 6.41 17.26 -31.84
C GLN C 298 6.36 16.40 -33.09
N GLY C 299 6.22 15.09 -32.93
CA GLY C 299 6.14 14.23 -34.10
C GLY C 299 4.92 14.52 -34.95
N LEU C 300 3.75 14.64 -34.30
CA LEU C 300 2.52 14.89 -35.04
C LEU C 300 2.53 16.28 -35.65
N SER C 301 2.94 17.27 -34.86
CA SER C 301 2.89 18.66 -35.30
C SER C 301 3.82 18.91 -36.48
N GLY C 302 5.02 18.36 -36.43
CA GLY C 302 5.98 18.63 -37.46
C GLY C 302 5.89 17.73 -38.66
N PHE C 303 4.87 16.88 -38.74
CA PHE C 303 4.74 16.00 -39.91
C PHE C 303 4.16 16.80 -41.07
N GLN C 304 4.85 16.75 -42.22
CA GLN C 304 4.56 17.68 -43.32
C GLN C 304 3.38 17.20 -44.17
N GLY C 305 3.43 15.96 -44.65
CA GLY C 305 2.36 15.43 -45.47
C GLY C 305 2.85 14.59 -46.63
N HIS D 1 2.33 -6.85 -21.42
CA HIS D 1 1.52 -7.79 -20.63
C HIS D 1 2.42 -8.79 -19.89
N ARG D 2 2.24 -8.94 -18.57
CA ARG D 2 3.25 -9.57 -17.72
C ARG D 2 2.74 -10.62 -16.74
N ARG D 3 1.45 -10.68 -16.40
CA ARG D 3 0.93 -11.66 -15.46
C ARG D 3 -0.14 -12.53 -16.13
N ILE D 4 0.09 -13.84 -16.14
CA ILE D 4 -0.78 -14.82 -16.78
C ILE D 4 -1.52 -15.62 -15.72
N HIS D 5 -2.83 -15.78 -15.91
CA HIS D 5 -3.68 -16.44 -14.92
C HIS D 5 -4.32 -17.68 -15.53
N PHE D 6 -4.07 -18.83 -14.91
CA PHE D 6 -4.58 -20.12 -15.38
C PHE D 6 -5.81 -20.53 -14.59
N VAL D 7 -6.91 -20.77 -15.28
CA VAL D 7 -8.12 -21.29 -14.65
C VAL D 7 -8.05 -22.82 -14.74
N GLY D 8 -7.91 -23.48 -13.60
CA GLY D 8 -7.66 -24.92 -13.61
C GLY D 8 -6.19 -25.23 -13.79
N ILE D 9 -5.31 -24.54 -13.07
CA ILE D 9 -3.87 -24.64 -13.30
C ILE D 9 -3.31 -26.03 -12.95
N GLY D 10 -4.03 -26.82 -12.16
CA GLY D 10 -3.56 -28.17 -11.91
C GLY D 10 -3.87 -29.18 -12.99
N GLY D 11 -4.70 -28.80 -13.97
CA GLY D 11 -5.05 -29.71 -15.05
C GLY D 11 -3.83 -30.15 -15.85
N ALA D 12 -4.01 -31.28 -16.54
CA ALA D 12 -2.89 -32.06 -17.07
C ALA D 12 -2.09 -31.30 -18.12
N GLY D 13 -2.75 -30.58 -19.02
CA GLY D 13 -1.98 -29.76 -19.94
C GLY D 13 -1.72 -28.34 -19.50
N MET D 14 -2.25 -27.92 -18.34
CA MET D 14 -2.10 -26.55 -17.88
C MET D 14 -0.84 -26.32 -17.08
N CYS D 15 -0.45 -27.27 -16.21
CA CYS D 15 0.64 -27.01 -15.28
C CYS D 15 1.96 -26.82 -15.99
N GLY D 16 2.25 -27.64 -16.99
CA GLY D 16 3.49 -27.51 -17.72
C GLY D 16 3.65 -26.14 -18.38
N ILE D 17 2.58 -25.63 -18.99
CA ILE D 17 2.64 -24.31 -19.60
C ILE D 17 2.92 -23.26 -18.56
N ALA D 18 2.24 -23.37 -17.40
CA ALA D 18 2.51 -22.45 -16.32
C ALA D 18 3.98 -22.53 -15.88
N GLU D 19 4.55 -23.75 -15.86
CA GLU D 19 5.93 -23.89 -15.43
C GLU D 19 6.90 -23.25 -16.41
N VAL D 20 6.67 -23.43 -17.71
CA VAL D 20 7.52 -22.81 -18.71
C VAL D 20 7.44 -21.30 -18.60
N LEU D 21 6.23 -20.76 -18.40
CA LEU D 21 6.09 -19.31 -18.33
C LEU D 21 6.81 -18.76 -17.11
N LEU D 22 6.83 -19.51 -16.00
CA LEU D 22 7.65 -19.11 -14.87
C LEU D 22 9.12 -19.09 -15.23
N ASN D 23 9.56 -20.12 -15.99
CA ASN D 23 10.94 -20.18 -16.44
C ASN D 23 11.28 -19.02 -17.35
N LEU D 24 10.28 -18.49 -18.06
CA LEU D 24 10.50 -17.36 -18.94
C LEU D 24 10.50 -16.03 -18.20
N GLY D 25 10.21 -16.03 -16.90
CA GLY D 25 10.27 -14.80 -16.11
C GLY D 25 8.96 -14.10 -15.90
N TYR D 26 7.83 -14.67 -16.34
CA TYR D 26 6.53 -14.07 -16.16
C TYR D 26 6.00 -14.30 -14.74
N GLU D 27 5.08 -13.43 -14.30
CA GLU D 27 4.28 -13.73 -13.12
C GLU D 27 3.17 -14.69 -13.52
N VAL D 28 3.02 -15.79 -12.79
CA VAL D 28 1.99 -16.77 -13.07
C VAL D 28 1.10 -16.95 -11.85
N SER D 29 -0.22 -16.89 -12.09
CA SER D 29 -1.20 -17.28 -11.08
C SER D 29 -2.12 -18.35 -11.67
N GLY D 30 -2.84 -19.02 -10.78
CA GLY D 30 -3.73 -20.08 -11.22
C GLY D 30 -4.70 -20.45 -10.13
N SER D 31 -5.88 -20.91 -10.54
CA SER D 31 -6.91 -21.36 -9.63
C SER D 31 -7.19 -22.84 -9.87
N ASP D 32 -7.66 -23.52 -8.82
CA ASP D 32 -8.06 -24.91 -8.96
C ASP D 32 -8.98 -25.27 -7.81
N LEU D 33 -9.74 -26.34 -7.99
CA LEU D 33 -10.69 -26.74 -6.97
C LEU D 33 -10.01 -27.40 -5.79
N LYS D 34 -8.88 -28.08 -6.03
CA LYS D 34 -8.25 -28.86 -4.98
C LYS D 34 -6.74 -28.70 -5.06
N ALA D 35 -6.11 -28.49 -3.91
CA ALA D 35 -4.66 -28.40 -3.87
C ALA D 35 -4.05 -29.76 -4.18
N SER D 36 -2.89 -29.74 -4.82
CA SER D 36 -2.27 -30.92 -5.38
C SER D 36 -0.76 -30.80 -5.22
N ALA D 37 -0.06 -31.92 -5.42
CA ALA D 37 1.40 -31.83 -5.52
C ALA D 37 1.81 -31.01 -6.73
N VAL D 38 0.93 -30.98 -7.75
CA VAL D 38 1.17 -30.20 -8.95
C VAL D 38 1.08 -28.70 -8.64
N THR D 39 0.14 -28.32 -7.78
CA THR D 39 0.05 -26.91 -7.42
C THR D 39 1.13 -26.51 -6.41
N GLU D 40 1.54 -27.44 -5.53
CA GLU D 40 2.63 -27.12 -4.61
C GLU D 40 3.95 -26.94 -5.35
N ARG D 41 4.21 -27.79 -6.35
CA ARG D 41 5.40 -27.59 -7.17
C ARG D 41 5.38 -26.22 -7.83
N LEU D 42 4.28 -25.90 -8.50
CA LEU D 42 4.13 -24.60 -9.13
C LEU D 42 4.34 -23.45 -8.14
N GLU D 43 3.83 -23.60 -6.92
CA GLU D 43 4.02 -22.57 -5.90
C GLU D 43 5.47 -22.48 -5.46
N LYS D 44 6.13 -23.63 -5.33
CA LYS D 44 7.55 -23.63 -4.99
C LYS D 44 8.37 -22.89 -6.03
N PHE D 45 7.94 -22.93 -7.29
CA PHE D 45 8.59 -22.24 -8.39
C PHE D 45 8.10 -20.81 -8.59
N GLY D 46 7.17 -20.32 -7.76
CA GLY D 46 6.75 -18.93 -7.80
C GLY D 46 5.32 -18.67 -8.25
N ALA D 47 4.55 -19.67 -8.64
CA ALA D 47 3.15 -19.41 -9.00
C ALA D 47 2.32 -19.00 -7.79
N GLN D 48 1.37 -18.10 -8.01
CA GLN D 48 0.38 -17.76 -7.01
C GLN D 48 -0.85 -18.64 -7.24
N ILE D 49 -1.16 -19.51 -6.29
CA ILE D 49 -2.23 -20.50 -6.43
C ILE D 49 -3.41 -20.07 -5.58
N PHE D 50 -4.61 -20.11 -6.17
CA PHE D 50 -5.87 -19.94 -5.44
C PHE D 50 -6.63 -21.26 -5.51
N ILE D 51 -7.22 -21.67 -4.38
CA ILE D 51 -8.07 -22.85 -4.35
C ILE D 51 -9.53 -22.39 -4.42
N GLY D 52 -10.31 -23.01 -5.30
CA GLY D 52 -11.65 -22.55 -5.57
C GLY D 52 -11.67 -21.43 -6.60
N HIS D 53 -12.85 -21.18 -7.16
CA HIS D 53 -13.02 -20.23 -8.25
C HIS D 53 -13.81 -19.03 -7.76
N GLN D 54 -13.17 -17.85 -7.79
CA GLN D 54 -13.84 -16.60 -7.46
C GLN D 54 -13.28 -15.51 -8.37
N ALA D 55 -14.13 -14.55 -8.72
CA ALA D 55 -13.77 -13.58 -9.75
C ALA D 55 -12.54 -12.76 -9.37
N GLU D 56 -12.33 -12.55 -8.06
CA GLU D 56 -11.18 -11.78 -7.61
C GLU D 56 -9.87 -12.45 -7.98
N ASN D 57 -9.86 -13.76 -8.18
CA ASN D 57 -8.62 -14.47 -8.51
C ASN D 57 -8.02 -13.99 -9.82
N ALA D 58 -8.81 -13.41 -10.73
CA ALA D 58 -8.31 -12.92 -12.00
C ALA D 58 -7.77 -11.50 -11.92
N ASP D 59 -7.99 -10.81 -10.80
CA ASP D 59 -7.57 -9.41 -10.70
C ASP D 59 -6.08 -9.28 -10.92
N GLY D 60 -5.69 -8.28 -11.69
CA GLY D 60 -4.31 -8.08 -12.03
C GLY D 60 -3.79 -8.92 -13.18
N ALA D 61 -4.55 -9.89 -13.67
CA ALA D 61 -4.09 -10.73 -14.77
C ALA D 61 -4.08 -9.95 -16.07
N ASP D 62 -3.00 -10.09 -16.83
CA ASP D 62 -2.97 -9.47 -18.15
C ASP D 62 -3.59 -10.37 -19.21
N VAL D 63 -3.60 -11.68 -18.99
CA VAL D 63 -4.21 -12.65 -19.88
C VAL D 63 -4.66 -13.85 -19.04
N LEU D 64 -5.73 -14.50 -19.49
CA LEU D 64 -6.24 -15.72 -18.88
C LEU D 64 -6.08 -16.89 -19.82
N VAL D 65 -5.81 -18.06 -19.24
CA VAL D 65 -5.69 -19.31 -19.98
C VAL D 65 -6.67 -20.29 -19.38
N VAL D 66 -7.53 -20.87 -20.21
CA VAL D 66 -8.57 -21.79 -19.77
C VAL D 66 -8.35 -23.15 -20.43
N SER D 67 -8.66 -24.23 -19.70
CA SER D 67 -8.29 -25.56 -20.16
C SER D 67 -9.15 -26.05 -21.31
N SER D 68 -10.47 -25.85 -21.23
CA SER D 68 -11.33 -26.22 -22.33
C SER D 68 -11.73 -24.98 -23.13
N ALA D 69 -13.02 -24.66 -23.15
CA ALA D 69 -13.52 -23.48 -23.86
C ALA D 69 -13.80 -22.36 -22.87
N ILE D 70 -14.15 -21.18 -23.44
CA ILE D 70 -14.48 -20.01 -22.63
C ILE D 70 -15.90 -20.17 -22.10
N ASN D 71 -16.04 -20.92 -21.01
CA ASN D 71 -17.33 -21.11 -20.34
C ASN D 71 -17.55 -19.95 -19.37
N ARG D 72 -18.51 -19.08 -19.69
CA ARG D 72 -18.75 -17.86 -18.91
C ARG D 72 -19.35 -18.16 -17.54
N ALA D 73 -19.77 -19.39 -17.28
CA ALA D 73 -20.24 -19.74 -15.94
C ALA D 73 -19.16 -19.50 -14.90
N ASN D 74 -17.94 -19.90 -15.21
CA ASN D 74 -16.82 -19.70 -14.29
C ASN D 74 -16.63 -18.21 -14.05
N PRO D 75 -16.74 -17.73 -12.80
CA PRO D 75 -16.71 -16.28 -12.55
C PRO D 75 -15.37 -15.63 -12.89
N GLU D 76 -14.26 -16.35 -12.79
CA GLU D 76 -12.97 -15.78 -13.20
C GLU D 76 -13.00 -15.42 -14.67
N VAL D 77 -13.53 -16.33 -15.50
CA VAL D 77 -13.64 -16.07 -16.93
C VAL D 77 -14.54 -14.87 -17.17
N ALA D 78 -15.73 -14.88 -16.59
CA ALA D 78 -16.68 -13.81 -16.88
C ALA D 78 -16.19 -12.48 -16.36
N SER D 79 -15.41 -12.48 -15.28
CA SER D 79 -14.79 -11.24 -14.82
C SER D 79 -13.80 -10.70 -15.86
N ALA D 80 -12.94 -11.58 -16.39
CA ALA D 80 -11.94 -11.13 -17.36
C ALA D 80 -12.60 -10.61 -18.62
N LEU D 81 -13.65 -11.30 -19.08
CA LEU D 81 -14.31 -10.86 -20.30
C LEU D 81 -14.92 -9.48 -20.13
N GLU D 82 -15.53 -9.21 -18.98
CA GLU D 82 -16.15 -7.92 -18.76
C GLU D 82 -15.12 -6.81 -18.66
N ARG D 83 -13.87 -7.15 -18.38
CA ARG D 83 -12.79 -6.18 -18.29
C ARG D 83 -11.91 -6.17 -19.53
N ARG D 84 -12.33 -6.86 -20.61
CA ARG D 84 -11.59 -6.93 -21.86
C ARG D 84 -10.23 -7.62 -21.70
N ILE D 85 -10.05 -8.37 -20.63
CA ILE D 85 -8.82 -9.13 -20.45
C ILE D 85 -8.86 -10.33 -21.37
N PRO D 86 -7.93 -10.46 -22.31
CA PRO D 86 -8.00 -11.57 -23.27
C PRO D 86 -7.98 -12.93 -22.58
N VAL D 87 -8.76 -13.84 -23.14
CA VAL D 87 -8.88 -15.21 -22.67
C VAL D 87 -8.46 -16.10 -23.84
N VAL D 88 -7.39 -16.88 -23.64
CA VAL D 88 -6.84 -17.65 -24.74
C VAL D 88 -6.93 -19.15 -24.42
N PRO D 89 -7.30 -19.98 -25.39
CA PRO D 89 -7.32 -21.42 -25.15
C PRO D 89 -5.95 -21.95 -24.77
N ARG D 90 -5.95 -22.95 -23.89
CA ARG D 90 -4.75 -23.67 -23.47
C ARG D 90 -3.83 -23.97 -24.65
N ALA D 91 -4.40 -24.47 -25.75
CA ALA D 91 -3.58 -24.92 -26.88
C ALA D 91 -2.88 -23.77 -27.57
N GLU D 92 -3.42 -22.56 -27.51
CA GLU D 92 -2.76 -21.44 -28.17
C GLU D 92 -1.57 -20.94 -27.35
N MET D 93 -1.72 -20.90 -26.03
CA MET D 93 -0.59 -20.53 -25.18
C MET D 93 0.53 -21.55 -25.33
N LEU D 94 0.16 -22.83 -25.42
CA LEU D 94 1.15 -23.87 -25.63
C LEU D 94 1.94 -23.66 -26.92
N ALA D 95 1.27 -23.30 -28.00
CA ALA D 95 1.96 -23.10 -29.27
C ALA D 95 2.95 -21.94 -29.20
N GLU D 96 2.65 -20.90 -28.40
CA GLU D 96 3.47 -19.70 -28.37
C GLU D 96 4.77 -19.87 -27.59
N LEU D 97 4.90 -20.91 -26.77
CA LEU D 97 6.17 -21.15 -26.09
C LEU D 97 7.33 -21.23 -27.08
N MET D 98 7.05 -21.69 -28.31
CA MET D 98 8.09 -21.87 -29.30
C MET D 98 8.77 -20.58 -29.70
N ARG D 99 8.08 -19.45 -29.61
CA ARG D 99 8.71 -18.17 -29.91
C ARG D 99 9.89 -17.86 -29.00
N TYR D 100 10.00 -18.49 -27.84
CA TYR D 100 11.06 -18.15 -26.90
C TYR D 100 12.22 -19.11 -26.95
N ARG D 101 12.14 -20.15 -27.76
CA ARG D 101 13.09 -21.25 -27.74
C ARG D 101 13.43 -21.60 -29.18
N HIS D 102 14.47 -22.44 -29.35
CA HIS D 102 14.80 -23.02 -30.65
C HIS D 102 13.81 -24.16 -30.86
N GLY D 103 12.73 -23.87 -31.58
CA GLY D 103 11.59 -24.76 -31.63
C GLY D 103 11.70 -25.73 -32.78
N ILE D 104 11.41 -26.99 -32.50
CA ILE D 104 11.35 -28.06 -33.50
C ILE D 104 9.91 -28.58 -33.52
N ALA D 105 9.22 -28.37 -34.64
CA ALA D 105 7.82 -28.76 -34.82
C ALA D 105 7.75 -30.05 -35.61
N VAL D 106 7.17 -31.08 -35.02
CA VAL D 106 7.07 -32.39 -35.67
C VAL D 106 5.66 -32.53 -36.20
N ALA D 107 5.47 -32.30 -37.50
CA ALA D 107 4.17 -32.43 -38.15
C ALA D 107 4.09 -33.72 -38.95
N GLY D 108 2.87 -34.04 -39.35
CA GLY D 108 2.58 -35.28 -40.03
C GLY D 108 1.31 -35.79 -39.38
N THR D 109 0.54 -36.54 -40.15
CA THR D 109 -0.65 -37.13 -39.57
C THR D 109 -0.29 -38.26 -38.61
N HIS D 110 0.56 -39.17 -39.06
CA HIS D 110 0.93 -40.34 -38.28
C HIS D 110 2.40 -40.26 -37.90
N GLY D 111 2.69 -40.59 -36.64
CA GLY D 111 4.08 -40.69 -36.22
C GLY D 111 4.65 -39.48 -35.50
N LYS D 112 3.81 -38.50 -35.16
CA LYS D 112 4.34 -37.31 -34.48
C LYS D 112 4.93 -37.70 -33.14
N THR D 113 4.25 -38.60 -32.44
CA THR D 113 4.60 -38.88 -31.05
C THR D 113 5.95 -39.60 -30.95
N THR D 114 6.14 -40.64 -31.77
CA THR D 114 7.41 -41.37 -31.68
C THR D 114 8.57 -40.51 -32.15
N THR D 115 8.38 -39.79 -33.26
CA THR D 115 9.44 -38.94 -33.80
C THR D 115 9.83 -37.85 -32.81
N THR D 116 8.84 -37.19 -32.19
CA THR D 116 9.14 -36.22 -31.14
C THR D 116 9.96 -36.86 -30.02
N SER D 117 9.57 -38.05 -29.60
CA SER D 117 10.30 -38.71 -28.52
C SER D 117 11.70 -39.12 -28.96
N LEU D 118 11.85 -39.57 -30.21
CA LEU D 118 13.18 -39.90 -30.70
C LEU D 118 14.06 -38.67 -30.68
N ILE D 119 13.55 -37.55 -31.19
CA ILE D 119 14.27 -36.29 -31.17
C ILE D 119 14.69 -35.93 -29.75
N ALA D 120 13.74 -35.98 -28.81
CA ALA D 120 14.07 -35.70 -27.42
C ALA D 120 15.18 -36.61 -26.93
N SER D 121 15.07 -37.90 -27.24
CA SER D 121 16.04 -38.86 -26.73
C SER D 121 17.45 -38.57 -27.25
N VAL D 122 17.55 -38.18 -28.52
CA VAL D 122 18.87 -37.95 -29.10
C VAL D 122 19.47 -36.67 -28.58
N PHE D 123 18.68 -35.59 -28.50
CA PHE D 123 19.17 -34.36 -27.91
C PHE D 123 19.55 -34.55 -26.44
N ALA D 124 18.79 -35.38 -25.71
CA ALA D 124 19.17 -35.69 -24.34
C ALA D 124 20.51 -36.38 -24.30
N ALA D 125 20.74 -37.32 -25.22
CA ALA D 125 22.04 -37.97 -25.30
C ALA D 125 23.14 -36.95 -25.55
N GLY D 126 22.84 -35.89 -26.30
CA GLY D 126 23.83 -34.87 -26.54
C GLY D 126 23.99 -33.87 -25.43
N GLY D 127 23.36 -34.10 -24.27
CA GLY D 127 23.48 -33.21 -23.15
C GLY D 127 22.60 -31.99 -23.20
N LEU D 128 21.59 -31.96 -24.09
CA LEU D 128 20.81 -30.76 -24.34
C LEU D 128 19.50 -30.69 -23.54
N ASP D 129 19.09 -31.79 -22.89
CA ASP D 129 17.94 -31.82 -21.99
C ASP D 129 16.68 -31.10 -22.50
N PRO D 130 16.22 -31.41 -23.72
CA PRO D 130 15.14 -30.62 -24.31
C PRO D 130 13.84 -30.73 -23.55
N THR D 131 13.02 -29.68 -23.65
CA THR D 131 11.62 -29.79 -23.28
C THR D 131 10.86 -30.29 -24.49
N PHE D 132 9.90 -31.20 -24.28
CA PHE D 132 9.16 -31.72 -25.43
C PHE D 132 7.69 -31.95 -25.10
N VAL D 133 6.85 -31.82 -26.13
CA VAL D 133 5.40 -31.85 -25.98
C VAL D 133 4.89 -33.03 -26.79
N ILE D 134 4.35 -34.04 -26.11
CA ILE D 134 3.57 -35.09 -26.74
C ILE D 134 2.20 -35.12 -26.06
N GLY D 135 1.16 -35.26 -26.87
CA GLY D 135 -0.20 -35.27 -26.36
C GLY D 135 -0.60 -34.01 -25.60
N GLY D 136 -0.03 -32.86 -25.96
CA GLY D 136 -0.28 -31.64 -25.22
C GLY D 136 0.34 -31.56 -23.83
N ARG D 137 1.22 -32.50 -23.47
CA ARG D 137 1.83 -32.53 -22.14
C ARG D 137 3.33 -32.25 -22.27
N LEU D 138 3.82 -31.26 -21.51
CA LEU D 138 5.23 -30.91 -21.57
C LEU D 138 6.04 -31.84 -20.69
N ASN D 139 7.21 -32.22 -21.19
CA ASN D 139 8.08 -33.19 -20.54
C ASN D 139 9.52 -32.76 -20.68
N ALA D 140 10.37 -33.35 -19.87
CA ALA D 140 11.82 -33.27 -19.97
C ALA D 140 12.35 -34.40 -19.11
N ALA D 141 13.66 -34.63 -19.17
CA ALA D 141 14.25 -35.70 -18.37
C ALA D 141 14.82 -35.21 -17.04
N GLY D 142 14.99 -33.89 -16.86
CA GLY D 142 15.73 -33.40 -15.71
C GLY D 142 14.95 -33.38 -14.41
N THR D 143 13.62 -33.42 -14.49
CA THR D 143 12.73 -33.60 -13.33
C THR D 143 12.82 -32.51 -12.26
N ASN D 144 13.98 -32.34 -11.62
CA ASN D 144 14.11 -31.25 -10.66
C ASN D 144 14.13 -29.89 -11.36
N ALA D 145 14.73 -29.83 -12.56
CA ALA D 145 14.83 -28.57 -13.31
C ALA D 145 13.49 -28.17 -13.92
N GLN D 146 13.23 -26.87 -13.94
CA GLN D 146 11.97 -26.35 -14.48
C GLN D 146 11.83 -26.69 -15.95
N LEU D 147 10.62 -27.06 -16.37
CA LEU D 147 10.36 -27.22 -17.78
C LEU D 147 10.69 -25.94 -18.52
N GLY D 148 11.15 -26.07 -19.76
CA GLY D 148 11.52 -24.93 -20.56
C GLY D 148 12.93 -24.41 -20.35
N ALA D 149 13.72 -25.05 -19.51
CA ALA D 149 15.06 -24.53 -19.22
C ALA D 149 16.01 -24.73 -20.38
N SER D 150 15.80 -25.78 -21.18
CA SER D 150 16.62 -26.03 -22.36
C SER D 150 16.45 -24.91 -23.39
N ARG D 151 17.46 -24.73 -24.24
CA ARG D 151 17.31 -23.88 -25.42
C ARG D 151 16.27 -24.46 -26.38
N TYR D 152 15.98 -25.75 -26.28
CA TYR D 152 15.25 -26.49 -27.30
C TYR D 152 13.87 -26.84 -26.81
N LEU D 153 12.88 -26.64 -27.68
CA LEU D 153 11.51 -27.10 -27.45
C LEU D 153 11.09 -27.95 -28.64
N VAL D 154 10.80 -29.24 -28.40
CA VAL D 154 10.38 -30.19 -29.43
C VAL D 154 8.90 -30.47 -29.24
N ALA D 155 8.09 -30.25 -30.28
CA ALA D 155 6.65 -30.31 -30.09
C ALA D 155 5.93 -30.93 -31.28
N GLU D 156 4.97 -31.80 -30.99
CA GLU D 156 4.07 -32.28 -32.02
C GLU D 156 3.31 -31.10 -32.61
N ALA D 157 3.08 -31.14 -33.91
CA ALA D 157 2.30 -30.12 -34.60
C ALA D 157 1.15 -30.81 -35.32
N ASP D 158 -0.06 -30.68 -34.77
CA ASP D 158 -1.25 -31.38 -35.24
C ASP D 158 -2.01 -30.48 -36.19
N GLU D 159 -2.28 -30.98 -37.40
CA GLU D 159 -2.93 -30.17 -38.41
C GLU D 159 -4.42 -29.98 -38.16
N SER D 160 -4.99 -30.68 -37.17
CA SER D 160 -6.38 -30.44 -36.81
C SER D 160 -6.51 -29.41 -35.69
N ASP D 161 -5.40 -28.99 -35.12
CA ASP D 161 -5.41 -28.03 -34.03
C ASP D 161 -5.50 -26.61 -34.57
N ALA D 162 -6.39 -25.81 -33.99
CA ALA D 162 -6.57 -24.44 -34.44
C ALA D 162 -5.29 -23.61 -34.34
N SER D 163 -4.29 -24.07 -33.62
CA SER D 163 -3.05 -23.30 -33.53
C SER D 163 -1.99 -23.73 -34.54
N PHE D 164 -2.24 -24.79 -35.32
CA PHE D 164 -1.29 -25.32 -36.29
C PHE D 164 -0.52 -24.23 -37.05
N LEU D 165 -1.23 -23.25 -37.61
CA LEU D 165 -0.62 -22.21 -38.43
C LEU D 165 -0.10 -21.03 -37.61
N HIS D 166 -0.01 -21.18 -36.29
CA HIS D 166 0.57 -20.15 -35.44
C HIS D 166 1.83 -20.63 -34.74
N LEU D 167 2.35 -21.79 -35.11
CA LEU D 167 3.64 -22.23 -34.60
C LEU D 167 4.76 -21.48 -35.29
N GLN D 168 5.79 -21.14 -34.54
CA GLN D 168 6.95 -20.43 -35.08
C GLN D 168 8.21 -21.24 -34.82
N PRO D 169 8.39 -22.35 -35.52
CA PRO D 169 9.56 -23.20 -35.30
C PRO D 169 10.78 -22.74 -36.08
N MET D 170 11.93 -23.27 -35.68
CA MET D 170 13.16 -23.17 -36.43
C MET D 170 13.35 -24.33 -37.39
N VAL D 171 12.87 -25.50 -37.00
CA VAL D 171 12.93 -26.72 -37.79
C VAL D 171 11.53 -27.30 -37.82
N ALA D 172 11.12 -27.80 -38.98
CA ALA D 172 9.78 -28.38 -39.11
C ALA D 172 9.90 -29.69 -39.86
N VAL D 173 9.37 -30.75 -39.27
CA VAL D 173 9.32 -32.07 -39.87
C VAL D 173 7.92 -32.29 -40.42
N VAL D 174 7.84 -32.89 -41.60
CA VAL D 174 6.58 -33.41 -42.10
C VAL D 174 6.78 -34.89 -42.37
N THR D 175 6.20 -35.74 -41.51
CA THR D 175 6.41 -37.18 -41.65
C THR D 175 5.56 -37.77 -42.78
N ASN D 176 4.34 -37.26 -42.96
CA ASN D 176 3.37 -37.75 -43.95
C ASN D 176 2.12 -36.88 -43.88
N ILE D 177 1.32 -36.94 -44.93
CA ILE D 177 0.13 -36.10 -45.06
C ILE D 177 -1.01 -37.02 -45.48
N ASP D 178 -1.97 -37.21 -44.57
CA ASP D 178 -3.09 -38.12 -44.77
C ASP D 178 -4.38 -37.31 -44.70
N ALA D 179 -5.48 -37.95 -45.07
CA ALA D 179 -6.76 -37.28 -45.21
C ALA D 179 -7.61 -37.35 -43.95
N ASP D 180 -7.05 -37.82 -42.83
CA ASP D 180 -7.80 -37.93 -41.57
C ASP D 180 -8.55 -36.65 -41.23
N HIS D 181 -7.97 -35.48 -41.49
CA HIS D 181 -8.50 -34.23 -40.97
C HIS D 181 -8.94 -33.27 -42.08
N MET D 182 -9.30 -33.83 -43.23
CA MET D 182 -10.06 -33.09 -44.25
C MET D 182 -11.21 -32.27 -43.67
N ALA D 183 -11.93 -32.79 -42.67
CA ALA D 183 -13.09 -32.05 -42.15
C ALA D 183 -12.68 -30.69 -41.61
N THR D 184 -11.52 -30.61 -40.96
CA THR D 184 -10.96 -29.34 -40.48
C THR D 184 -10.84 -28.33 -41.61
N TYR D 185 -10.69 -28.80 -42.84
CA TYR D 185 -10.45 -27.94 -43.99
C TYR D 185 -11.52 -28.07 -45.06
N GLY D 186 -12.77 -27.83 -44.70
CA GLY D 186 -13.88 -27.89 -45.64
C GLY D 186 -14.09 -29.24 -46.30
N GLY D 187 -13.53 -30.31 -45.73
CA GLY D 187 -13.62 -31.63 -46.34
C GLY D 187 -12.92 -31.74 -47.67
N ASP D 188 -11.81 -31.02 -47.85
CA ASP D 188 -11.12 -30.97 -49.13
C ASP D 188 -9.64 -31.30 -48.94
N PHE D 189 -9.19 -32.43 -49.52
CA PHE D 189 -7.80 -32.85 -49.32
C PHE D 189 -6.82 -31.86 -49.96
N ASN D 190 -7.24 -31.18 -51.03
CA ASN D 190 -6.37 -30.16 -51.62
C ASN D 190 -6.18 -28.97 -50.68
N LYS D 191 -7.21 -28.59 -49.91
CA LYS D 191 -7.04 -27.53 -48.92
C LYS D 191 -6.14 -27.99 -47.79
N LEU D 192 -6.29 -29.27 -47.39
CA LEU D 192 -5.42 -29.82 -46.36
C LEU D 192 -3.96 -29.77 -46.80
N LYS D 193 -3.67 -30.19 -48.04
CA LYS D 193 -2.30 -30.13 -48.55
C LYS D 193 -1.76 -28.71 -48.49
N LYS D 194 -2.55 -27.73 -48.99
CA LYS D 194 -2.09 -26.35 -49.01
C LYS D 194 -1.79 -25.83 -47.61
N THR D 195 -2.48 -26.38 -46.59
CA THR D 195 -2.20 -25.98 -45.22
C THR D 195 -0.81 -26.42 -44.77
N PHE D 196 -0.37 -27.61 -45.18
CA PHE D 196 1.00 -28.05 -44.90
C PHE D 196 2.02 -27.14 -45.58
N VAL D 197 1.72 -26.63 -46.77
CA VAL D 197 2.60 -25.65 -47.39
C VAL D 197 2.63 -24.37 -46.55
N GLU D 198 1.45 -23.88 -46.14
CA GLU D 198 1.40 -22.69 -45.31
C GLU D 198 2.16 -22.91 -44.01
N PHE D 199 2.08 -24.12 -43.46
CA PHE D 199 2.78 -24.40 -42.21
C PHE D 199 4.28 -24.29 -42.39
N LEU D 200 4.82 -24.92 -43.44
CA LEU D 200 6.26 -24.85 -43.69
C LEU D 200 6.70 -23.43 -44.00
N HIS D 201 5.81 -22.60 -44.51
CA HIS D 201 6.19 -21.23 -44.79
C HIS D 201 6.25 -20.36 -43.55
N ASN D 202 5.83 -20.87 -42.37
CA ASN D 202 6.11 -20.14 -41.13
C ASN D 202 7.55 -20.29 -40.68
N LEU D 203 8.30 -21.23 -41.26
CA LEU D 203 9.73 -21.25 -41.07
C LEU D 203 10.35 -19.94 -41.54
N PRO D 204 11.36 -19.42 -40.86
CA PRO D 204 12.12 -18.31 -41.43
C PRO D 204 13.00 -18.83 -42.56
N PHE D 205 13.52 -17.90 -43.37
CA PHE D 205 14.39 -18.30 -44.47
C PHE D 205 15.64 -19.05 -43.98
N TYR D 206 16.11 -18.78 -42.75
CA TYR D 206 17.23 -19.56 -42.20
C TYR D 206 16.75 -20.88 -41.57
N GLY D 207 15.46 -21.19 -41.61
CA GLY D 207 14.93 -22.39 -40.99
C GLY D 207 15.28 -23.63 -41.80
N LEU D 208 14.69 -24.76 -41.37
CA LEU D 208 14.88 -26.01 -42.07
C LEU D 208 13.58 -26.80 -42.13
N ALA D 209 13.23 -27.28 -43.33
CA ALA D 209 12.12 -28.20 -43.53
C ALA D 209 12.67 -29.61 -43.74
N VAL D 210 12.16 -30.57 -42.98
CA VAL D 210 12.61 -31.95 -43.02
C VAL D 210 11.44 -32.78 -43.53
N MET D 211 11.57 -33.35 -44.74
CA MET D 211 10.44 -33.84 -45.54
C MET D 211 10.60 -35.31 -45.86
N CYS D 212 9.61 -36.11 -45.49
CA CYS D 212 9.62 -37.51 -45.87
C CYS D 212 9.17 -37.64 -47.31
N VAL D 213 10.11 -37.87 -48.24
CA VAL D 213 9.72 -38.01 -49.64
C VAL D 213 9.27 -39.43 -49.98
N ASP D 214 9.21 -40.33 -49.01
CA ASP D 214 8.57 -41.63 -49.24
C ASP D 214 7.06 -41.50 -49.30
N ASP D 215 6.51 -40.40 -48.78
CA ASP D 215 5.11 -40.01 -48.89
C ASP D 215 4.89 -39.30 -50.22
N PRO D 216 3.93 -39.73 -51.05
CA PRO D 216 3.79 -39.11 -52.38
C PRO D 216 3.21 -37.72 -52.32
N VAL D 217 2.46 -37.40 -51.27
CA VAL D 217 1.88 -36.08 -51.12
C VAL D 217 2.93 -35.07 -50.64
N VAL D 218 3.81 -35.50 -49.72
CA VAL D 218 4.95 -34.66 -49.35
C VAL D 218 5.82 -34.40 -50.57
N ARG D 219 6.04 -35.42 -51.39
CA ARG D 219 6.86 -35.25 -52.59
C ARG D 219 6.16 -34.37 -53.62
N GLU D 220 4.83 -34.32 -53.59
CA GLU D 220 4.08 -33.47 -54.51
C GLU D 220 4.23 -31.99 -54.15
N ILE D 221 4.20 -31.65 -52.86
CA ILE D 221 4.28 -30.24 -52.48
C ILE D 221 5.70 -29.74 -52.35
N LEU D 222 6.70 -30.63 -52.35
CA LEU D 222 8.11 -30.24 -52.20
C LEU D 222 8.52 -29.03 -53.03
N PRO D 223 8.18 -28.92 -54.32
CA PRO D 223 8.64 -27.74 -55.09
C PRO D 223 7.99 -26.41 -54.67
N GLN D 224 6.93 -26.43 -53.88
CA GLN D 224 6.34 -25.20 -53.39
C GLN D 224 7.04 -24.65 -52.16
N ILE D 225 7.89 -25.45 -51.52
CA ILE D 225 8.47 -25.05 -50.26
C ILE D 225 9.66 -24.19 -50.60
N ALA D 226 9.58 -22.92 -50.26
CA ALA D 226 10.66 -21.99 -50.58
C ALA D 226 11.51 -21.73 -49.35
N ARG D 227 11.83 -22.78 -48.62
CA ARG D 227 12.68 -22.77 -47.43
C ARG D 227 13.73 -23.84 -47.61
N PRO D 228 14.89 -23.72 -46.96
CA PRO D 228 15.88 -24.80 -47.03
C PRO D 228 15.27 -26.11 -46.59
N THR D 229 15.57 -27.17 -47.35
CA THR D 229 14.89 -28.46 -47.26
C THR D 229 15.90 -29.61 -47.25
N VAL D 230 15.66 -30.60 -46.40
CA VAL D 230 16.39 -31.86 -46.45
C VAL D 230 15.37 -32.97 -46.49
N THR D 231 15.50 -33.85 -47.47
CA THR D 231 14.55 -34.94 -47.63
C THR D 231 15.13 -36.23 -47.06
N TYR D 232 14.24 -37.08 -46.56
CA TYR D 232 14.67 -38.36 -46.01
C TYR D 232 13.67 -39.42 -46.41
N GLY D 233 14.10 -40.67 -46.32
CA GLY D 233 13.25 -41.78 -46.65
C GLY D 233 14.06 -42.99 -47.08
N LEU D 234 13.34 -44.03 -47.45
CA LEU D 234 13.95 -45.17 -48.13
C LEU D 234 14.18 -44.91 -49.61
N SER D 235 13.55 -43.89 -50.18
CA SER D 235 13.70 -43.61 -51.61
C SER D 235 15.17 -43.35 -51.96
N GLU D 236 15.59 -43.89 -53.11
CA GLU D 236 16.98 -43.79 -53.53
C GLU D 236 17.40 -42.35 -53.77
N ASP D 237 16.45 -41.43 -53.94
CA ASP D 237 16.79 -40.04 -54.23
C ASP D 237 16.58 -39.10 -53.04
N ALA D 238 16.30 -39.63 -51.85
CA ALA D 238 16.23 -38.80 -50.66
C ALA D 238 17.65 -38.42 -50.21
N ASP D 239 17.77 -37.22 -49.61
CA ASP D 239 19.08 -36.74 -49.17
C ASP D 239 19.65 -37.65 -48.08
N VAL D 240 18.81 -38.09 -47.16
CA VAL D 240 19.21 -38.90 -46.03
C VAL D 240 18.42 -40.19 -46.12
N ARG D 241 19.12 -41.31 -46.34
CA ARG D 241 18.49 -42.59 -46.68
C ARG D 241 18.90 -43.67 -45.69
N ALA D 242 18.08 -44.71 -45.62
CA ALA D 242 18.41 -45.96 -44.92
C ALA D 242 18.57 -47.08 -45.94
N ILE D 243 19.69 -47.81 -45.84
CA ILE D 243 19.94 -49.02 -46.64
C ILE D 243 20.31 -50.15 -45.68
N ASN D 244 20.32 -51.37 -46.22
CA ASN D 244 20.75 -52.57 -45.48
C ASN D 244 19.99 -52.72 -44.17
N ILE D 245 18.67 -52.61 -44.25
CA ILE D 245 17.84 -52.81 -43.08
C ILE D 245 17.84 -54.30 -42.72
N ARG D 246 18.15 -54.59 -41.47
CA ARG D 246 18.21 -55.97 -41.01
CA ARG D 246 18.35 -55.94 -40.97
C ARG D 246 17.78 -56.01 -39.55
N GLN D 247 17.76 -57.22 -38.97
CA GLN D 247 17.19 -57.41 -37.65
C GLN D 247 18.09 -58.29 -36.79
N GLU D 248 17.99 -58.07 -35.47
CA GLU D 248 18.66 -58.87 -34.45
C GLU D 248 17.77 -58.81 -33.20
N GLY D 249 16.85 -59.76 -33.10
CA GLY D 249 15.89 -59.75 -32.01
C GLY D 249 14.74 -58.79 -32.25
N MET D 250 14.37 -58.02 -31.22
CA MET D 250 13.38 -56.95 -31.36
C MET D 250 14.01 -55.64 -31.80
N ARG D 251 15.27 -55.67 -32.22
CA ARG D 251 16.03 -54.48 -32.58
C ARG D 251 16.23 -54.45 -34.09
N THR D 252 16.10 -53.26 -34.66
CA THR D 252 16.26 -53.04 -36.10
C THR D 252 17.56 -52.29 -36.33
N TRP D 253 18.37 -52.81 -37.24
CA TRP D 253 19.63 -52.20 -37.64
C TRP D 253 19.53 -51.66 -39.06
N PHE D 254 20.23 -50.57 -39.33
CA PHE D 254 20.34 -50.10 -40.69
C PHE D 254 21.49 -49.10 -40.78
N THR D 255 21.98 -48.92 -42.00
CA THR D 255 22.98 -47.92 -42.30
C THR D 255 22.30 -46.66 -42.83
N VAL D 256 22.61 -45.51 -42.23
CA VAL D 256 22.04 -44.24 -42.67
C VAL D 256 23.06 -43.50 -43.51
N LEU D 257 22.64 -43.06 -44.71
CA LEU D 257 23.49 -42.33 -45.64
C LEU D 257 23.18 -40.84 -45.57
N ARG D 258 24.23 -40.03 -45.48
CA ARG D 258 24.04 -38.59 -45.36
C ARG D 258 24.98 -37.86 -46.32
N PRO D 259 24.59 -36.67 -46.76
CA PRO D 259 25.46 -35.89 -47.66
C PRO D 259 26.77 -35.49 -46.98
N GLU D 260 27.87 -35.71 -47.70
CA GLU D 260 29.22 -35.35 -47.22
C GLU D 260 29.52 -35.96 -45.84
N ARG D 261 28.99 -37.15 -45.54
CA ARG D 261 29.36 -37.90 -44.34
C ARG D 261 29.52 -39.37 -44.68
N GLU D 262 30.31 -40.08 -43.87
CA GLU D 262 30.47 -41.52 -44.03
C GLU D 262 29.18 -42.24 -43.64
N PRO D 263 28.96 -43.44 -44.16
CA PRO D 263 27.79 -44.22 -43.74
C PRO D 263 27.86 -44.51 -42.24
N LEU D 264 26.71 -44.48 -41.58
CA LEU D 264 26.65 -44.61 -40.14
C LEU D 264 25.70 -45.76 -39.79
N ASP D 265 26.21 -46.74 -39.06
CA ASP D 265 25.40 -47.87 -38.66
C ASP D 265 24.62 -47.50 -37.41
N VAL D 266 23.34 -47.83 -37.41
CA VAL D 266 22.42 -47.33 -36.41
C VAL D 266 21.45 -48.45 -36.09
N SER D 267 20.98 -48.49 -34.84
CA SER D 267 19.97 -49.45 -34.44
C SER D 267 18.92 -48.76 -33.60
N VAL D 268 17.66 -49.17 -33.77
CA VAL D 268 16.53 -48.66 -32.99
C VAL D 268 15.80 -49.84 -32.36
N ASN D 269 15.27 -49.62 -31.17
CA ASN D 269 14.68 -50.72 -30.38
C ASN D 269 13.20 -50.85 -30.62
N MET D 270 12.79 -50.74 -31.89
CA MET D 270 11.39 -50.76 -32.29
C MET D 270 11.32 -51.35 -33.69
N PRO D 271 10.23 -52.04 -34.03
CA PRO D 271 10.13 -52.67 -35.35
C PRO D 271 9.40 -51.78 -36.35
N GLY D 272 9.51 -52.20 -37.61
CA GLY D 272 8.77 -51.60 -38.72
C GLY D 272 9.53 -50.47 -39.38
N LEU D 273 9.27 -50.30 -40.69
CA LEU D 273 9.95 -49.24 -41.44
C LEU D 273 9.54 -47.86 -40.96
N HIS D 274 8.34 -47.71 -40.40
CA HIS D 274 7.96 -46.40 -39.88
C HIS D 274 8.89 -45.96 -38.76
N ASN D 275 9.39 -46.89 -37.95
CA ASN D 275 10.39 -46.52 -36.96
C ASN D 275 11.77 -46.30 -37.57
N VAL D 276 12.05 -46.88 -38.73
CA VAL D 276 13.24 -46.48 -39.48
C VAL D 276 13.10 -45.05 -39.98
N LEU D 277 11.90 -44.69 -40.44
CA LEU D 277 11.66 -43.34 -40.93
C LEU D 277 11.68 -42.32 -39.79
N ASN D 278 11.11 -42.67 -38.62
CA ASN D 278 11.22 -41.82 -37.45
C ASN D 278 12.68 -41.56 -37.11
N SER D 279 13.53 -42.57 -37.28
CA SER D 279 14.94 -42.40 -36.96
C SER D 279 15.64 -41.54 -38.00
N LEU D 280 15.25 -41.67 -39.27
CA LEU D 280 15.85 -40.82 -40.29
C LEU D 280 15.51 -39.36 -40.06
N ALA D 281 14.25 -39.07 -39.72
CA ALA D 281 13.86 -37.70 -39.41
C ALA D 281 14.71 -37.15 -38.26
N THR D 282 14.85 -37.95 -37.20
CA THR D 282 15.69 -37.57 -36.07
C THR D 282 17.14 -37.36 -36.49
N ILE D 283 17.68 -38.28 -37.28
CA ILE D 283 19.07 -38.16 -37.72
C ILE D 283 19.25 -36.87 -38.50
N VAL D 284 18.30 -36.51 -39.37
CA VAL D 284 18.41 -35.24 -40.10
C VAL D 284 18.47 -34.07 -39.14
N ILE D 285 17.53 -34.01 -38.17
CA ILE D 285 17.50 -32.89 -37.23
C ILE D 285 18.84 -32.80 -36.49
N ALA D 286 19.28 -33.92 -35.91
CA ALA D 286 20.44 -33.93 -35.04
C ALA D 286 21.71 -33.59 -35.82
N THR D 287 21.82 -34.09 -37.06
CA THR D 287 22.98 -33.74 -37.88
C THR D 287 23.02 -32.25 -38.17
N ASP D 288 21.89 -31.69 -38.63
CA ASP D 288 21.85 -30.28 -38.94
C ASP D 288 22.19 -29.43 -37.72
N GLU D 289 21.82 -29.88 -36.53
CA GLU D 289 22.08 -29.16 -35.30
C GLU D 289 23.52 -29.32 -34.83
N GLY D 290 24.28 -30.24 -35.42
CA GLY D 290 25.67 -30.42 -35.02
C GLY D 290 25.90 -31.46 -33.94
N ILE D 291 24.90 -32.29 -33.65
CA ILE D 291 25.04 -33.29 -32.62
C ILE D 291 25.90 -34.44 -33.14
N SER D 292 26.73 -35.00 -32.26
CA SER D 292 27.72 -35.99 -32.67
C SER D 292 27.09 -37.33 -33.06
N ASP D 293 27.83 -38.09 -33.88
CA ASP D 293 27.41 -39.45 -34.23
C ASP D 293 27.16 -40.28 -33.00
N GLU D 294 27.98 -40.12 -31.95
CA GLU D 294 27.85 -40.97 -30.78
C GLU D 294 26.55 -40.68 -30.01
N ALA D 295 26.19 -39.41 -29.86
CA ALA D 295 24.92 -39.08 -29.22
C ALA D 295 23.73 -39.54 -30.06
N ILE D 296 23.87 -39.53 -31.39
CA ILE D 296 22.80 -40.02 -32.24
C ILE D 296 22.62 -41.51 -32.04
N VAL D 297 23.73 -42.25 -32.01
CA VAL D 297 23.63 -43.69 -31.83
C VAL D 297 23.11 -44.01 -30.43
N GLN D 298 23.61 -43.32 -29.41
CA GLN D 298 23.12 -43.56 -28.06
C GLN D 298 21.64 -43.23 -27.92
N GLY D 299 21.20 -42.10 -28.50
CA GLY D 299 19.82 -41.68 -28.34
C GLY D 299 18.83 -42.60 -29.04
N LEU D 300 19.13 -42.97 -30.29
CA LEU D 300 18.25 -43.87 -31.02
C LEU D 300 18.23 -45.25 -30.39
N SER D 301 19.40 -45.71 -29.94
CA SER D 301 19.54 -47.06 -29.44
C SER D 301 18.85 -47.23 -28.09
N GLY D 302 19.04 -46.27 -27.19
CA GLY D 302 18.53 -46.42 -25.86
C GLY D 302 17.08 -46.06 -25.69
N PHE D 303 16.36 -45.84 -26.79
CA PHE D 303 14.96 -45.42 -26.71
C PHE D 303 14.06 -46.63 -26.56
N GLN D 304 13.33 -46.69 -25.45
CA GLN D 304 12.43 -47.80 -25.17
C GLN D 304 11.06 -47.61 -25.83
N HIS E 1 18.31 -3.23 -9.74
CA HIS E 1 18.33 -1.77 -9.58
C HIS E 1 18.05 -1.09 -10.92
N ARG E 2 17.12 -0.12 -10.94
CA ARG E 2 16.49 0.32 -12.18
C ARG E 2 16.31 1.83 -12.32
N ARG E 3 16.43 2.63 -11.26
CA ARG E 3 16.30 4.09 -11.38
C ARG E 3 17.59 4.78 -10.99
N ILE E 4 18.17 5.53 -11.92
CA ILE E 4 19.40 6.26 -11.70
C ILE E 4 19.09 7.75 -11.60
N HIS E 5 19.58 8.39 -10.54
CA HIS E 5 19.36 9.81 -10.32
C HIS E 5 20.67 10.57 -10.48
N PHE E 6 20.67 11.59 -11.32
CA PHE E 6 21.86 12.41 -11.58
C PHE E 6 21.75 13.72 -10.82
N VAL E 7 22.71 14.00 -9.95
CA VAL E 7 22.80 15.30 -9.31
C VAL E 7 23.66 16.22 -10.19
N GLY E 8 23.04 17.26 -10.74
CA GLY E 8 23.72 18.11 -11.71
C GLY E 8 23.58 17.59 -13.13
N ILE E 9 22.38 17.12 -13.51
CA ILE E 9 22.22 16.34 -14.74
C ILE E 9 22.42 17.18 -16.00
N GLY E 10 22.30 18.50 -15.91
CA GLY E 10 22.50 19.31 -17.11
C GLY E 10 23.96 19.50 -17.47
N GLY E 11 24.85 19.47 -16.50
CA GLY E 11 26.21 19.85 -16.75
C GLY E 11 27.05 18.74 -17.36
N ALA E 12 28.35 19.04 -17.43
CA ALA E 12 29.50 18.15 -17.62
C ALA E 12 29.20 17.13 -18.71
N GLY E 13 29.74 15.92 -18.57
CA GLY E 13 29.27 14.83 -19.38
C GLY E 13 28.29 14.02 -18.57
N MET E 14 27.47 14.72 -17.79
CA MET E 14 26.36 14.05 -17.12
C MET E 14 25.23 13.75 -18.09
N CYS E 15 24.88 14.72 -18.97
CA CYS E 15 23.68 14.56 -19.79
C CYS E 15 23.82 13.37 -20.75
N GLY E 16 24.96 13.26 -21.43
CA GLY E 16 25.18 12.13 -22.32
C GLY E 16 25.09 10.78 -21.62
N ILE E 17 25.63 10.68 -20.40
CA ILE E 17 25.50 9.41 -19.69
C ILE E 17 24.04 9.12 -19.41
N ALA E 18 23.30 10.14 -18.99
CA ALA E 18 21.89 9.97 -18.70
C ALA E 18 21.13 9.56 -19.96
N GLU E 19 21.46 10.17 -21.11
CA GLU E 19 20.80 9.80 -22.36
C GLU E 19 21.05 8.35 -22.73
N VAL E 20 22.27 7.86 -22.51
CA VAL E 20 22.53 6.45 -22.83
C VAL E 20 21.74 5.52 -21.91
N LEU E 21 21.62 5.86 -20.62
CA LEU E 21 20.89 4.99 -19.72
C LEU E 21 19.41 4.97 -20.08
N LEU E 22 18.86 6.08 -20.56
CA LEU E 22 17.52 6.05 -21.10
C LEU E 22 17.45 5.11 -22.28
N ASN E 23 18.48 5.13 -23.13
CA ASN E 23 18.49 4.25 -24.29
C ASN E 23 18.56 2.80 -23.89
N LEU E 24 19.18 2.49 -22.75
CA LEU E 24 19.24 1.12 -22.27
C LEU E 24 17.94 0.69 -21.62
N GLY E 25 17.00 1.60 -21.40
CA GLY E 25 15.73 1.27 -20.77
C GLY E 25 15.67 1.46 -19.28
N TYR E 26 16.58 2.22 -18.69
CA TYR E 26 16.49 2.51 -17.27
C TYR E 26 15.59 3.71 -17.03
N GLU E 27 14.98 3.76 -15.85
CA GLU E 27 14.41 5.01 -15.36
C GLU E 27 15.55 5.95 -15.00
N VAL E 28 15.50 7.17 -15.51
CA VAL E 28 16.52 8.16 -15.21
C VAL E 28 15.83 9.41 -14.67
N SER E 29 16.42 9.97 -13.62
CA SER E 29 15.95 11.23 -13.08
C SER E 29 17.16 12.11 -12.84
N GLY E 30 16.91 13.41 -12.71
CA GLY E 30 18.01 14.33 -12.49
C GLY E 30 17.53 15.61 -11.85
N SER E 31 18.43 16.27 -11.15
CA SER E 31 18.20 17.60 -10.59
C SER E 31 19.18 18.57 -11.22
N ASP E 32 18.79 19.84 -11.26
CA ASP E 32 19.67 20.89 -11.73
C ASP E 32 19.15 22.22 -11.22
N LEU E 33 20.04 23.22 -11.19
CA LEU E 33 19.66 24.53 -10.68
C LEU E 33 18.79 25.30 -11.65
N LYS E 34 18.96 25.09 -12.95
CA LYS E 34 18.18 25.80 -13.95
C LYS E 34 17.83 24.88 -15.10
N ALA E 35 16.60 24.97 -15.59
CA ALA E 35 16.24 24.24 -16.78
C ALA E 35 16.98 24.80 -17.99
N SER E 36 17.29 23.92 -18.94
CA SER E 36 17.97 24.29 -20.18
C SER E 36 17.48 23.38 -21.30
N ALA E 37 17.92 23.68 -22.53
CA ALA E 37 17.55 22.81 -23.64
C ALA E 37 18.06 21.39 -23.43
N VAL E 38 19.11 21.22 -22.61
CA VAL E 38 19.64 19.90 -22.32
C VAL E 38 18.67 19.12 -21.43
N THR E 39 18.14 19.75 -20.38
CA THR E 39 17.13 19.08 -19.58
C THR E 39 15.84 18.85 -20.37
N GLU E 40 15.50 19.76 -21.31
CA GLU E 40 14.29 19.57 -22.09
C GLU E 40 14.43 18.36 -23.01
N ARG E 41 15.60 18.19 -23.64
CA ARG E 41 15.81 17.01 -24.48
C ARG E 41 15.76 15.73 -23.65
N LEU E 42 16.37 15.73 -22.46
CA LEU E 42 16.32 14.55 -21.61
C LEU E 42 14.88 14.27 -21.19
N GLU E 43 14.15 15.31 -20.82
CA GLU E 43 12.76 15.13 -20.43
C GLU E 43 11.94 14.57 -21.60
N LYS E 44 12.21 15.05 -22.82
CA LYS E 44 11.52 14.53 -24.00
C LYS E 44 11.83 13.05 -24.22
N PHE E 45 13.02 12.61 -23.84
CA PHE E 45 13.44 11.21 -23.96
C PHE E 45 13.04 10.35 -22.77
N GLY E 46 12.31 10.90 -21.78
CA GLY E 46 11.76 10.09 -20.71
C GLY E 46 12.34 10.34 -19.34
N ALA E 47 13.31 11.26 -19.20
CA ALA E 47 13.91 11.53 -17.91
C ALA E 47 13.00 12.43 -17.08
N GLN E 48 12.97 12.20 -15.77
CA GLN E 48 12.27 13.10 -14.87
C GLN E 48 13.28 14.12 -14.34
N ILE E 49 12.98 15.40 -14.55
CA ILE E 49 13.89 16.49 -14.25
C ILE E 49 13.34 17.29 -13.07
N PHE E 50 14.17 17.52 -12.06
CA PHE E 50 13.84 18.35 -10.91
C PHE E 50 14.72 19.60 -10.96
N ILE E 51 14.10 20.76 -10.73
CA ILE E 51 14.84 22.01 -10.62
C ILE E 51 15.07 22.31 -9.15
N GLY E 52 16.30 22.64 -8.80
CA GLY E 52 16.61 22.83 -7.40
C GLY E 52 17.00 21.53 -6.70
N HIS E 53 17.85 21.67 -5.68
CA HIS E 53 18.37 20.52 -4.95
C HIS E 53 17.57 20.36 -3.67
N GLN E 54 16.76 19.31 -3.62
CA GLN E 54 15.93 19.02 -2.47
C GLN E 54 16.03 17.52 -2.21
N ALA E 55 16.11 17.15 -0.94
CA ALA E 55 16.33 15.75 -0.56
C ALA E 55 15.38 14.82 -1.31
N GLU E 56 14.11 15.20 -1.41
CA GLU E 56 13.10 14.35 -2.03
C GLU E 56 13.42 13.98 -3.48
N ASN E 57 14.24 14.78 -4.17
CA ASN E 57 14.55 14.46 -5.56
C ASN E 57 15.18 13.08 -5.72
N ALA E 58 15.73 12.51 -4.65
CA ALA E 58 16.40 11.23 -4.70
C ALA E 58 15.50 10.08 -4.28
N ASP E 59 14.25 10.34 -3.91
CA ASP E 59 13.32 9.28 -3.55
C ASP E 59 13.19 8.28 -4.69
N GLY E 60 13.21 7.00 -4.35
CA GLY E 60 13.09 5.94 -5.32
C GLY E 60 14.34 5.64 -6.14
N ALA E 61 15.37 6.46 -6.09
CA ALA E 61 16.58 6.18 -6.86
C ALA E 61 17.27 4.93 -6.33
N ASP E 62 17.77 4.10 -7.23
CA ASP E 62 18.60 2.97 -6.82
C ASP E 62 20.08 3.30 -6.80
N VAL E 63 20.50 4.36 -7.49
CA VAL E 63 21.88 4.82 -7.48
C VAL E 63 21.84 6.30 -7.81
N LEU E 64 22.77 7.05 -7.21
CA LEU E 64 22.99 8.46 -7.53
C LEU E 64 24.30 8.63 -8.28
N VAL E 65 24.31 9.49 -9.28
CA VAL E 65 25.52 9.86 -9.99
C VAL E 65 25.78 11.33 -9.70
N VAL E 66 27.01 11.63 -9.27
CA VAL E 66 27.46 12.99 -9.01
C VAL E 66 28.67 13.26 -9.92
N SER E 67 28.78 14.51 -10.39
CA SER E 67 29.87 14.87 -11.28
C SER E 67 31.18 15.04 -10.53
N SER E 68 31.13 15.78 -9.43
CA SER E 68 32.31 16.08 -8.63
C SER E 68 32.45 15.03 -7.54
N ALA E 69 33.17 15.35 -6.48
CA ALA E 69 33.27 14.44 -5.36
C ALA E 69 31.99 14.49 -4.51
N ILE E 70 31.87 13.53 -3.60
CA ILE E 70 30.70 13.45 -2.73
C ILE E 70 30.78 14.62 -1.75
N ASN E 71 30.01 15.68 -2.06
CA ASN E 71 30.00 16.86 -1.21
C ASN E 71 29.42 16.56 0.18
N ARG E 72 28.22 15.98 0.21
CA ARG E 72 27.46 15.63 1.41
C ARG E 72 26.74 16.85 1.98
N ALA E 73 27.10 18.07 1.55
CA ALA E 73 26.25 19.22 1.83
C ALA E 73 25.02 19.22 0.93
N ASN E 74 25.12 18.68 -0.28
CA ASN E 74 23.95 18.56 -1.14
C ASN E 74 22.90 17.69 -0.45
N PRO E 75 21.68 18.18 -0.24
CA PRO E 75 20.69 17.36 0.48
C PRO E 75 20.30 16.07 -0.25
N GLU E 76 20.29 16.06 -1.60
CA GLU E 76 20.05 14.82 -2.34
C GLU E 76 21.11 13.79 -2.00
N VAL E 77 22.38 14.22 -1.98
CA VAL E 77 23.47 13.31 -1.71
C VAL E 77 23.42 12.83 -0.26
N ALA E 78 23.16 13.74 0.68
CA ALA E 78 23.10 13.34 2.08
C ALA E 78 21.92 12.42 2.35
N SER E 79 20.82 12.62 1.64
CA SER E 79 19.70 11.70 1.78
C SER E 79 20.05 10.32 1.28
N ALA E 80 20.68 10.23 0.10
CA ALA E 80 21.08 8.94 -0.43
C ALA E 80 22.07 8.23 0.51
N LEU E 81 23.04 8.97 1.06
CA LEU E 81 24.00 8.34 1.95
C LEU E 81 23.32 7.80 3.20
N GLU E 82 22.34 8.55 3.72
CA GLU E 82 21.64 8.14 4.94
C GLU E 82 20.86 6.85 4.70
N ARG E 83 20.28 6.69 3.51
CA ARG E 83 19.48 5.52 3.18
C ARG E 83 20.30 4.43 2.51
N ARG E 84 21.63 4.56 2.50
CA ARG E 84 22.51 3.54 1.93
C ARG E 84 22.25 3.33 0.44
N ILE E 85 21.91 4.39 -0.27
CA ILE E 85 21.84 4.38 -1.74
C ILE E 85 23.25 4.69 -2.24
N PRO E 86 23.86 3.80 -3.02
CA PRO E 86 25.22 4.09 -3.51
C PRO E 86 25.26 5.38 -4.31
N VAL E 87 26.38 6.09 -4.15
CA VAL E 87 26.65 7.34 -4.82
C VAL E 87 27.92 7.11 -5.62
N VAL E 88 27.81 7.08 -6.94
CA VAL E 88 28.96 6.75 -7.77
C VAL E 88 29.39 8.01 -8.50
N PRO E 89 30.67 8.21 -8.74
CA PRO E 89 31.07 9.38 -9.52
C PRO E 89 30.83 9.17 -11.01
N ARG E 90 30.69 10.30 -11.69
CA ARG E 90 30.47 10.34 -13.13
C ARG E 90 31.33 9.35 -13.89
N ALA E 91 32.64 9.38 -13.63
CA ALA E 91 33.56 8.61 -14.44
C ALA E 91 33.31 7.12 -14.32
N GLU E 92 32.86 6.65 -13.16
CA GLU E 92 32.58 5.23 -13.01
C GLU E 92 31.32 4.85 -13.78
N MET E 93 30.32 5.72 -13.77
CA MET E 93 29.11 5.36 -14.50
C MET E 93 29.37 5.39 -16.00
N LEU E 94 30.19 6.35 -16.45
CA LEU E 94 30.61 6.39 -17.84
C LEU E 94 31.39 5.15 -18.23
N ALA E 95 32.23 4.64 -17.34
CA ALA E 95 32.95 3.41 -17.66
C ALA E 95 32.00 2.23 -17.80
N GLU E 96 30.95 2.18 -17.00
CA GLU E 96 30.06 1.01 -17.03
C GLU E 96 29.20 0.93 -18.28
N LEU E 97 28.96 2.05 -18.97
CA LEU E 97 28.21 1.98 -20.22
C LEU E 97 28.79 0.94 -21.15
N MET E 98 30.10 0.72 -21.10
CA MET E 98 30.76 -0.17 -22.02
C MET E 98 30.33 -1.63 -21.86
N ARG E 99 29.80 -2.02 -20.69
CA ARG E 99 29.32 -3.39 -20.52
C ARG E 99 28.05 -3.68 -21.30
N TYR E 100 27.40 -2.67 -21.88
CA TYR E 100 26.16 -2.91 -22.61
C TYR E 100 26.34 -2.94 -24.10
N ARG E 101 27.56 -2.73 -24.57
CA ARG E 101 27.85 -2.41 -25.96
C ARG E 101 29.11 -3.13 -26.39
N HIS E 102 29.38 -3.13 -27.68
CA HIS E 102 30.66 -3.61 -28.17
C HIS E 102 31.68 -2.49 -27.93
N GLY E 103 32.42 -2.60 -26.83
CA GLY E 103 33.24 -1.50 -26.35
C GLY E 103 34.63 -1.55 -26.97
N ILE E 104 35.06 -0.39 -27.46
CA ILE E 104 36.40 -0.22 -28.01
C ILE E 104 37.09 0.83 -27.14
N ALA E 105 38.07 0.40 -26.36
CA ALA E 105 38.78 1.26 -25.43
C ALA E 105 40.09 1.70 -26.08
N VAL E 106 40.28 3.01 -26.20
CA VAL E 106 41.46 3.57 -26.84
C VAL E 106 42.34 4.11 -25.72
N ALA E 107 43.39 3.36 -25.38
CA ALA E 107 44.31 3.75 -24.32
C ALA E 107 45.64 4.16 -24.93
N GLY E 108 46.45 4.81 -24.11
CA GLY E 108 47.73 5.32 -24.54
C GLY E 108 47.82 6.71 -23.98
N THR E 109 49.03 7.14 -23.65
CA THR E 109 49.19 8.43 -22.99
C THR E 109 48.90 9.58 -23.97
N HIS E 110 49.33 9.45 -25.22
CA HIS E 110 49.15 10.52 -26.21
C HIS E 110 48.34 10.00 -27.40
N GLY E 111 47.47 10.85 -27.93
CA GLY E 111 46.73 10.49 -29.13
C GLY E 111 45.48 9.66 -28.92
N LYS E 112 44.97 9.59 -27.69
CA LYS E 112 43.69 8.93 -27.45
C LYS E 112 42.59 9.63 -28.22
N THR E 113 42.62 10.96 -28.24
CA THR E 113 41.51 11.73 -28.77
C THR E 113 41.40 11.58 -30.29
N THR E 114 42.51 11.77 -30.99
CA THR E 114 42.49 11.65 -32.45
C THR E 114 42.16 10.23 -32.88
N THR E 115 42.75 9.24 -32.21
CA THR E 115 42.48 7.86 -32.58
C THR E 115 41.01 7.50 -32.36
N THR E 116 40.42 7.97 -31.25
CA THR E 116 39.01 7.71 -30.99
C THR E 116 38.12 8.32 -32.06
N SER E 117 38.43 9.56 -32.46
CA SER E 117 37.67 10.22 -33.51
C SER E 117 37.84 9.53 -34.86
N LEU E 118 39.03 9.00 -35.13
CA LEU E 118 39.28 8.34 -36.41
C LEU E 118 38.47 7.04 -36.50
N ILE E 119 38.48 6.26 -35.42
CA ILE E 119 37.67 5.05 -35.35
C ILE E 119 36.20 5.37 -35.54
N ALA E 120 35.72 6.40 -34.84
CA ALA E 120 34.33 6.80 -35.01
C ALA E 120 34.06 7.18 -36.45
N SER E 121 34.97 7.94 -37.05
CA SER E 121 34.75 8.39 -38.43
C SER E 121 34.69 7.22 -39.39
N VAL E 122 35.53 6.21 -39.18
CA VAL E 122 35.57 5.04 -40.06
C VAL E 122 34.32 4.18 -39.84
N PHE E 123 33.97 3.88 -38.59
CA PHE E 123 32.72 3.19 -38.29
C PHE E 123 31.51 3.96 -38.81
N ALA E 124 31.50 5.29 -38.66
CA ALA E 124 30.40 6.07 -39.24
C ALA E 124 30.34 5.88 -40.75
N ALA E 125 31.47 5.90 -41.44
CA ALA E 125 31.45 5.74 -42.88
C ALA E 125 30.91 4.38 -43.28
N GLY E 126 31.15 3.35 -42.45
CA GLY E 126 30.58 2.04 -42.67
C GLY E 126 29.14 1.89 -42.23
N GLY E 127 28.47 2.99 -41.90
CA GLY E 127 27.07 2.97 -41.55
C GLY E 127 26.76 2.54 -40.13
N LEU E 128 27.76 2.50 -39.24
CA LEU E 128 27.54 1.96 -37.90
C LEU E 128 27.22 3.00 -36.84
N ASP E 129 27.25 4.30 -37.18
CA ASP E 129 26.88 5.42 -36.30
C ASP E 129 27.31 5.24 -34.84
N PRO E 130 28.59 5.01 -34.57
CA PRO E 130 29.02 4.73 -33.20
C PRO E 130 28.80 5.90 -32.27
N THR E 131 28.53 5.59 -31.02
CA THR E 131 28.63 6.57 -29.94
C THR E 131 30.08 6.57 -29.47
N PHE E 132 30.66 7.76 -29.29
CA PHE E 132 32.04 7.80 -28.81
C PHE E 132 32.21 8.84 -27.72
N VAL E 133 33.29 8.66 -26.95
CA VAL E 133 33.58 9.44 -25.75
C VAL E 133 34.94 10.09 -25.94
N ILE E 134 34.94 11.40 -26.09
CA ILE E 134 36.16 12.21 -26.15
C ILE E 134 36.09 13.22 -25.00
N GLY E 135 37.12 13.21 -24.15
CA GLY E 135 37.16 14.15 -23.04
C GLY E 135 36.00 14.06 -22.07
N GLY E 136 35.54 12.85 -21.76
CA GLY E 136 34.41 12.71 -20.86
C GLY E 136 33.05 13.05 -21.45
N ARG E 137 32.96 13.37 -22.74
CA ARG E 137 31.70 13.78 -23.38
C ARG E 137 31.27 12.76 -24.44
N LEU E 138 30.02 12.32 -24.39
CA LEU E 138 29.51 11.37 -25.37
C LEU E 138 29.00 12.11 -26.59
N ASN E 139 29.31 11.53 -27.77
CA ASN E 139 28.96 12.08 -29.07
C ASN E 139 28.49 10.96 -29.99
N ALA E 140 27.70 11.35 -30.98
CA ALA E 140 27.40 10.50 -32.12
C ALA E 140 27.01 11.42 -33.25
N ALA E 141 27.21 10.98 -34.48
CA ALA E 141 26.96 11.89 -35.60
C ALA E 141 25.47 12.16 -35.82
N GLY E 142 24.58 11.24 -35.39
CA GLY E 142 23.20 11.26 -35.84
C GLY E 142 22.33 12.36 -35.24
N THR E 143 22.66 12.82 -34.03
CA THR E 143 22.10 14.06 -33.44
C THR E 143 20.62 14.00 -33.05
N ASN E 144 19.76 13.47 -33.91
CA ASN E 144 18.37 13.27 -33.49
C ASN E 144 18.21 11.95 -32.72
N ALA E 145 19.01 10.93 -33.07
CA ALA E 145 18.94 9.61 -32.44
C ALA E 145 19.63 9.63 -31.07
N GLN E 146 19.07 8.88 -30.12
CA GLN E 146 19.62 8.84 -28.77
C GLN E 146 21.05 8.33 -28.79
N LEU E 147 21.87 8.92 -27.92
CA LEU E 147 23.20 8.38 -27.68
C LEU E 147 23.09 6.95 -27.20
N GLY E 148 24.04 6.11 -27.58
CA GLY E 148 24.02 4.73 -27.19
C GLY E 148 23.25 3.81 -28.11
N ALA E 149 22.56 4.35 -29.10
CA ALA E 149 21.75 3.52 -29.99
C ALA E 149 22.60 2.54 -30.80
N SER E 150 23.80 2.94 -31.19
CA SER E 150 24.67 2.03 -31.91
C SER E 150 25.05 0.82 -31.05
N ARG E 151 25.40 -0.28 -31.71
CA ARG E 151 26.01 -1.40 -31.01
C ARG E 151 27.39 -1.05 -30.47
N TYR E 152 28.03 -0.02 -31.00
CA TYR E 152 29.42 0.26 -30.72
C TYR E 152 29.56 1.46 -29.80
N LEU E 153 30.49 1.33 -28.85
CA LEU E 153 30.87 2.42 -27.95
C LEU E 153 32.39 2.55 -28.01
N VAL E 154 32.87 3.66 -28.56
CA VAL E 154 34.30 3.93 -28.68
C VAL E 154 34.67 4.97 -27.63
N ALA E 155 35.60 4.64 -26.73
CA ALA E 155 35.96 5.55 -25.65
C ALA E 155 37.45 5.63 -25.43
N GLU E 156 37.96 6.83 -25.20
CA GLU E 156 39.32 6.95 -24.73
C GLU E 156 39.39 6.44 -23.29
N ALA E 157 40.48 5.77 -22.97
CA ALA E 157 40.71 5.21 -21.66
C ALA E 157 41.95 5.86 -21.07
N ASP E 158 41.77 6.58 -19.98
CA ASP E 158 42.84 7.41 -19.40
C ASP E 158 43.42 6.68 -18.21
N GLU E 159 44.71 6.36 -18.27
CA GLU E 159 45.32 5.59 -17.18
C GLU E 159 45.40 6.38 -15.88
N SER E 160 45.19 7.69 -15.89
CA SER E 160 45.18 8.42 -14.62
C SER E 160 43.81 8.44 -13.97
N ASP E 161 42.79 7.92 -14.66
CA ASP E 161 41.42 7.93 -14.18
C ASP E 161 41.15 6.76 -13.24
N ALA E 162 40.42 7.01 -12.16
CA ALA E 162 40.18 5.95 -11.18
C ALA E 162 39.45 4.75 -11.77
N SER E 163 38.73 4.91 -12.89
CA SER E 163 37.98 3.79 -13.46
C SER E 163 38.73 3.03 -14.55
N PHE E 164 40.03 3.31 -14.75
CA PHE E 164 40.81 2.69 -15.84
C PHE E 164 40.69 1.17 -15.85
N LEU E 165 40.85 0.54 -14.69
CA LEU E 165 40.80 -0.91 -14.58
C LEU E 165 39.39 -1.46 -14.42
N HIS E 166 38.36 -0.63 -14.61
CA HIS E 166 36.99 -1.12 -14.55
C HIS E 166 36.29 -1.00 -15.90
N LEU E 167 37.05 -0.71 -16.96
CA LEU E 167 36.51 -0.84 -18.29
C LEU E 167 36.40 -2.31 -18.66
N GLN E 168 35.35 -2.65 -19.40
CA GLN E 168 35.16 -4.01 -19.90
C GLN E 168 35.00 -3.94 -21.40
N PRO E 169 36.05 -3.62 -22.13
CA PRO E 169 35.95 -3.50 -23.58
C PRO E 169 36.06 -4.85 -24.26
N MET E 170 35.63 -4.87 -25.53
CA MET E 170 35.88 -6.00 -26.42
C MET E 170 37.19 -5.87 -27.14
N VAL E 171 37.60 -4.63 -27.41
CA VAL E 171 38.79 -4.29 -28.15
C VAL E 171 39.48 -3.16 -27.41
N ALA E 172 40.79 -3.27 -27.25
CA ALA E 172 41.57 -2.25 -26.56
C ALA E 172 42.80 -1.89 -27.37
N VAL E 173 42.99 -0.59 -27.60
CA VAL E 173 44.20 -0.05 -28.23
C VAL E 173 45.12 0.51 -27.16
N VAL E 174 46.42 0.30 -27.34
CA VAL E 174 47.46 1.00 -26.58
C VAL E 174 48.35 1.71 -27.59
N THR E 175 48.23 3.04 -27.69
CA THR E 175 48.96 3.76 -28.72
C THR E 175 50.40 4.04 -28.32
N ASN E 176 50.67 4.22 -27.02
CA ASN E 176 51.99 4.47 -26.46
C ASN E 176 51.83 4.57 -24.95
N ILE E 177 52.94 4.43 -24.24
CA ILE E 177 52.95 4.49 -22.78
C ILE E 177 54.03 5.48 -22.38
N ASP E 178 53.63 6.65 -21.90
CA ASP E 178 54.53 7.68 -21.41
C ASP E 178 54.44 7.76 -19.89
N ALA E 179 55.27 8.60 -19.28
CA ALA E 179 55.38 8.67 -17.83
C ALA E 179 54.65 9.86 -17.23
N ASP E 180 53.81 10.56 -18.01
CA ASP E 180 53.12 11.75 -17.51
C ASP E 180 52.43 11.48 -16.18
N HIS E 181 51.72 10.35 -16.09
CA HIS E 181 50.86 10.03 -14.96
C HIS E 181 51.50 9.04 -14.00
N MET E 182 52.82 9.09 -13.85
CA MET E 182 53.48 8.34 -12.80
C MET E 182 52.99 8.74 -11.41
N ALA E 183 52.51 9.97 -11.22
CA ALA E 183 52.06 10.35 -9.88
C ALA E 183 50.88 9.52 -9.41
N THR E 184 50.02 9.08 -10.34
CA THR E 184 48.90 8.22 -10.00
C THR E 184 49.38 6.88 -9.46
N TYR E 185 50.56 6.42 -9.88
CA TYR E 185 51.06 5.13 -9.43
C TYR E 185 52.31 5.27 -8.55
N GLY E 186 52.20 6.01 -7.46
CA GLY E 186 53.31 6.12 -6.53
C GLY E 186 54.59 6.68 -7.13
N GLY E 187 54.47 7.48 -8.18
CA GLY E 187 55.65 7.98 -8.87
C GLY E 187 56.60 6.91 -9.35
N ASP E 188 56.05 5.80 -9.88
CA ASP E 188 56.86 4.67 -10.31
C ASP E 188 56.44 4.27 -11.72
N PHE E 189 57.33 4.44 -12.70
CA PHE E 189 56.99 4.09 -14.06
C PHE E 189 56.76 2.59 -14.23
N ASN E 190 57.41 1.76 -13.42
CA ASN E 190 57.19 0.33 -13.52
C ASN E 190 55.81 -0.09 -13.04
N LYS E 191 55.25 0.59 -12.03
CA LYS E 191 53.86 0.31 -11.66
C LYS E 191 52.92 0.74 -12.78
N LEU E 192 53.23 1.87 -13.41
CA LEU E 192 52.42 2.32 -14.54
C LEU E 192 52.42 1.28 -15.66
N LYS E 193 53.58 0.70 -15.95
CA LYS E 193 53.63 -0.34 -16.98
C LYS E 193 52.77 -1.52 -16.57
N LYS E 194 52.85 -1.94 -15.31
CA LYS E 194 52.05 -3.07 -14.84
C LYS E 194 50.57 -2.79 -15.00
N THR E 195 50.17 -1.54 -14.79
CA THR E 195 48.76 -1.21 -14.92
C THR E 195 48.26 -1.35 -16.35
N PHE E 196 49.11 -1.09 -17.36
CA PHE E 196 48.68 -1.31 -18.74
C PHE E 196 48.50 -2.79 -19.03
N VAL E 197 49.38 -3.64 -18.47
CA VAL E 197 49.16 -5.08 -18.54
C VAL E 197 47.83 -5.46 -17.90
N GLU E 198 47.57 -4.96 -16.68
CA GLU E 198 46.30 -5.27 -16.02
C GLU E 198 45.12 -4.81 -16.85
N PHE E 199 45.27 -3.66 -17.50
CA PHE E 199 44.20 -3.12 -18.32
C PHE E 199 43.90 -4.06 -19.48
N LEU E 200 44.94 -4.52 -20.17
CA LEU E 200 44.74 -5.43 -21.29
C LEU E 200 44.19 -6.77 -20.81
N HIS E 201 44.52 -7.19 -19.60
CA HIS E 201 43.96 -8.44 -19.11
C HIS E 201 42.52 -8.30 -18.65
N ASN E 202 41.92 -7.11 -18.75
CA ASN E 202 40.48 -7.04 -18.59
C ASN E 202 39.74 -7.39 -19.89
N LEU E 203 40.46 -7.52 -20.99
CA LEU E 203 39.91 -8.13 -22.19
C LEU E 203 39.47 -9.56 -21.91
N PRO E 204 38.38 -10.03 -22.51
CA PRO E 204 38.09 -11.46 -22.49
C PRO E 204 39.00 -12.20 -23.48
N PHE E 205 39.09 -13.52 -23.32
CA PHE E 205 39.91 -14.32 -24.22
C PHE E 205 39.50 -14.17 -25.69
N TYR E 206 38.25 -13.79 -25.98
CA TYR E 206 37.84 -13.53 -27.35
C TYR E 206 38.03 -12.06 -27.74
N GLY E 207 38.56 -11.24 -26.84
CA GLY E 207 38.81 -9.84 -27.14
C GLY E 207 39.99 -9.70 -28.08
N LEU E 208 40.35 -8.43 -28.32
CA LEU E 208 41.50 -8.09 -29.15
C LEU E 208 42.29 -6.94 -28.53
N ALA E 209 43.60 -7.14 -28.37
CA ALA E 209 44.50 -6.05 -28.03
C ALA E 209 45.22 -5.57 -29.29
N VAL E 210 45.23 -4.26 -29.48
CA VAL E 210 45.83 -3.60 -30.63
C VAL E 210 46.98 -2.74 -30.09
N MET E 211 48.20 -3.11 -30.45
CA MET E 211 49.42 -2.68 -29.77
C MET E 211 50.35 -1.99 -30.75
N CYS E 212 50.74 -0.77 -30.43
CA CYS E 212 51.69 -0.05 -31.27
C CYS E 212 53.09 -0.47 -30.86
N VAL E 213 53.71 -1.37 -31.63
CA VAL E 213 55.05 -1.82 -31.30
C VAL E 213 56.14 -0.85 -31.69
N ASP E 214 55.80 0.33 -32.23
CA ASP E 214 56.82 1.36 -32.39
C ASP E 214 57.19 2.02 -31.06
N ASP E 215 56.32 1.91 -30.07
CA ASP E 215 56.62 2.33 -28.71
C ASP E 215 57.42 1.24 -28.02
N PRO E 216 58.60 1.55 -27.47
CA PRO E 216 59.42 0.47 -26.91
C PRO E 216 58.84 -0.10 -25.65
N VAL E 217 58.06 0.67 -24.91
CA VAL E 217 57.46 0.14 -23.70
C VAL E 217 56.32 -0.82 -24.05
N VAL E 218 55.55 -0.49 -25.08
CA VAL E 218 54.51 -1.41 -25.54
C VAL E 218 55.12 -2.71 -26.03
N ARG E 219 56.19 -2.62 -26.82
CA ARG E 219 56.88 -3.81 -27.29
C ARG E 219 57.41 -4.62 -26.12
N GLU E 220 57.78 -3.94 -25.03
CA GLU E 220 58.36 -4.63 -23.87
C GLU E 220 57.34 -5.47 -23.15
N ILE E 221 56.10 -4.97 -23.01
CA ILE E 221 55.10 -5.72 -22.25
C ILE E 221 54.35 -6.73 -23.10
N LEU E 222 54.47 -6.65 -24.43
CA LEU E 222 53.79 -7.52 -25.39
C LEU E 222 53.81 -9.00 -25.00
N PRO E 223 54.93 -9.58 -24.57
CA PRO E 223 54.91 -11.00 -24.18
C PRO E 223 54.03 -11.32 -22.98
N GLN E 224 53.68 -10.34 -22.17
CA GLN E 224 52.83 -10.62 -21.01
C GLN E 224 51.36 -10.65 -21.35
N ILE E 225 50.99 -10.26 -22.57
CA ILE E 225 49.59 -10.13 -22.91
C ILE E 225 49.10 -11.50 -23.33
N ALA E 226 48.15 -12.04 -22.58
CA ALA E 226 47.70 -13.38 -22.89
C ALA E 226 46.32 -13.28 -23.55
N ARG E 227 46.19 -12.38 -24.52
CA ARG E 227 44.97 -12.12 -25.25
C ARG E 227 45.33 -12.03 -26.72
N PRO E 228 44.39 -12.29 -27.62
CA PRO E 228 44.65 -12.09 -29.05
C PRO E 228 45.13 -10.67 -29.31
N THR E 229 46.23 -10.57 -30.07
CA THR E 229 46.99 -9.35 -30.25
C THR E 229 47.26 -9.13 -31.72
N VAL E 230 47.04 -7.91 -32.20
CA VAL E 230 47.52 -7.47 -33.50
C VAL E 230 48.38 -6.25 -33.28
N THR E 231 49.60 -6.28 -33.80
CA THR E 231 50.52 -5.17 -33.59
C THR E 231 50.53 -4.30 -34.84
N TYR E 232 50.83 -3.02 -34.65
CA TYR E 232 50.87 -2.08 -35.75
C TYR E 232 52.00 -1.08 -35.54
N GLY E 233 52.42 -0.48 -36.64
CA GLY E 233 53.39 0.60 -36.60
C GLY E 233 54.16 0.65 -37.90
N LEU E 234 55.18 1.53 -37.88
CA LEU E 234 56.16 1.60 -38.96
C LEU E 234 57.19 0.49 -38.90
N SER E 235 57.38 -0.11 -37.73
CA SER E 235 58.34 -1.20 -37.56
C SER E 235 58.14 -2.26 -38.64
N GLU E 236 59.25 -2.78 -39.17
CA GLU E 236 59.15 -3.77 -40.24
C GLU E 236 58.49 -5.06 -39.76
N ASP E 237 58.51 -5.34 -38.45
CA ASP E 237 57.97 -6.59 -37.91
C ASP E 237 56.54 -6.46 -37.38
N ALA E 238 55.91 -5.31 -37.56
CA ALA E 238 54.52 -5.13 -37.14
C ALA E 238 53.56 -5.89 -38.05
N ASP E 239 52.47 -6.42 -37.46
CA ASP E 239 51.50 -7.15 -38.27
C ASP E 239 50.88 -6.25 -39.33
N VAL E 240 50.57 -5.01 -38.97
CA VAL E 240 49.91 -4.04 -39.84
C VAL E 240 50.83 -2.82 -39.91
N ARG E 241 51.29 -2.49 -41.12
CA ARG E 241 52.39 -1.56 -41.34
C ARG E 241 52.03 -0.53 -42.40
N ALA E 242 52.67 0.63 -42.31
CA ALA E 242 52.63 1.64 -43.36
C ALA E 242 53.97 1.70 -44.08
N ILE E 243 53.92 1.79 -45.39
CA ILE E 243 55.11 1.99 -46.21
C ILE E 243 54.77 3.08 -47.22
N ASN E 244 55.81 3.52 -47.95
CA ASN E 244 55.67 4.49 -49.03
C ASN E 244 54.91 5.74 -48.59
N ILE E 245 55.29 6.27 -47.43
CA ILE E 245 54.65 7.49 -46.95
C ILE E 245 55.09 8.65 -47.82
N ARG E 246 54.14 9.49 -48.23
CA ARG E 246 54.45 10.63 -49.08
CA ARG E 246 54.40 10.60 -49.15
C ARG E 246 53.41 11.72 -48.83
N GLN E 247 53.62 12.86 -49.47
CA GLN E 247 52.74 13.99 -49.27
C GLN E 247 52.26 14.56 -50.59
N GLU E 248 51.03 15.09 -50.55
CA GLU E 248 50.45 15.91 -51.62
C GLU E 248 49.64 17.00 -50.95
N GLY E 249 50.18 18.22 -50.93
CA GLY E 249 49.54 19.27 -50.16
C GLY E 249 49.47 18.90 -48.70
N MET E 250 48.38 19.30 -48.04
CA MET E 250 48.19 19.02 -46.62
C MET E 250 47.77 17.58 -46.36
N ARG E 251 47.78 16.73 -47.38
CA ARG E 251 47.32 15.35 -47.25
C ARG E 251 48.51 14.39 -47.25
N THR E 252 48.47 13.40 -46.36
CA THR E 252 49.50 12.38 -46.24
C THR E 252 48.98 11.09 -46.85
N TRP E 253 49.77 10.50 -47.75
CA TRP E 253 49.42 9.24 -48.40
C TRP E 253 50.34 8.14 -47.89
N PHE E 254 49.81 6.92 -47.81
CA PHE E 254 50.66 5.77 -47.56
C PHE E 254 49.94 4.49 -47.92
N THR E 255 50.71 3.42 -47.99
CA THR E 255 50.21 2.08 -48.25
C THR E 255 50.22 1.27 -46.95
N VAL E 256 49.08 0.67 -46.61
CA VAL E 256 48.96 -0.13 -45.41
C VAL E 256 48.98 -1.60 -45.79
N LEU E 257 49.87 -2.36 -45.16
CA LEU E 257 50.01 -3.80 -45.36
C LEU E 257 49.32 -4.52 -44.22
N ARG E 258 48.51 -5.52 -44.55
CA ARG E 258 47.76 -6.31 -43.59
C ARG E 258 47.94 -7.79 -43.90
N PRO E 259 47.93 -8.63 -42.88
CA PRO E 259 48.08 -10.07 -43.12
C PRO E 259 46.94 -10.60 -43.98
N GLU E 260 47.29 -11.37 -45.02
CA GLU E 260 46.34 -12.01 -45.92
C GLU E 260 45.43 -11.01 -46.64
N ARG E 261 45.86 -9.75 -46.81
CA ARG E 261 45.14 -8.78 -47.63
C ARG E 261 46.10 -8.12 -48.62
N GLU E 262 45.55 -7.62 -49.72
CA GLU E 262 46.34 -6.86 -50.66
C GLU E 262 46.70 -5.50 -50.07
N PRO E 263 47.82 -4.91 -50.48
CA PRO E 263 48.17 -3.56 -50.02
C PRO E 263 47.06 -2.57 -50.34
N LEU E 264 46.82 -1.65 -49.42
CA LEU E 264 45.72 -0.69 -49.56
C LEU E 264 46.28 0.71 -49.43
N ASP E 265 46.08 1.52 -50.46
CA ASP E 265 46.48 2.92 -50.40
C ASP E 265 45.42 3.72 -49.66
N VAL E 266 45.89 4.53 -48.70
CA VAL E 266 45.01 5.36 -47.90
C VAL E 266 45.64 6.75 -47.80
N SER E 267 44.82 7.72 -47.45
CA SER E 267 45.32 9.08 -47.27
C SER E 267 44.59 9.73 -46.12
N VAL E 268 45.32 10.45 -45.30
CA VAL E 268 44.72 11.17 -44.18
C VAL E 268 45.06 12.64 -44.31
N ASN E 269 44.14 13.48 -43.87
CA ASN E 269 44.24 14.93 -44.02
C ASN E 269 44.84 15.56 -42.78
N MET E 270 45.93 14.99 -42.29
CA MET E 270 46.60 15.43 -41.07
C MET E 270 48.08 15.08 -41.20
N PRO E 271 48.97 15.97 -40.80
CA PRO E 271 50.39 15.73 -41.00
C PRO E 271 50.99 14.88 -39.88
N GLY E 272 52.10 14.24 -40.21
CA GLY E 272 52.89 13.65 -39.16
C GLY E 272 52.74 12.17 -39.03
N LEU E 273 53.83 11.52 -38.61
CA LEU E 273 53.80 10.07 -38.47
C LEU E 273 52.80 9.63 -37.41
N HIS E 274 52.57 10.45 -36.37
CA HIS E 274 51.61 10.05 -35.35
C HIS E 274 50.21 9.94 -35.92
N ASN E 275 49.86 10.72 -36.93
CA ASN E 275 48.57 10.51 -37.56
C ASN E 275 48.57 9.31 -38.51
N VAL E 276 49.74 8.94 -39.04
CA VAL E 276 49.85 7.64 -39.72
C VAL E 276 49.59 6.51 -38.73
N LEU E 277 50.17 6.61 -37.54
CA LEU E 277 49.96 5.59 -36.51
C LEU E 277 48.50 5.56 -36.06
N ASN E 278 47.85 6.72 -35.86
CA ASN E 278 46.43 6.70 -35.51
C ASN E 278 45.60 6.02 -36.59
N SER E 279 45.96 6.23 -37.86
CA SER E 279 45.27 5.54 -38.96
C SER E 279 45.50 4.04 -38.88
N LEU E 280 46.73 3.62 -38.57
CA LEU E 280 47.00 2.18 -38.56
C LEU E 280 46.20 1.49 -37.46
N ALA E 281 46.14 2.09 -36.27
CA ALA E 281 45.32 1.52 -35.21
C ALA E 281 43.86 1.43 -35.64
N THR E 282 43.32 2.52 -36.20
CA THR E 282 41.97 2.49 -36.75
C THR E 282 41.81 1.40 -37.81
N ILE E 283 42.81 1.25 -38.69
CA ILE E 283 42.70 0.26 -39.74
C ILE E 283 42.67 -1.15 -39.15
N VAL E 284 43.47 -1.40 -38.12
CA VAL E 284 43.43 -2.71 -37.44
C VAL E 284 42.05 -2.98 -36.90
N ILE E 285 41.47 -2.00 -36.20
CA ILE E 285 40.16 -2.18 -35.57
CA ILE E 285 40.18 -2.22 -35.58
C ILE E 285 39.10 -2.46 -36.63
N ALA E 286 39.03 -1.60 -37.65
CA ALA E 286 38.01 -1.70 -38.68
C ALA E 286 38.14 -3.00 -39.45
N THR E 287 39.36 -3.41 -39.78
CA THR E 287 39.58 -4.67 -40.50
C THR E 287 39.07 -5.84 -39.67
N ASP E 288 39.44 -5.85 -38.38
CA ASP E 288 39.01 -6.93 -37.51
C ASP E 288 37.49 -6.98 -37.39
N GLU E 289 36.85 -5.81 -37.40
CA GLU E 289 35.40 -5.76 -37.27
C GLU E 289 34.69 -6.11 -38.57
N GLY E 290 35.42 -6.27 -39.68
CA GLY E 290 34.82 -6.62 -40.95
C GLY E 290 34.43 -5.46 -41.83
N ILE E 291 34.93 -4.26 -41.56
CA ILE E 291 34.48 -3.07 -42.28
C ILE E 291 35.18 -3.01 -43.63
N SER E 292 34.45 -2.58 -44.65
CA SER E 292 34.98 -2.62 -45.99
C SER E 292 36.14 -1.64 -46.19
N ASP E 293 36.96 -1.95 -47.21
CA ASP E 293 38.05 -1.05 -47.57
C ASP E 293 37.54 0.35 -47.92
N GLU E 294 36.37 0.44 -48.58
CA GLU E 294 35.85 1.73 -49.01
CA GLU E 294 35.91 1.75 -48.99
C GLU E 294 35.43 2.59 -47.81
N ALA E 295 34.87 1.97 -46.77
CA ALA E 295 34.54 2.72 -45.57
C ALA E 295 35.81 3.17 -44.84
N ILE E 296 36.83 2.32 -44.84
CA ILE E 296 38.10 2.70 -44.23
C ILE E 296 38.70 3.90 -44.96
N VAL E 297 38.82 3.81 -46.29
CA VAL E 297 39.33 4.91 -47.10
C VAL E 297 38.50 6.18 -46.88
N GLN E 298 37.17 6.08 -46.96
CA GLN E 298 36.33 7.27 -46.81
C GLN E 298 36.44 7.83 -45.39
N GLY E 299 36.41 6.98 -44.38
CA GLY E 299 36.47 7.47 -43.02
C GLY E 299 37.76 8.21 -42.73
N LEU E 300 38.88 7.67 -43.19
CA LEU E 300 40.18 8.29 -42.93
C LEU E 300 40.36 9.56 -43.75
N SER E 301 39.88 9.54 -44.99
CA SER E 301 40.21 10.59 -45.95
C SER E 301 39.39 11.84 -45.70
N GLY E 302 38.15 11.69 -45.26
CA GLY E 302 37.28 12.81 -45.01
C GLY E 302 37.36 13.37 -43.60
N PHE E 303 38.23 12.83 -42.76
CA PHE E 303 38.30 13.29 -41.38
C PHE E 303 39.00 14.65 -41.30
N GLN E 304 38.33 15.62 -40.68
CA GLN E 304 38.89 16.97 -40.50
C GLN E 304 39.92 17.02 -39.36
N HIS F 1 -2.09 8.13 20.95
CA HIS F 1 -1.44 6.91 21.41
C HIS F 1 -2.47 5.79 21.63
N ARG F 2 -2.36 4.72 20.86
CA ARG F 2 -3.42 3.72 20.72
C ARG F 2 -3.06 2.34 21.25
N ARG F 3 -1.77 1.99 21.27
CA ARG F 3 -1.33 0.63 21.60
C ARG F 3 -0.36 0.68 22.78
N ILE F 4 -0.73 0.03 23.88
CA ILE F 4 0.06 -0.05 25.09
C ILE F 4 0.67 -1.44 25.17
N HIS F 5 1.97 -1.52 25.44
CA HIS F 5 2.68 -2.79 25.51
C HIS F 5 3.20 -3.01 26.93
N PHE F 6 2.84 -4.15 27.51
CA PHE F 6 3.18 -4.49 28.89
C PHE F 6 4.37 -5.47 28.89
N VAL F 7 5.51 -5.05 29.41
CA VAL F 7 6.63 -5.98 29.57
C VAL F 7 6.41 -6.76 30.86
N GLY F 8 6.20 -8.07 30.74
CA GLY F 8 5.80 -8.86 31.90
C GLY F 8 4.30 -8.78 32.19
N ILE F 9 3.47 -8.96 31.15
CA ILE F 9 2.04 -8.68 31.28
C ILE F 9 1.36 -9.66 32.23
N GLY F 10 1.94 -10.84 32.46
CA GLY F 10 1.32 -11.79 33.35
C GLY F 10 1.57 -11.56 34.82
N GLY F 11 2.52 -10.68 35.14
CA GLY F 11 2.79 -10.36 36.53
C GLY F 11 1.57 -9.84 37.27
N ALA F 12 1.72 -9.78 38.59
CA ALA F 12 0.58 -9.72 39.49
C ALA F 12 -0.17 -8.40 39.38
N GLY F 13 0.56 -7.29 39.37
CA GLY F 13 -0.08 -6.00 39.25
C GLY F 13 -0.22 -5.48 37.84
N MET F 14 0.14 -6.26 36.83
CA MET F 14 0.14 -5.84 35.44
C MET F 14 -1.10 -6.26 34.68
N CYS F 15 -1.64 -7.46 34.97
CA CYS F 15 -2.73 -8.00 34.17
C CYS F 15 -4.03 -7.24 34.40
N GLY F 16 -4.30 -6.83 35.64
CA GLY F 16 -5.45 -5.97 35.88
C GLY F 16 -5.42 -4.67 35.09
N ILE F 17 -4.27 -4.01 35.05
CA ILE F 17 -4.17 -2.76 34.30
C ILE F 17 -4.43 -3.02 32.83
N ALA F 18 -3.84 -4.07 32.30
CA ALA F 18 -4.05 -4.38 30.89
C ALA F 18 -5.52 -4.66 30.62
N GLU F 19 -6.20 -5.33 31.55
CA GLU F 19 -7.61 -5.64 31.33
C GLU F 19 -8.46 -4.38 31.33
N VAL F 20 -8.15 -3.43 32.21
CA VAL F 20 -8.89 -2.17 32.23
C VAL F 20 -8.67 -1.41 30.93
N LEU F 21 -7.43 -1.36 30.44
CA LEU F 21 -7.18 -0.64 29.20
C LEU F 21 -7.92 -1.30 28.04
N LEU F 22 -8.04 -2.64 28.06
CA LEU F 22 -8.82 -3.33 27.07
C LEU F 22 -10.26 -2.88 27.16
N ASN F 23 -10.80 -2.79 28.38
CA ASN F 23 -12.17 -2.35 28.60
C ASN F 23 -12.40 -0.92 28.11
N LEU F 24 -11.37 -0.07 28.19
CA LEU F 24 -11.46 1.30 27.70
C LEU F 24 -11.32 1.39 26.19
N GLY F 25 -11.00 0.30 25.51
CA GLY F 25 -10.95 0.31 24.06
C GLY F 25 -9.58 0.48 23.44
N TYR F 26 -8.51 0.38 24.22
CA TYR F 26 -7.16 0.46 23.69
C TYR F 26 -6.74 -0.87 23.07
N GLU F 27 -5.82 -0.80 22.11
CA GLU F 27 -5.04 -1.97 21.71
C GLU F 27 -4.03 -2.27 22.80
N VAL F 28 -4.01 -3.52 23.29
CA VAL F 28 -3.11 -3.94 24.35
C VAL F 28 -2.28 -5.13 23.86
N SER F 29 -0.96 -5.04 24.05
CA SER F 29 -0.08 -6.17 23.85
C SER F 29 0.79 -6.36 25.07
N GLY F 30 1.35 -7.55 25.20
CA GLY F 30 2.16 -7.86 26.35
C GLY F 30 3.07 -9.02 26.05
N SER F 31 4.21 -9.05 26.74
CA SER F 31 5.13 -10.17 26.72
C SER F 31 5.23 -10.77 28.10
N ASP F 32 5.51 -12.07 28.15
CA ASP F 32 5.86 -12.74 29.40
C ASP F 32 6.71 -13.96 29.07
N LEU F 33 7.28 -14.56 30.13
CA LEU F 33 8.16 -15.72 29.94
C LEU F 33 7.38 -17.00 29.72
N LYS F 34 6.21 -17.14 30.32
CA LYS F 34 5.42 -18.36 30.17
C LYS F 34 3.95 -17.99 29.98
N ALA F 35 3.28 -18.74 29.11
CA ALA F 35 1.84 -18.62 29.00
C ALA F 35 1.17 -19.13 30.26
N SER F 36 0.06 -18.49 30.63
CA SER F 36 -0.68 -18.89 31.81
C SER F 36 -2.15 -18.56 31.61
N ALA F 37 -2.97 -19.03 32.55
CA ALA F 37 -4.38 -18.64 32.54
C ALA F 37 -4.54 -17.13 32.54
N VAL F 38 -3.58 -16.41 33.11
CA VAL F 38 -3.63 -14.94 33.11
C VAL F 38 -3.46 -14.40 31.70
N THR F 39 -2.46 -14.89 30.95
CA THR F 39 -2.32 -14.42 29.58
C THR F 39 -3.45 -14.93 28.69
N GLU F 40 -4.01 -16.10 29.01
CA GLU F 40 -5.09 -16.62 28.18
C GLU F 40 -6.37 -15.83 28.39
N ARG F 41 -6.62 -15.37 29.62
CA ARG F 41 -7.74 -14.48 29.85
C ARG F 41 -7.60 -13.18 29.08
N LEU F 42 -6.42 -12.54 29.15
CA LEU F 42 -6.19 -11.32 28.40
C LEU F 42 -6.31 -11.55 26.90
N GLU F 43 -5.88 -12.72 26.44
CA GLU F 43 -5.99 -13.03 25.03
C GLU F 43 -7.45 -13.16 24.61
N LYS F 44 -8.26 -13.84 25.43
CA LYS F 44 -9.68 -13.93 25.16
C LYS F 44 -10.35 -12.57 25.12
N PHE F 45 -9.78 -11.58 25.82
CA PHE F 45 -10.31 -10.23 25.84
C PHE F 45 -9.71 -9.32 24.77
N GLY F 46 -8.79 -9.83 23.94
CA GLY F 46 -8.28 -9.09 22.81
C GLY F 46 -6.84 -8.62 22.92
N ALA F 47 -6.13 -8.91 24.02
CA ALA F 47 -4.71 -8.58 24.08
C ALA F 47 -3.93 -9.52 23.18
N GLN F 48 -2.86 -8.99 22.58
CA GLN F 48 -1.91 -9.80 21.83
C GLN F 48 -0.76 -10.15 22.76
N ILE F 49 -0.45 -11.44 22.85
CA ILE F 49 0.46 -11.97 23.86
C ILE F 49 1.70 -12.52 23.16
N PHE F 50 2.86 -12.17 23.68
CA PHE F 50 4.14 -12.72 23.23
C PHE F 50 4.77 -13.48 24.38
N ILE F 51 5.35 -14.63 24.07
CA ILE F 51 6.12 -15.42 25.03
C ILE F 51 7.59 -15.20 24.72
N GLY F 52 8.36 -14.86 25.73
CA GLY F 52 9.73 -14.45 25.50
C GLY F 52 9.84 -12.95 25.31
N HIS F 53 11.00 -12.42 25.70
CA HIS F 53 11.29 -11.00 25.54
C HIS F 53 12.25 -10.85 24.39
N GLN F 54 11.80 -10.20 23.32
CA GLN F 54 12.66 -9.82 22.22
C GLN F 54 12.22 -8.45 21.73
N ALA F 55 13.17 -7.70 21.17
CA ALA F 55 12.94 -6.29 20.86
C ALA F 55 11.72 -6.10 19.97
N GLU F 56 11.49 -7.03 19.03
CA GLU F 56 10.40 -6.89 18.08
C GLU F 56 9.02 -6.91 18.75
N ASN F 57 8.90 -7.49 19.95
CA ASN F 57 7.62 -7.49 20.64
C ASN F 57 7.09 -6.08 20.85
N ALA F 58 7.99 -5.10 20.92
CA ALA F 58 7.62 -3.72 21.23
C ALA F 58 7.20 -2.92 20.00
N ASP F 59 7.39 -3.47 18.81
CA ASP F 59 7.05 -2.75 17.59
C ASP F 59 5.57 -2.42 17.55
N GLY F 60 5.25 -1.25 16.99
CA GLY F 60 3.89 -0.76 16.97
C GLY F 60 3.42 -0.10 18.24
N ALA F 61 4.04 -0.37 19.39
CA ALA F 61 3.55 0.16 20.65
C ALA F 61 3.75 1.66 20.74
N ASP F 62 2.74 2.36 21.22
CA ASP F 62 2.89 3.78 21.47
C ASP F 62 3.38 4.09 22.87
N VAL F 63 3.14 3.21 23.84
CA VAL F 63 3.72 3.31 25.17
C VAL F 63 4.05 1.92 25.68
N LEU F 64 5.14 1.81 26.46
CA LEU F 64 5.50 0.62 27.23
C LEU F 64 5.17 0.79 28.70
N VAL F 65 4.71 -0.29 29.32
CA VAL F 65 4.49 -0.37 30.75
C VAL F 65 5.36 -1.50 31.27
N VAL F 66 6.14 -1.22 32.32
CA VAL F 66 7.07 -2.22 32.86
C VAL F 66 6.82 -2.40 34.35
N SER F 67 7.04 -3.63 34.82
CA SER F 67 6.92 -3.95 36.23
C SER F 67 8.21 -3.59 36.98
N SER F 68 8.21 -3.89 38.28
CA SER F 68 9.43 -3.72 39.05
C SER F 68 10.50 -4.71 38.63
N ALA F 69 10.10 -5.91 38.19
CA ALA F 69 11.04 -6.98 37.85
C ALA F 69 11.45 -6.99 36.38
N ILE F 70 11.61 -5.83 35.77
CA ILE F 70 12.06 -5.71 34.38
C ILE F 70 13.39 -4.96 34.37
N ASN F 71 14.44 -5.63 33.91
CA ASN F 71 15.79 -5.06 33.92
C ASN F 71 15.94 -3.97 32.86
N ARG F 72 17.00 -3.16 33.04
CA ARG F 72 17.32 -2.13 32.05
C ARG F 72 17.77 -2.75 30.73
N ALA F 73 18.37 -3.93 30.79
CA ALA F 73 18.86 -4.60 29.60
C ALA F 73 17.77 -5.36 28.86
N ASN F 74 16.54 -5.42 29.39
CA ASN F 74 15.45 -6.07 28.68
C ASN F 74 15.37 -5.52 27.25
N PRO F 75 15.27 -6.37 26.24
CA PRO F 75 15.35 -5.88 24.86
C PRO F 75 14.18 -4.98 24.45
N GLU F 76 12.96 -5.32 24.88
CA GLU F 76 11.81 -4.51 24.54
C GLU F 76 11.95 -3.11 25.09
N VAL F 77 12.40 -3.00 26.35
CA VAL F 77 12.63 -1.69 26.96
C VAL F 77 13.71 -0.92 26.21
N ALA F 78 14.85 -1.58 25.95
CA ALA F 78 15.94 -0.87 25.29
C ALA F 78 15.54 -0.47 23.88
N SER F 79 14.79 -1.30 23.18
CA SER F 79 14.32 -0.90 21.85
C SER F 79 13.43 0.32 21.95
N ALA F 80 12.53 0.34 22.95
CA ALA F 80 11.65 1.48 23.13
C ALA F 80 12.42 2.75 23.43
N LEU F 81 13.34 2.69 24.41
CA LEU F 81 14.15 3.85 24.74
C LEU F 81 14.86 4.39 23.53
N GLU F 82 15.37 3.51 22.66
CA GLU F 82 16.04 3.93 21.43
C GLU F 82 15.08 4.67 20.50
N ARG F 83 13.82 4.24 20.43
CA ARG F 83 12.86 4.88 19.53
C ARG F 83 12.11 6.04 20.18
N ARG F 84 12.56 6.49 21.35
CA ARG F 84 11.87 7.53 22.12
C ARG F 84 10.40 7.20 22.33
N ILE F 85 10.11 5.93 22.55
CA ILE F 85 8.80 5.46 23.00
C ILE F 85 8.79 5.58 24.52
N PRO F 86 7.84 6.28 25.11
CA PRO F 86 7.84 6.42 26.58
C PRO F 86 7.65 5.08 27.26
N VAL F 87 8.42 4.87 28.31
CA VAL F 87 8.33 3.71 29.18
C VAL F 87 7.86 4.25 30.53
N VAL F 88 6.64 3.88 30.92
CA VAL F 88 6.06 4.37 32.15
C VAL F 88 6.00 3.21 33.12
N PRO F 89 6.23 3.45 34.40
CA PRO F 89 6.14 2.37 35.37
C PRO F 89 4.70 1.96 35.62
N ARG F 90 4.54 0.70 36.04
CA ARG F 90 3.26 0.15 36.45
C ARG F 90 2.42 1.12 37.26
N ALA F 91 2.99 1.71 38.30
CA ALA F 91 2.21 2.52 39.22
C ALA F 91 1.63 3.76 38.56
N GLU F 92 2.35 4.35 37.59
CA GLU F 92 1.80 5.52 36.93
C GLU F 92 0.62 5.16 36.05
N MET F 93 0.72 4.04 35.31
CA MET F 93 -0.40 3.64 34.49
C MET F 93 -1.61 3.31 35.35
N LEU F 94 -1.37 2.62 36.46
CA LEU F 94 -2.43 2.34 37.41
C LEU F 94 -3.16 3.62 37.83
N ALA F 95 -2.39 4.66 38.16
CA ALA F 95 -2.99 5.90 38.65
C ALA F 95 -3.82 6.59 37.58
N GLU F 96 -3.39 6.50 36.32
CA GLU F 96 -4.11 7.19 35.25
C GLU F 96 -5.47 6.58 34.94
N LEU F 97 -5.72 5.34 35.36
CA LEU F 97 -7.02 4.76 35.07
C LEU F 97 -8.15 5.60 35.65
N MET F 98 -7.90 6.34 36.73
CA MET F 98 -8.95 7.17 37.31
C MET F 98 -9.45 8.25 36.38
N ARG F 99 -8.64 8.68 35.40
CA ARG F 99 -9.09 9.71 34.47
C ARG F 99 -10.30 9.27 33.68
N TYR F 100 -10.51 7.96 33.53
CA TYR F 100 -11.59 7.45 32.70
C TYR F 100 -12.87 7.15 33.45
N ARG F 101 -12.86 7.30 34.78
CA ARG F 101 -13.89 6.76 35.63
C ARG F 101 -14.21 7.77 36.73
N HIS F 102 -15.27 7.52 37.47
CA HIS F 102 -15.61 8.30 38.66
C HIS F 102 -14.70 7.79 39.77
N GLY F 103 -13.55 8.44 39.93
CA GLY F 103 -12.50 7.92 40.81
C GLY F 103 -12.71 8.38 42.24
N ILE F 104 -12.57 7.45 43.16
CA ILE F 104 -12.66 7.69 44.59
C ILE F 104 -11.31 7.26 45.18
N ALA F 105 -10.52 8.25 45.60
CA ALA F 105 -9.17 7.99 46.10
C ALA F 105 -9.20 7.97 47.62
N VAL F 106 -8.80 6.85 48.21
CA VAL F 106 -8.77 6.69 49.67
C VAL F 106 -7.34 6.93 50.11
N ALA F 107 -7.07 8.13 50.58
CA ALA F 107 -5.75 8.48 51.11
C ALA F 107 -5.75 8.43 52.63
N GLY F 108 -4.55 8.49 53.19
CA GLY F 108 -4.39 8.32 54.61
C GLY F 108 -3.29 7.32 54.87
N THR F 109 -2.50 7.52 55.92
CA THR F 109 -1.37 6.63 56.17
C THR F 109 -1.85 5.25 56.60
N HIS F 110 -2.91 5.18 57.42
CA HIS F 110 -3.40 3.94 58.01
C HIS F 110 -4.88 3.74 57.70
N GLY F 111 -5.25 2.52 57.34
CA GLY F 111 -6.63 2.18 57.09
C GLY F 111 -7.10 2.38 55.67
N LYS F 112 -6.17 2.62 54.73
CA LYS F 112 -6.58 2.76 53.34
C LYS F 112 -7.24 1.48 52.87
N THR F 113 -6.64 0.35 53.22
CA THR F 113 -7.10 -0.92 52.67
C THR F 113 -8.51 -1.24 53.13
N THR F 114 -8.76 -1.14 54.43
CA THR F 114 -10.10 -1.47 54.92
C THR F 114 -11.13 -0.48 54.41
N THR F 115 -10.80 0.81 54.41
CA THR F 115 -11.75 1.82 53.94
C THR F 115 -12.07 1.61 52.46
N THR F 116 -11.04 1.33 51.64
CA THR F 116 -11.31 1.01 50.24
C THR F 116 -12.27 -0.18 50.12
N SER F 117 -12.05 -1.23 50.93
CA SER F 117 -12.89 -2.42 50.81
C SER F 117 -14.31 -2.14 51.26
N LEU F 118 -14.46 -1.29 52.29
CA LEU F 118 -15.80 -0.95 52.77
C LEU F 118 -16.55 -0.17 51.72
N ILE F 119 -15.87 0.81 51.10
CA ILE F 119 -16.48 1.57 50.03
C ILE F 119 -16.90 0.65 48.90
N ALA F 120 -16.03 -0.29 48.54
CA ALA F 120 -16.41 -1.22 47.47
C ALA F 120 -17.57 -2.09 47.90
N SER F 121 -17.61 -2.45 49.17
CA SER F 121 -18.65 -3.38 49.61
C SER F 121 -20.03 -2.72 49.62
N VAL F 122 -20.07 -1.42 49.95
CA VAL F 122 -21.34 -0.70 50.00
C VAL F 122 -21.84 -0.38 48.59
N PHE F 123 -20.95 0.07 47.72
CA PHE F 123 -21.30 0.31 46.33
C PHE F 123 -21.79 -0.97 45.67
N ALA F 124 -21.13 -2.10 45.93
CA ALA F 124 -21.60 -3.37 45.39
C ALA F 124 -23.00 -3.67 45.91
N ALA F 125 -23.25 -3.45 47.20
CA ALA F 125 -24.60 -3.66 47.70
C ALA F 125 -25.60 -2.74 47.01
N GLY F 126 -25.16 -1.58 46.54
CA GLY F 126 -26.06 -0.77 45.75
C GLY F 126 -26.14 -1.17 44.29
N GLY F 127 -25.52 -2.29 43.91
CA GLY F 127 -25.57 -2.74 42.54
C GLY F 127 -24.63 -2.03 41.60
N LEU F 128 -23.57 -1.40 42.09
CA LEU F 128 -22.69 -0.61 41.24
C LEU F 128 -21.43 -1.35 40.81
N ASP F 129 -21.15 -2.53 41.39
CA ASP F 129 -20.09 -3.42 40.93
C ASP F 129 -18.76 -2.67 40.69
N PRO F 130 -18.28 -1.90 41.68
CA PRO F 130 -17.10 -1.07 41.42
C PRO F 130 -15.86 -1.92 41.20
N THR F 131 -14.95 -1.38 40.43
CA THR F 131 -13.58 -1.86 40.40
C THR F 131 -12.81 -1.17 41.53
N PHE F 132 -11.98 -1.91 42.25
CA PHE F 132 -11.20 -1.29 43.31
C PHE F 132 -9.78 -1.81 43.31
N VAL F 133 -8.88 -0.95 43.82
CA VAL F 133 -7.46 -1.21 43.88
C VAL F 133 -7.04 -1.25 45.32
N ILE F 134 -6.53 -2.40 45.74
N ILE F 134 -6.59 -2.41 45.77
CA ILE F 134 -5.95 -2.62 47.06
CA ILE F 134 -5.93 -2.53 47.07
C ILE F 134 -4.60 -3.29 46.88
C ILE F 134 -4.60 -3.26 46.86
N GLY F 135 -3.56 -2.74 47.48
CA GLY F 135 -2.24 -3.35 47.38
C GLY F 135 -1.71 -3.37 45.97
N GLY F 136 -2.00 -2.34 45.19
CA GLY F 136 -1.64 -2.32 43.80
C GLY F 136 -2.35 -3.33 42.91
N ARG F 137 -3.37 -4.04 43.38
CA ARG F 137 -4.05 -5.06 42.58
C ARG F 137 -5.50 -4.65 42.33
N LEU F 138 -5.93 -4.72 41.07
CA LEU F 138 -7.29 -4.36 40.70
C LEU F 138 -8.23 -5.52 40.95
N ASN F 139 -9.41 -5.20 41.50
CA ASN F 139 -10.43 -6.19 41.86
C ASN F 139 -11.80 -5.65 41.51
N ALA F 140 -12.74 -6.58 41.36
CA ALA F 140 -14.16 -6.34 41.27
C ALA F 140 -14.86 -7.64 41.63
N ALA F 141 -16.03 -7.55 42.26
CA ALA F 141 -16.76 -8.77 42.51
C ALA F 141 -17.36 -9.38 41.24
N GLY F 142 -17.13 -8.78 40.07
CA GLY F 142 -17.84 -9.16 38.86
C GLY F 142 -17.42 -10.50 38.28
N THR F 143 -16.19 -10.94 38.58
CA THR F 143 -15.68 -12.27 38.25
C THR F 143 -15.60 -12.54 36.75
N ASN F 144 -16.71 -12.47 36.01
CA ASN F 144 -16.64 -12.67 34.57
C ASN F 144 -16.58 -11.35 33.79
N ALA F 145 -17.24 -10.29 34.28
CA ALA F 145 -17.12 -8.98 33.64
C ALA F 145 -15.68 -8.51 33.66
N GLN F 146 -15.27 -7.80 32.61
CA GLN F 146 -13.94 -7.22 32.59
C GLN F 146 -13.79 -6.22 33.73
N LEU F 147 -12.56 -6.10 34.22
CA LEU F 147 -12.26 -5.07 35.20
C LEU F 147 -12.42 -3.70 34.54
N GLY F 148 -12.83 -2.71 35.33
CA GLY F 148 -13.06 -1.39 34.80
C GLY F 148 -14.42 -1.13 34.18
N ALA F 149 -15.30 -2.11 34.14
CA ALA F 149 -16.59 -1.90 33.48
C ALA F 149 -17.51 -0.98 34.25
N SER F 150 -17.40 -0.95 35.57
CA SER F 150 -18.19 -0.06 36.38
C SER F 150 -17.84 1.40 36.07
N ARG F 151 -18.82 2.30 36.28
CA ARG F 151 -18.49 3.73 36.25
C ARG F 151 -17.49 4.09 37.34
N TYR F 152 -17.38 3.28 38.39
CA TYR F 152 -16.70 3.65 39.61
C TYR F 152 -15.39 2.91 39.73
N LEU F 153 -14.34 3.66 40.10
CA LEU F 153 -13.01 3.11 40.40
C LEU F 153 -12.59 3.62 41.78
N VAL F 154 -12.51 2.71 42.76
CA VAL F 154 -12.14 3.05 44.12
C VAL F 154 -10.71 2.59 44.32
N ALA F 155 -9.82 3.49 44.72
CA ALA F 155 -8.41 3.12 44.79
C ALA F 155 -7.76 3.72 46.02
N GLU F 156 -6.97 2.91 46.73
CA GLU F 156 -6.13 3.48 47.77
C GLU F 156 -5.06 4.36 47.16
N ALA F 157 -4.75 5.44 47.88
CA ALA F 157 -3.80 6.44 47.42
C ALA F 157 -2.69 6.57 48.44
N ASP F 158 -1.47 6.21 48.05
CA ASP F 158 -0.34 6.09 48.94
C ASP F 158 0.57 7.30 48.80
N GLU F 159 0.77 8.04 49.91
CA GLU F 159 1.62 9.23 49.84
C GLU F 159 3.09 8.90 49.62
N SER F 160 3.49 7.64 49.71
CA SER F 160 4.87 7.31 49.39
C SER F 160 5.04 6.96 47.93
N ASP F 161 3.96 6.80 47.19
CA ASP F 161 4.05 6.45 45.78
C ASP F 161 4.34 7.68 44.94
N ALA F 162 5.17 7.51 43.90
CA ALA F 162 5.55 8.64 43.07
C ALA F 162 4.34 9.30 42.41
N SER F 163 3.34 8.49 42.02
CA SER F 163 2.18 9.02 41.31
C SER F 163 1.11 9.65 42.21
N PHE F 164 1.37 9.77 43.52
CA PHE F 164 0.39 10.33 44.46
C PHE F 164 -0.26 11.60 43.94
N LEU F 165 0.54 12.58 43.54
CA LEU F 165 0.05 13.87 43.06
C LEU F 165 -0.42 13.83 41.60
N HIS F 166 -0.55 12.66 40.99
CA HIS F 166 -1.08 12.55 39.64
C HIS F 166 -2.44 11.87 39.61
N LEU F 167 -2.97 11.50 40.77
CA LEU F 167 -4.33 11.00 40.81
C LEU F 167 -5.28 12.12 40.46
N GLN F 168 -6.35 11.77 39.73
CA GLN F 168 -7.39 12.73 39.35
C GLN F 168 -8.74 12.19 39.82
N PRO F 169 -8.96 12.14 41.12
CA PRO F 169 -10.22 11.59 41.64
C PRO F 169 -11.35 12.61 41.59
N MET F 170 -12.57 12.09 41.70
CA MET F 170 -13.73 12.94 41.94
C MET F 170 -13.99 13.13 43.42
N VAL F 171 -13.65 12.13 44.21
CA VAL F 171 -13.82 12.14 45.65
C VAL F 171 -12.49 11.69 46.25
N ALA F 172 -12.06 12.35 47.32
CA ALA F 172 -10.83 11.93 47.99
C ALA F 172 -11.05 11.92 49.48
N VAL F 173 -10.70 10.80 50.11
CA VAL F 173 -10.77 10.63 51.55
C VAL F 173 -9.38 10.83 52.12
N VAL F 174 -9.30 11.44 53.30
CA VAL F 174 -8.05 11.44 54.07
C VAL F 174 -8.39 10.86 55.43
N THR F 175 -7.97 9.61 55.68
CA THR F 175 -8.33 8.97 56.94
C THR F 175 -7.51 9.51 58.11
N ASN F 176 -6.22 9.78 57.88
CA ASN F 176 -5.27 10.26 58.88
C ASN F 176 -3.94 10.52 58.20
N ILE F 177 -3.09 11.30 58.85
CA ILE F 177 -1.81 11.73 58.27
C ILE F 177 -0.71 11.41 59.27
N ASP F 178 0.07 10.36 59.01
CA ASP F 178 1.16 9.98 59.90
C ASP F 178 2.51 10.33 59.29
N ALA F 179 3.59 10.10 60.05
CA ALA F 179 4.95 10.44 59.62
C ALA F 179 5.71 9.24 59.08
N ASP F 180 5.05 8.09 58.94
CA ASP F 180 5.67 6.87 58.40
C ASP F 180 6.55 7.14 57.17
N HIS F 181 6.10 8.03 56.28
CA HIS F 181 6.75 8.25 54.99
C HIS F 181 7.37 9.64 54.86
N MET F 182 7.92 10.16 55.95
CA MET F 182 8.70 11.39 55.88
C MET F 182 9.89 11.25 54.93
N ALA F 183 10.50 10.06 54.84
CA ALA F 183 11.69 9.91 54.00
C ALA F 183 11.40 10.23 52.54
N THR F 184 10.16 10.06 52.10
CA THR F 184 9.80 10.45 50.75
C THR F 184 9.90 11.95 50.56
N TYR F 185 9.73 12.71 51.64
CA TYR F 185 9.75 14.16 51.54
C TYR F 185 10.89 14.77 52.35
N GLY F 186 12.10 14.29 52.11
CA GLY F 186 13.28 14.82 52.78
C GLY F 186 13.25 14.66 54.29
N GLY F 187 12.58 13.63 54.79
CA GLY F 187 12.42 13.46 56.23
C GLY F 187 11.85 14.67 56.92
N ASP F 188 10.74 15.22 56.43
CA ASP F 188 10.21 16.49 56.93
C ASP F 188 8.68 16.41 56.97
N PHE F 189 8.12 16.39 58.19
CA PHE F 189 6.68 16.17 58.32
C PHE F 189 5.89 17.34 57.72
N ASN F 190 6.39 18.57 57.84
CA ASN F 190 5.68 19.70 57.25
C ASN F 190 5.59 19.60 55.73
N LYS F 191 6.66 19.13 55.07
CA LYS F 191 6.57 18.90 53.64
C LYS F 191 5.52 17.83 53.32
N LEU F 192 5.47 16.76 54.12
CA LEU F 192 4.45 15.74 53.96
C LEU F 192 3.05 16.31 54.15
N LYS F 193 2.85 17.18 55.15
CA LYS F 193 1.54 17.82 55.31
C LYS F 193 1.15 18.60 54.08
N LYS F 194 2.10 19.34 53.50
CA LYS F 194 1.81 20.15 52.32
C LYS F 194 1.47 19.27 51.11
N THR F 195 2.01 18.06 51.06
CA THR F 195 1.69 17.15 49.97
C THR F 195 0.24 16.66 50.04
N PHE F 196 -0.34 16.52 51.24
CA PHE F 196 -1.76 16.17 51.33
C PHE F 196 -2.64 17.32 50.88
N VAL F 197 -2.28 18.55 51.24
CA VAL F 197 -3.00 19.71 50.74
C VAL F 197 -2.97 19.71 49.22
N GLU F 198 -1.77 19.55 48.65
CA GLU F 198 -1.64 19.57 47.19
C GLU F 198 -2.41 18.42 46.55
N PHE F 199 -2.39 17.25 47.19
CA PHE F 199 -3.19 16.12 46.69
C PHE F 199 -4.67 16.46 46.63
N LEU F 200 -5.21 17.00 47.74
CA LEU F 200 -6.61 17.42 47.77
C LEU F 200 -6.87 18.52 46.76
N HIS F 201 -5.87 19.31 46.41
CA HIS F 201 -6.14 20.34 45.41
C HIS F 201 -6.15 19.78 43.99
N ASN F 202 -5.94 18.48 43.82
CA ASN F 202 -6.21 17.88 42.52
C ASN F 202 -7.69 17.56 42.31
N LEU F 203 -8.49 17.68 43.35
CA LEU F 203 -9.92 17.57 43.17
C LEU F 203 -10.41 18.70 42.28
N PRO F 204 -11.39 18.46 41.41
CA PRO F 204 -12.02 19.57 40.71
C PRO F 204 -12.90 20.34 41.68
N PHE F 205 -13.27 21.57 41.29
CA PHE F 205 -14.13 22.36 42.17
C PHE F 205 -15.47 21.69 42.44
N TYR F 206 -15.92 20.79 41.57
CA TYR F 206 -17.13 20.00 41.84
C TYR F 206 -16.85 18.70 42.59
N GLY F 207 -15.60 18.43 42.97
CA GLY F 207 -15.28 17.22 43.67
C GLY F 207 -15.69 17.26 45.14
N LEU F 208 -15.28 16.23 45.88
CA LEU F 208 -15.58 16.18 47.30
C LEU F 208 -14.34 15.71 48.08
N ALA F 209 -14.02 16.41 49.15
CA ALA F 209 -12.98 15.99 50.08
C ALA F 209 -13.64 15.51 51.36
N VAL F 210 -13.29 14.30 51.79
CA VAL F 210 -13.86 13.65 52.96
C VAL F 210 -12.74 13.53 53.98
N MET F 211 -12.88 14.22 55.11
CA MET F 211 -11.78 14.51 56.02
C MET F 211 -12.08 14.02 57.43
N CYS F 212 -11.24 13.14 57.94
CA CYS F 212 -11.37 12.69 59.32
C CYS F 212 -10.83 13.78 60.26
N VAL F 213 -11.74 14.53 60.89
CA VAL F 213 -11.31 15.58 61.82
C VAL F 213 -10.94 15.04 63.20
N ASP F 214 -11.00 13.73 63.42
CA ASP F 214 -10.46 13.19 64.66
C ASP F 214 -8.94 13.17 64.63
N ASP F 215 -8.36 13.32 63.46
CA ASP F 215 -6.93 13.39 63.28
C ASP F 215 -6.51 14.85 63.41
N PRO F 216 -5.63 15.20 64.35
CA PRO F 216 -5.32 16.62 64.56
C PRO F 216 -4.62 17.25 63.39
N VAL F 217 -3.91 16.47 62.58
CA VAL F 217 -3.21 17.06 61.45
C VAL F 217 -4.16 17.28 60.28
N VAL F 218 -5.07 16.34 60.05
CA VAL F 218 -6.17 16.59 59.12
C VAL F 218 -6.91 17.85 59.52
N ARG F 219 -7.21 17.98 60.82
CA ARG F 219 -7.97 19.15 61.26
C ARG F 219 -7.17 20.43 61.05
N GLU F 220 -5.85 20.35 61.19
CA GLU F 220 -5.00 21.53 61.03
C GLU F 220 -5.03 22.05 59.59
N ILE F 221 -4.95 21.16 58.60
CA ILE F 221 -4.88 21.63 57.22
C ILE F 221 -6.24 21.95 56.62
N LEU F 222 -7.32 21.58 57.32
CA LEU F 222 -8.68 21.77 56.82
C LEU F 222 -8.93 23.16 56.23
N PRO F 223 -8.56 24.27 56.89
CA PRO F 223 -8.86 25.59 56.31
C PRO F 223 -8.07 25.91 55.04
N GLN F 224 -7.14 25.06 54.62
CA GLN F 224 -6.44 25.29 53.37
C GLN F 224 -7.14 24.64 52.20
N ILE F 225 -8.10 23.75 52.45
CA ILE F 225 -8.73 22.95 51.40
C ILE F 225 -9.75 23.85 50.71
N ALA F 226 -9.42 24.30 49.50
CA ALA F 226 -10.39 25.17 48.86
C ALA F 226 -11.29 24.39 47.91
N ARG F 227 -11.79 23.26 48.38
CA ARG F 227 -12.66 22.34 47.67
C ARG F 227 -13.84 22.02 48.56
N PRO F 228 -14.98 21.62 48.00
CA PRO F 228 -16.09 21.14 48.84
C PRO F 228 -15.63 20.01 49.73
N THR F 229 -16.08 20.03 50.99
CA THR F 229 -15.53 19.23 52.07
C THR F 229 -16.62 18.76 53.01
N VAL F 230 -16.55 17.49 53.43
CA VAL F 230 -17.44 16.95 54.45
C VAL F 230 -16.57 16.28 55.50
N THR F 231 -16.67 16.72 56.75
CA THR F 231 -15.84 16.16 57.78
C THR F 231 -16.58 15.04 58.52
N TYR F 232 -15.83 14.09 59.03
CA TYR F 232 -16.40 12.99 59.76
C TYR F 232 -15.51 12.63 60.93
N GLY F 233 -16.07 11.90 61.88
CA GLY F 233 -15.31 11.46 63.03
C GLY F 233 -16.21 11.30 64.24
N LEU F 234 -15.59 10.93 65.36
CA LEU F 234 -16.26 10.95 66.65
C LEU F 234 -16.36 12.34 67.26
N SER F 235 -15.60 13.32 66.75
CA SER F 235 -15.67 14.68 67.29
C SER F 235 -17.11 15.22 67.24
N GLU F 236 -17.52 15.85 68.34
CA GLU F 236 -18.84 16.48 68.40
C GLU F 236 -19.10 17.43 67.23
N ASP F 237 -18.05 18.01 66.64
CA ASP F 237 -18.20 19.06 65.65
C ASP F 237 -18.03 18.57 64.21
N ALA F 238 -17.91 17.26 64.01
CA ALA F 238 -17.80 16.72 62.66
C ALA F 238 -19.17 16.74 61.96
N ASP F 239 -19.16 16.86 60.63
CA ASP F 239 -20.42 16.87 59.88
C ASP F 239 -21.17 15.54 60.02
N VAL F 240 -20.43 14.43 59.92
CA VAL F 240 -20.98 13.08 59.97
C VAL F 240 -20.30 12.38 61.15
N ARG F 241 -21.09 12.02 62.17
CA ARG F 241 -20.60 11.55 63.47
C ARG F 241 -21.21 10.20 63.81
N ALA F 242 -20.49 9.47 64.66
CA ALA F 242 -21.01 8.27 65.32
C ALA F 242 -21.28 8.58 66.78
N ILE F 243 -22.39 8.09 67.31
CA ILE F 243 -22.72 8.19 68.73
C ILE F 243 -23.26 6.84 69.19
N ASN F 244 -23.49 6.73 70.49
CA ASN F 244 -24.01 5.53 71.14
C ASN F 244 -23.35 4.27 70.60
N ILE F 245 -22.02 4.26 70.62
CA ILE F 245 -21.29 3.06 70.21
C ILE F 245 -21.46 2.00 71.28
N ARG F 246 -21.80 0.78 70.85
CA ARG F 246 -22.03 -0.30 71.78
CA ARG F 246 -22.16 -0.31 71.73
C ARG F 246 -21.66 -1.61 71.10
N GLN F 247 -21.86 -2.72 71.82
CA GLN F 247 -21.41 -4.01 71.32
C GLN F 247 -22.47 -5.08 71.56
N GLU F 248 -22.44 -6.11 70.70
CA GLU F 248 -23.25 -7.33 70.77
C GLU F 248 -22.43 -8.42 70.06
N GLY F 249 -21.42 -8.94 70.75
CA GLY F 249 -20.53 -9.92 70.18
C GLY F 249 -19.27 -9.34 69.55
N MET F 250 -18.82 -9.91 68.44
CA MET F 250 -17.74 -9.33 67.65
C MET F 250 -18.23 -8.22 66.72
N ARG F 251 -19.49 -7.83 66.89
CA ARG F 251 -20.15 -6.82 66.06
C ARG F 251 -20.23 -5.51 66.82
N THR F 252 -19.94 -4.41 66.12
CA THR F 252 -20.02 -3.09 66.72
C THR F 252 -21.22 -2.35 66.18
N TRP F 253 -22.06 -1.84 67.07
CA TRP F 253 -23.24 -1.09 66.69
C TRP F 253 -23.02 0.39 66.98
N PHE F 254 -23.59 1.23 66.13
CA PHE F 254 -23.58 2.66 66.44
C PHE F 254 -24.58 3.38 65.56
N THR F 255 -24.91 4.61 65.99
CA THR F 255 -25.81 5.50 65.28
C THR F 255 -24.99 6.56 64.54
N VAL F 256 -25.21 6.68 63.23
CA VAL F 256 -24.52 7.70 62.44
C VAL F 256 -25.46 8.88 62.23
N LEU F 257 -24.97 10.08 62.56
CA LEU F 257 -25.68 11.34 62.35
C LEU F 257 -25.16 12.00 61.08
N ARG F 258 -26.06 12.47 60.22
CA ARG F 258 -25.74 13.11 58.95
C ARG F 258 -26.61 14.35 58.81
N PRO F 259 -26.10 15.38 58.14
CA PRO F 259 -26.90 16.61 58.01
C PRO F 259 -28.16 16.36 57.21
N GLU F 260 -29.25 17.00 57.62
CA GLU F 260 -30.55 16.90 56.93
C GLU F 260 -31.03 15.45 56.77
N ARG F 261 -30.58 14.52 57.61
CA ARG F 261 -31.07 13.15 57.58
C ARG F 261 -31.40 12.69 58.99
N GLU F 262 -32.33 11.75 59.08
CA GLU F 262 -32.60 11.13 60.37
C GLU F 262 -31.40 10.26 60.77
N PRO F 263 -31.21 10.05 62.07
CA PRO F 263 -30.12 9.16 62.51
C PRO F 263 -30.34 7.73 62.02
N LEU F 264 -29.21 7.05 61.79
CA LEU F 264 -29.19 5.74 61.17
C LEU F 264 -28.38 4.77 62.01
N ASP F 265 -29.00 3.68 62.43
CA ASP F 265 -28.28 2.63 63.14
C ASP F 265 -27.58 1.71 62.14
N VAL F 266 -26.27 1.55 62.31
CA VAL F 266 -25.50 0.64 61.48
C VAL F 266 -24.73 -0.28 62.40
N SER F 267 -24.29 -1.41 61.85
CA SER F 267 -23.37 -2.27 62.55
C SER F 267 -22.30 -2.73 61.58
N VAL F 268 -21.07 -2.85 62.07
CA VAL F 268 -19.98 -3.40 61.29
C VAL F 268 -19.41 -4.59 62.07
N ASN F 269 -18.80 -5.51 61.35
CA ASN F 269 -18.39 -6.80 61.89
C ASN F 269 -16.89 -6.84 62.14
N MET F 270 -16.35 -5.78 62.76
CA MET F 270 -14.94 -5.62 63.08
C MET F 270 -14.84 -4.65 64.24
N PRO F 271 -14.00 -4.92 65.24
CA PRO F 271 -13.99 -4.07 66.44
C PRO F 271 -13.11 -2.84 66.27
N GLY F 272 -13.24 -1.93 67.23
CA GLY F 272 -12.36 -0.79 67.35
C GLY F 272 -12.91 0.46 66.71
N LEU F 273 -12.54 1.61 67.27
CA LEU F 273 -13.03 2.88 66.73
C LEU F 273 -12.51 3.14 65.32
N HIS F 274 -11.33 2.60 64.99
CA HIS F 274 -10.84 2.81 63.63
C HIS F 274 -11.78 2.21 62.61
N ASN F 275 -12.46 1.11 62.95
CA ASN F 275 -13.40 0.56 61.97
C ASN F 275 -14.72 1.32 61.98
N VAL F 276 -15.12 1.86 63.13
CA VAL F 276 -16.17 2.88 63.15
C VAL F 276 -15.80 4.03 62.21
N LEU F 277 -14.55 4.51 62.29
CA LEU F 277 -14.16 5.63 61.45
C LEU F 277 -14.13 5.24 59.97
N ASN F 278 -13.66 4.03 59.66
CA ASN F 278 -13.74 3.53 58.30
C ASN F 278 -15.18 3.54 57.80
N SER F 279 -16.12 3.17 58.66
CA SER F 279 -17.52 3.16 58.27
C SER F 279 -18.03 4.56 58.04
N LEU F 280 -17.64 5.51 58.90
CA LEU F 280 -18.12 6.88 58.73
C LEU F 280 -17.65 7.43 57.39
N ALA F 281 -16.38 7.21 57.04
CA ALA F 281 -15.88 7.66 55.75
C ALA F 281 -16.66 7.05 54.62
N THR F 282 -16.90 5.75 54.69
CA THR F 282 -17.74 5.07 53.70
C THR F 282 -19.13 5.70 53.64
N ILE F 283 -19.74 5.91 54.81
CA ILE F 283 -21.11 6.45 54.85
C ILE F 283 -21.15 7.82 54.19
N VAL F 284 -20.11 8.64 54.39
CA VAL F 284 -20.03 9.94 53.72
C VAL F 284 -19.99 9.76 52.21
N ILE F 285 -19.14 8.85 51.72
CA ILE F 285 -19.02 8.64 50.28
C ILE F 285 -20.36 8.19 49.71
N ALA F 286 -20.96 7.15 50.31
CA ALA F 286 -22.17 6.57 49.79
C ALA F 286 -23.33 7.56 49.86
N THR F 287 -23.41 8.34 50.93
CA THR F 287 -24.49 9.31 51.04
C THR F 287 -24.38 10.37 49.95
N ASP F 288 -23.17 10.91 49.77
CA ASP F 288 -22.98 11.92 48.73
C ASP F 288 -23.32 11.36 47.36
N GLU F 289 -23.01 10.08 47.11
CA GLU F 289 -23.23 9.48 45.81
C GLU F 289 -24.69 9.12 45.57
N GLY F 290 -25.53 9.15 46.60
CA GLY F 290 -26.94 8.89 46.44
C GLY F 290 -27.38 7.47 46.75
N ILE F 291 -26.49 6.63 47.28
CA ILE F 291 -26.83 5.24 47.59
C ILE F 291 -27.83 5.19 48.74
N SER F 292 -28.69 4.18 48.73
CA SER F 292 -29.74 4.06 49.73
C SER F 292 -29.18 3.67 51.11
N ASP F 293 -29.97 3.96 52.16
CA ASP F 293 -29.61 3.50 53.51
C ASP F 293 -29.52 1.99 53.56
N GLU F 294 -30.40 1.29 52.84
CA GLU F 294 -30.41 -0.16 52.89
C GLU F 294 -29.10 -0.73 52.35
N ALA F 295 -28.62 -0.21 51.22
CA ALA F 295 -27.34 -0.69 50.70
C ALA F 295 -26.18 -0.30 51.62
N ILE F 296 -26.24 0.87 52.24
CA ILE F 296 -25.23 1.22 53.22
C ILE F 296 -25.24 0.22 54.35
N VAL F 297 -26.41 0.01 54.97
CA VAL F 297 -26.55 -0.96 56.05
C VAL F 297 -26.08 -2.35 55.60
N GLN F 298 -26.51 -2.79 54.42
CA GLN F 298 -26.14 -4.13 53.97
C GLN F 298 -24.64 -4.23 53.69
N GLY F 299 -24.06 -3.28 52.96
CA GLY F 299 -22.64 -3.34 52.66
C GLY F 299 -21.77 -3.38 53.91
N LEU F 300 -22.06 -2.51 54.87
CA LEU F 300 -21.24 -2.41 56.08
C LEU F 300 -21.41 -3.66 56.94
N SER F 301 -22.64 -4.17 57.00
CA SER F 301 -22.94 -5.29 57.87
C SER F 301 -22.28 -6.56 57.35
N GLY F 302 -22.43 -6.84 56.06
CA GLY F 302 -21.98 -8.07 55.46
C GLY F 302 -20.50 -8.12 55.17
N PHE F 303 -19.73 -7.15 55.65
CA PHE F 303 -18.30 -7.15 55.40
C PHE F 303 -17.61 -8.08 56.38
N GLN F 304 -16.91 -9.09 55.85
CA GLN F 304 -16.33 -10.14 56.69
C GLN F 304 -15.21 -9.60 57.56
N GLY F 305 -14.27 -8.87 56.98
CA GLY F 305 -13.14 -8.37 57.73
C GLY F 305 -11.80 -8.75 57.13
N HIS G 1 -37.77 16.03 31.37
CA HIS G 1 -38.53 15.07 32.17
C HIS G 1 -37.57 14.11 32.89
N ARG G 2 -37.67 14.03 34.22
CA ARG G 2 -36.66 13.36 35.04
C ARG G 2 -37.19 12.25 35.94
N ARG G 3 -38.47 12.23 36.32
CA ARG G 3 -39.02 11.24 37.25
C ARG G 3 -40.06 10.34 36.59
N ILE G 4 -39.81 9.03 36.61
CA ILE G 4 -40.66 8.05 35.94
C ILE G 4 -41.40 7.22 36.98
N HIS G 5 -42.70 7.04 36.79
CA HIS G 5 -43.56 6.38 37.75
C HIS G 5 -44.22 5.14 37.12
N PHE G 6 -44.01 3.98 37.74
CA PHE G 6 -44.49 2.71 37.24
C PHE G 6 -45.73 2.29 38.01
N VAL G 7 -46.83 2.08 37.32
CA VAL G 7 -48.04 1.53 37.94
C VAL G 7 -47.97 0.02 37.81
N GLY G 8 -47.85 -0.67 38.94
CA GLY G 8 -47.53 -2.08 38.93
C GLY G 8 -46.04 -2.34 38.78
N ILE G 9 -45.21 -1.64 39.55
CA ILE G 9 -43.76 -1.73 39.35
C ILE G 9 -43.21 -3.11 39.70
N GLY G 10 -43.93 -3.90 40.49
CA GLY G 10 -43.43 -5.23 40.81
C GLY G 10 -43.68 -6.28 39.75
N GLY G 11 -44.57 -5.99 38.80
CA GLY G 11 -44.83 -6.87 37.68
C GLY G 11 -43.59 -7.29 36.90
N ALA G 12 -43.71 -8.40 36.18
CA ALA G 12 -42.54 -9.10 35.69
C ALA G 12 -41.83 -8.34 34.57
N GLY G 13 -42.55 -7.55 33.80
CA GLY G 13 -41.89 -6.75 32.78
C GLY G 13 -41.59 -5.35 33.25
N MET G 14 -42.17 -4.94 34.38
CA MET G 14 -42.00 -3.58 34.85
C MET G 14 -40.69 -3.41 35.61
N CYS G 15 -40.31 -4.38 36.47
CA CYS G 15 -39.19 -4.16 37.38
C CYS G 15 -37.88 -3.97 36.64
N GLY G 16 -37.64 -4.75 35.60
CA GLY G 16 -36.38 -4.63 34.86
C GLY G 16 -36.21 -3.26 34.22
N ILE G 17 -37.27 -2.74 33.62
CA ILE G 17 -37.21 -1.41 33.01
C ILE G 17 -36.90 -0.38 34.07
N ALA G 18 -37.54 -0.49 35.23
CA ALA G 18 -37.30 0.49 36.29
C ALA G 18 -35.84 0.46 36.72
N GLU G 19 -35.27 -0.75 36.81
CA GLU G 19 -33.88 -0.90 37.25
C GLU G 19 -32.92 -0.24 36.27
N VAL G 20 -33.14 -0.44 34.97
CA VAL G 20 -32.30 0.21 33.98
C VAL G 20 -32.43 1.72 34.07
N LEU G 21 -33.65 2.23 34.25
CA LEU G 21 -33.79 3.68 34.34
C LEU G 21 -33.08 4.22 35.57
N LEU G 22 -33.05 3.46 36.67
CA LEU G 22 -32.22 3.84 37.80
C LEU G 22 -30.75 3.85 37.41
N ASN G 23 -30.31 2.80 36.70
CA ASN G 23 -28.93 2.77 36.23
C ASN G 23 -28.62 3.96 35.34
N LEU G 24 -29.58 4.43 34.56
CA LEU G 24 -29.37 5.58 33.70
C LEU G 24 -29.40 6.90 34.43
N GLY G 25 -29.65 6.93 35.75
CA GLY G 25 -29.62 8.15 36.53
C GLY G 25 -30.95 8.85 36.73
N TYR G 26 -32.06 8.25 36.30
CA TYR G 26 -33.36 8.88 36.48
C TYR G 26 -33.90 8.64 37.88
N GLU G 27 -34.80 9.52 38.33
CA GLU G 27 -35.65 9.24 39.49
C GLU G 27 -36.76 8.29 39.06
N VAL G 28 -36.96 7.22 39.83
CA VAL G 28 -37.95 6.20 39.54
C VAL G 28 -38.83 6.01 40.76
N SER G 29 -40.15 6.02 40.54
CA SER G 29 -41.12 5.64 41.56
C SER G 29 -42.01 4.55 41.00
N GLY G 30 -42.80 3.94 41.87
CA GLY G 30 -43.63 2.83 41.47
C GLY G 30 -44.64 2.49 42.53
N SER G 31 -45.79 1.99 42.08
CA SER G 31 -46.82 1.50 42.96
C SER G 31 -47.06 0.02 42.68
N ASP G 32 -47.45 -0.71 43.72
CA ASP G 32 -47.83 -2.11 43.56
C ASP G 32 -48.76 -2.47 44.71
N LEU G 33 -49.54 -3.52 44.47
CA LEU G 33 -50.49 -3.95 45.49
C LEU G 33 -49.79 -4.62 46.65
N LYS G 34 -48.70 -5.33 46.38
CA LYS G 34 -48.02 -6.14 47.38
C LYS G 34 -46.53 -5.85 47.36
N ALA G 35 -45.96 -5.63 48.53
CA ALA G 35 -44.51 -5.56 48.63
C ALA G 35 -43.91 -6.94 48.42
N SER G 36 -42.73 -6.99 47.81
CA SER G 36 -42.06 -8.25 47.50
C SER G 36 -40.55 -8.01 47.44
N ALA G 37 -39.80 -9.11 47.26
CA ALA G 37 -38.36 -8.98 47.10
C ALA G 37 -38.01 -8.14 45.88
N VAL G 38 -38.88 -8.13 44.86
CA VAL G 38 -38.63 -7.29 43.70
C VAL G 38 -38.74 -5.82 44.07
N THR G 39 -39.70 -5.48 44.94
CA THR G 39 -39.82 -4.08 45.30
C THR G 39 -38.74 -3.66 46.31
N GLU G 40 -38.31 -4.59 47.18
CA GLU G 40 -37.20 -4.30 48.05
C GLU G 40 -35.90 -4.09 47.27
N ARG G 41 -35.70 -4.85 46.18
CA ARG G 41 -34.49 -4.63 45.41
C ARG G 41 -34.50 -3.26 44.75
N LEU G 42 -35.66 -2.86 44.21
CA LEU G 42 -35.77 -1.56 43.57
C LEU G 42 -35.55 -0.42 44.56
N GLU G 43 -36.10 -0.57 45.77
CA GLU G 43 -35.91 0.40 46.83
C GLU G 43 -34.43 0.50 47.23
N LYS G 44 -33.78 -0.65 47.38
CA LYS G 44 -32.35 -0.65 47.67
C LYS G 44 -31.57 0.09 46.58
N PHE G 45 -32.05 0.07 45.35
CA PHE G 45 -31.39 0.75 44.25
C PHE G 45 -31.88 2.19 44.06
N GLY G 46 -32.75 2.71 44.94
CA GLY G 46 -33.15 4.10 44.90
C GLY G 46 -34.56 4.37 44.43
N ALA G 47 -35.33 3.35 44.05
CA ALA G 47 -36.71 3.61 43.65
C ALA G 47 -37.56 3.94 44.87
N GLN G 48 -38.50 4.85 44.68
CA GLN G 48 -39.52 5.11 45.69
C GLN G 48 -40.71 4.20 45.39
N ILE G 49 -41.12 3.40 46.37
CA ILE G 49 -42.15 2.40 46.18
C ILE G 49 -43.36 2.79 47.02
N PHE G 50 -44.54 2.71 46.44
CA PHE G 50 -45.80 2.90 47.15
C PHE G 50 -46.57 1.59 47.11
N ILE G 51 -47.15 1.21 48.24
CA ILE G 51 -48.00 0.03 48.30
C ILE G 51 -49.45 0.49 48.21
N GLY G 52 -50.17 -0.06 47.23
CA GLY G 52 -51.51 0.41 46.96
C GLY G 52 -51.54 1.48 45.88
N HIS G 53 -52.72 1.68 45.31
CA HIS G 53 -52.89 2.62 44.21
C HIS G 53 -53.72 3.80 44.69
N GLN G 54 -53.11 4.99 44.71
CA GLN G 54 -53.80 6.22 45.07
C GLN G 54 -53.26 7.34 44.20
N ALA G 55 -54.09 8.36 44.00
CA ALA G 55 -53.74 9.43 43.06
C ALA G 55 -52.45 10.13 43.45
N GLU G 56 -52.17 10.22 44.76
CA GLU G 56 -51.00 10.95 45.22
C GLU G 56 -49.70 10.29 44.79
N ASN G 57 -49.72 8.99 44.52
CA ASN G 57 -48.50 8.31 44.11
C ASN G 57 -47.95 8.86 42.80
N ALA G 58 -48.82 9.35 41.92
CA ALA G 58 -48.38 9.86 40.64
C ALA G 58 -47.82 11.27 40.73
N ASP G 59 -47.97 11.91 41.88
CA ASP G 59 -47.57 13.31 42.03
C ASP G 59 -46.08 13.46 41.77
N GLY G 60 -45.74 14.52 41.06
CA GLY G 60 -44.37 14.77 40.72
C GLY G 60 -43.80 13.95 39.58
N ALA G 61 -44.57 13.04 38.98
CA ALA G 61 -44.02 12.19 37.92
C ALA G 61 -44.04 12.91 36.60
N ASP G 62 -42.97 12.75 35.82
CA ASP G 62 -42.98 13.36 34.50
C ASP G 62 -43.53 12.44 33.44
N VAL G 63 -43.51 11.13 33.69
CA VAL G 63 -44.11 10.16 32.79
C VAL G 63 -44.58 8.99 33.64
N LEU G 64 -45.67 8.35 33.20
CA LEU G 64 -46.19 7.14 33.81
C LEU G 64 -45.98 5.95 32.89
N VAL G 65 -45.68 4.79 33.46
CA VAL G 65 -45.54 3.56 32.72
C VAL G 65 -46.54 2.56 33.28
N VAL G 66 -47.37 2.00 32.41
CA VAL G 66 -48.42 1.07 32.80
C VAL G 66 -48.20 -0.24 32.05
N SER G 67 -48.60 -1.34 32.66
CA SER G 67 -48.28 -2.67 32.14
C SER G 67 -49.44 -3.26 31.35
N SER G 68 -50.58 -3.49 32.00
CA SER G 68 -51.72 -4.12 31.34
C SER G 68 -52.18 -3.27 30.15
N ALA G 69 -52.58 -2.03 30.41
CA ALA G 69 -53.07 -1.08 29.42
C ALA G 69 -53.37 0.22 30.15
N ILE G 70 -54.05 1.15 29.50
CA ILE G 70 -54.44 2.41 30.13
C ILE G 70 -55.85 2.24 30.66
N ASN G 71 -55.99 2.08 31.97
CA ASN G 71 -57.31 1.96 32.58
C ASN G 71 -57.54 3.15 33.51
N ARG G 72 -58.60 3.91 33.22
CA ARG G 72 -59.00 5.07 34.02
C ARG G 72 -59.54 4.70 35.38
N ALA G 73 -59.84 3.41 35.62
CA ALA G 73 -60.28 2.99 36.96
C ALA G 73 -59.16 3.19 37.97
N ASN G 74 -57.93 2.96 37.55
CA ASN G 74 -56.79 3.13 38.46
C ASN G 74 -56.56 4.61 38.68
N PRO G 75 -56.69 5.11 39.92
CA PRO G 75 -56.64 6.58 40.13
C PRO G 75 -55.30 7.21 39.76
N GLU G 76 -54.19 6.47 39.86
CA GLU G 76 -52.91 7.01 39.41
C GLU G 76 -52.97 7.40 37.94
N VAL G 77 -53.49 6.51 37.10
CA VAL G 77 -53.58 6.78 35.66
C VAL G 77 -54.48 7.97 35.40
N ALA G 78 -55.65 7.99 36.04
CA ALA G 78 -56.60 9.08 35.83
C ALA G 78 -56.06 10.41 36.35
N SER G 79 -55.21 10.38 37.37
CA SER G 79 -54.60 11.61 37.85
C SER G 79 -53.60 12.17 36.83
N ALA G 80 -52.75 11.30 36.26
CA ALA G 80 -51.79 11.77 35.28
C ALA G 80 -52.46 12.23 34.01
N LEU G 81 -53.51 11.52 33.57
CA LEU G 81 -54.25 11.96 32.40
C LEU G 81 -54.85 13.34 32.62
N GLU G 82 -55.37 13.59 33.82
CA GLU G 82 -56.00 14.88 34.06
C GLU G 82 -54.96 16.00 34.07
N ARG G 83 -53.72 15.69 34.43
CA ARG G 83 -52.66 16.69 34.48
C ARG G 83 -51.81 16.73 33.21
N ARG G 84 -52.26 16.07 32.13
CA ARG G 84 -51.55 16.02 30.86
C ARG G 84 -50.18 15.35 30.98
N ILE G 85 -49.98 14.56 32.03
CA ILE G 85 -48.74 13.80 32.19
C ILE G 85 -48.82 12.56 31.31
N PRO G 86 -47.89 12.38 30.38
CA PRO G 86 -47.99 11.26 29.44
C PRO G 86 -47.96 9.90 30.11
N VAL G 87 -48.73 8.98 29.53
CA VAL G 87 -48.86 7.61 29.99
C VAL G 87 -48.44 6.74 28.83
N VAL G 88 -47.28 6.09 28.96
CA VAL G 88 -46.75 5.28 27.87
C VAL G 88 -46.81 3.81 28.25
N PRO G 89 -47.16 2.92 27.34
CA PRO G 89 -47.16 1.49 27.66
C PRO G 89 -45.77 0.93 27.92
N ARG G 90 -45.75 -0.11 28.74
CA ARG G 90 -44.51 -0.82 29.10
C ARG G 90 -43.64 -1.10 27.89
N ALA G 91 -44.22 -1.71 26.84
CA ALA G 91 -43.43 -2.10 25.67
C ALA G 91 -42.70 -0.92 25.04
N GLU G 92 -43.31 0.28 25.08
CA GLU G 92 -42.64 1.43 24.49
C GLU G 92 -41.47 1.91 25.35
N MET G 93 -41.64 1.96 26.67
CA MET G 93 -40.51 2.32 27.52
C MET G 93 -39.39 1.31 27.38
N LEU G 94 -39.74 0.03 27.18
CA LEU G 94 -38.72 -0.98 26.98
C LEU G 94 -37.91 -0.73 25.71
N ALA G 95 -38.58 -0.34 24.62
CA ALA G 95 -37.87 -0.08 23.38
C ALA G 95 -36.92 1.11 23.48
N GLU G 96 -37.27 2.12 24.28
CA GLU G 96 -36.42 3.31 24.32
C GLU G 96 -35.13 3.08 25.07
N LEU G 97 -35.05 2.04 25.91
CA LEU G 97 -33.79 1.74 26.59
C LEU G 97 -32.63 1.67 25.59
N MET G 98 -32.90 1.20 24.38
CA MET G 98 -31.84 1.06 23.38
C MET G 98 -31.20 2.38 22.99
N ARG G 99 -31.88 3.52 23.15
CA ARG G 99 -31.27 4.80 22.77
C ARG G 99 -30.09 5.16 23.67
N TYR G 100 -29.97 4.56 24.86
CA TYR G 100 -28.90 4.88 25.76
C TYR G 100 -27.73 3.91 25.68
N ARG G 101 -27.83 2.85 24.89
CA ARG G 101 -26.87 1.76 24.89
C ARG G 101 -26.52 1.40 23.45
N HIS G 102 -25.50 0.56 23.30
CA HIS G 102 -25.17 -0.05 22.01
C HIS G 102 -26.14 -1.20 21.84
N GLY G 103 -27.25 -0.93 21.14
CA GLY G 103 -28.37 -1.85 21.10
C GLY G 103 -28.26 -2.81 19.92
N ILE G 104 -28.52 -4.09 20.21
CA ILE G 104 -28.54 -5.15 19.22
C ILE G 104 -29.97 -5.70 19.18
N ALA G 105 -30.67 -5.45 18.06
CA ALA G 105 -32.07 -5.85 17.88
C ALA G 105 -32.13 -7.15 17.08
N VAL G 106 -32.65 -8.21 17.68
CA VAL G 106 -32.76 -9.50 17.03
C VAL G 106 -34.18 -9.62 16.51
N ALA G 107 -34.36 -9.37 15.21
CA ALA G 107 -35.66 -9.45 14.59
C ALA G 107 -35.79 -10.75 13.81
N GLY G 108 -37.02 -11.07 13.45
CA GLY G 108 -37.33 -12.30 12.75
C GLY G 108 -38.59 -12.88 13.38
N THR G 109 -39.30 -13.69 12.59
CA THR G 109 -40.51 -14.30 13.14
C THR G 109 -40.16 -15.47 14.05
N HIS G 110 -39.21 -16.30 13.67
CA HIS G 110 -38.80 -17.47 14.44
C HIS G 110 -37.31 -17.37 14.78
N GLY G 111 -36.97 -17.72 16.02
CA GLY G 111 -35.58 -17.76 16.43
C GLY G 111 -35.08 -16.54 17.16
N LYS G 112 -35.96 -15.61 17.55
CA LYS G 112 -35.48 -14.41 18.22
C LYS G 112 -34.89 -14.75 19.58
N THR G 113 -35.46 -15.76 20.25
CA THR G 113 -35.10 -16.02 21.63
C THR G 113 -33.75 -16.72 21.74
N THR G 114 -33.54 -17.79 20.97
CA THR G 114 -32.26 -18.48 21.05
C THR G 114 -31.12 -17.58 20.59
N THR G 115 -31.33 -16.86 19.48
CA THR G 115 -30.29 -16.01 18.93
C THR G 115 -29.87 -14.94 19.92
N THR G 116 -30.86 -14.26 20.52
CA THR G 116 -30.59 -13.32 21.61
C THR G 116 -29.78 -13.98 22.73
N SER G 117 -30.16 -15.19 23.12
CA SER G 117 -29.42 -15.86 24.19
C SER G 117 -28.00 -16.20 23.77
N LEU G 118 -27.83 -16.70 22.54
CA LEU G 118 -26.50 -17.01 22.03
C LEU G 118 -25.62 -15.76 22.01
N ILE G 119 -26.16 -14.66 21.47
CA ILE G 119 -25.44 -13.38 21.49
C ILE G 119 -25.02 -13.03 22.91
N ALA G 120 -25.99 -13.02 23.84
CA ALA G 120 -25.69 -12.71 25.22
C ALA G 120 -24.60 -13.62 25.77
N SER G 121 -24.67 -14.90 25.43
CA SER G 121 -23.72 -15.85 25.98
C SER G 121 -22.32 -15.64 25.41
N VAL G 122 -22.21 -15.23 24.14
CA VAL G 122 -20.90 -14.98 23.53
C VAL G 122 -20.31 -13.68 24.07
N PHE G 123 -21.11 -12.62 24.12
CA PHE G 123 -20.66 -11.36 24.70
C PHE G 123 -20.25 -11.54 26.16
N ALA G 124 -21.00 -12.33 26.93
CA ALA G 124 -20.59 -12.61 28.30
C ALA G 124 -19.24 -13.31 28.34
N ALA G 125 -19.02 -14.24 27.40
CA ALA G 125 -17.73 -14.92 27.36
C ALA G 125 -16.60 -13.94 27.05
N GLY G 126 -16.89 -12.90 26.27
CA GLY G 126 -15.89 -11.87 26.07
C GLY G 126 -15.80 -10.86 27.19
N GLY G 127 -16.46 -11.11 28.31
CA GLY G 127 -16.36 -10.25 29.47
C GLY G 127 -17.22 -9.00 29.44
N LEU G 128 -18.24 -8.96 28.57
CA LEU G 128 -19.01 -7.72 28.35
C LEU G 128 -20.30 -7.67 29.12
N ASP G 129 -20.67 -8.73 29.83
CA ASP G 129 -21.84 -8.81 30.72
C ASP G 129 -23.07 -8.09 30.20
N PRO G 130 -23.55 -8.41 29.00
CA PRO G 130 -24.64 -7.61 28.42
C PRO G 130 -25.95 -7.80 29.17
N THR G 131 -26.76 -6.76 29.14
CA THR G 131 -28.16 -6.89 29.49
C THR G 131 -28.93 -7.35 28.27
N PHE G 132 -29.84 -8.31 28.45
CA PHE G 132 -30.58 -8.81 27.31
C PHE G 132 -32.05 -9.01 27.67
N VAL G 133 -32.89 -8.93 26.64
CA VAL G 133 -34.34 -8.90 26.79
C VAL G 133 -34.91 -10.08 26.03
N ILE G 134 -35.52 -11.00 26.75
CA ILE G 134 -36.19 -12.15 26.19
C ILE G 134 -37.60 -12.21 26.76
N GLY G 135 -38.60 -12.34 25.88
CA GLY G 135 -39.97 -12.41 26.34
C GLY G 135 -40.41 -11.19 27.12
N GLY G 136 -39.88 -10.02 26.78
CA GLY G 136 -40.20 -8.81 27.50
C GLY G 136 -39.50 -8.64 28.84
N ARG G 137 -38.61 -9.56 29.22
CA ARG G 137 -37.97 -9.56 30.51
C ARG G 137 -36.49 -9.30 30.35
N LEU G 138 -35.96 -8.38 31.14
CA LEU G 138 -34.55 -8.02 31.10
C LEU G 138 -33.75 -8.95 31.99
N ASN G 139 -32.56 -9.32 31.50
CA ASN G 139 -31.66 -10.27 32.16
C ASN G 139 -30.21 -9.84 31.98
N ALA G 140 -29.37 -10.36 32.86
CA ALA G 140 -27.92 -10.25 32.75
C ALA G 140 -27.35 -11.36 33.64
N ALA G 141 -26.06 -11.62 33.50
CA ALA G 141 -25.47 -12.74 34.22
C ALA G 141 -24.93 -12.37 35.60
N GLY G 142 -24.60 -11.09 35.82
CA GLY G 142 -24.19 -10.65 37.13
C GLY G 142 -25.38 -10.17 37.93
N THR G 143 -25.71 -10.89 39.02
CA THR G 143 -26.94 -10.65 39.78
C THR G 143 -26.83 -9.43 40.68
N ASN G 144 -25.65 -9.19 41.25
CA ASN G 144 -25.49 -8.02 42.12
C ASN G 144 -25.54 -6.72 41.31
N ALA G 145 -24.98 -6.72 40.09
CA ALA G 145 -24.92 -5.51 39.27
C ALA G 145 -26.31 -5.12 38.75
N GLN G 146 -26.57 -3.82 38.72
CA GLN G 146 -27.84 -3.33 38.20
C GLN G 146 -28.01 -3.72 36.73
N LEU G 147 -29.24 -4.04 36.35
CA LEU G 147 -29.51 -4.26 34.94
C LEU G 147 -29.18 -3.00 34.16
N GLY G 148 -28.69 -3.17 32.96
CA GLY G 148 -28.31 -2.03 32.15
C GLY G 148 -26.91 -1.52 32.35
N ALA G 149 -26.12 -2.12 33.24
CA ALA G 149 -24.79 -1.58 33.52
C ALA G 149 -23.88 -1.72 32.31
N SER G 150 -24.02 -2.82 31.57
CA SER G 150 -23.21 -3.04 30.38
C SER G 150 -23.43 -1.96 29.33
N ARG G 151 -22.42 -1.77 28.47
CA ARG G 151 -22.60 -0.95 27.26
C ARG G 151 -23.61 -1.58 26.30
N TYR G 152 -23.82 -2.88 26.39
CA TYR G 152 -24.56 -3.62 25.38
C TYR G 152 -25.97 -3.94 25.87
N LEU G 153 -26.94 -3.74 24.98
CA LEU G 153 -28.32 -4.12 25.22
C LEU G 153 -28.78 -4.99 24.05
N VAL G 154 -29.00 -6.29 24.30
CA VAL G 154 -29.42 -7.25 23.28
C VAL G 154 -30.89 -7.57 23.51
N ALA G 155 -31.71 -7.42 22.48
CA ALA G 155 -33.16 -7.47 22.68
C ALA G 155 -33.86 -8.08 21.47
N GLU G 156 -34.83 -8.95 21.76
CA GLU G 156 -35.77 -9.39 20.74
C GLU G 156 -36.50 -8.20 20.15
N ALA G 157 -36.82 -8.29 18.87
CA ALA G 157 -37.65 -7.28 18.23
C ALA G 157 -38.80 -8.00 17.55
N ASP G 158 -40.01 -7.84 18.07
CA ASP G 158 -41.18 -8.53 17.55
C ASP G 158 -41.93 -7.61 16.60
N GLU G 159 -42.22 -8.10 15.39
CA GLU G 159 -42.87 -7.23 14.42
C GLU G 159 -44.36 -7.07 14.68
N SER G 160 -44.92 -7.84 15.61
CA SER G 160 -46.32 -7.64 15.98
C SER G 160 -46.44 -6.65 17.14
N ASP G 161 -45.32 -6.15 17.64
CA ASP G 161 -45.33 -5.19 18.73
C ASP G 161 -45.45 -3.77 18.18
N ALA G 162 -46.27 -2.96 18.84
CA ALA G 162 -46.52 -1.59 18.37
C ALA G 162 -45.27 -0.72 18.43
N SER G 163 -44.21 -1.15 19.11
CA SER G 163 -42.99 -0.37 19.20
C SER G 163 -41.89 -0.86 18.26
N PHE G 164 -42.19 -1.84 17.41
CA PHE G 164 -41.20 -2.41 16.50
C PHE G 164 -40.46 -1.31 15.75
N LEU G 165 -41.20 -0.36 15.16
CA LEU G 165 -40.61 0.70 14.34
C LEU G 165 -40.04 1.86 15.16
N HIS G 166 -39.92 1.75 16.48
CA HIS G 166 -39.27 2.78 17.29
C HIS G 166 -37.99 2.30 17.97
N LEU G 167 -37.56 1.07 17.72
CA LEU G 167 -36.25 0.65 18.17
C LEU G 167 -35.19 1.45 17.45
N GLN G 168 -34.11 1.80 18.17
CA GLN G 168 -32.97 2.51 17.59
C GLN G 168 -31.71 1.68 17.85
N PRO G 169 -31.54 0.57 17.17
CA PRO G 169 -30.35 -0.26 17.38
C PRO G 169 -29.15 0.24 16.60
N MET G 170 -27.98 -0.28 17.00
CA MET G 170 -26.76 -0.15 16.21
C MET G 170 -26.60 -1.33 15.26
N VAL G 171 -27.14 -2.48 15.64
CA VAL G 171 -27.04 -3.69 14.86
C VAL G 171 -28.43 -4.32 14.85
N ALA G 172 -28.85 -4.83 13.71
CA ALA G 172 -30.16 -5.44 13.59
C ALA G 172 -30.02 -6.74 12.81
N VAL G 173 -30.53 -7.81 13.40
CA VAL G 173 -30.56 -9.12 12.78
C VAL G 173 -31.98 -9.38 12.29
N VAL G 174 -32.09 -10.03 11.14
CA VAL G 174 -33.34 -10.56 10.65
C VAL G 174 -33.10 -12.03 10.35
N THR G 175 -33.66 -12.90 11.20
CA THR G 175 -33.49 -14.34 11.04
C THR G 175 -34.34 -14.91 9.91
N ASN G 176 -35.57 -14.42 9.76
CA ASN G 176 -36.53 -14.87 8.77
C ASN G 176 -37.73 -13.95 8.83
N ILE G 177 -38.59 -14.06 7.83
CA ILE G 177 -39.78 -13.23 7.74
C ILE G 177 -40.93 -14.15 7.36
N ASP G 178 -41.79 -14.47 8.33
CA ASP G 178 -42.93 -15.34 8.12
C ASP G 178 -44.19 -14.49 8.17
N ALA G 179 -45.31 -15.10 7.76
CA ALA G 179 -46.58 -14.42 7.72
C ALA G 179 -47.41 -14.65 8.97
N ASP G 180 -46.80 -15.14 10.06
CA ASP G 180 -47.51 -15.31 11.33
C ASP G 180 -48.30 -14.06 11.71
N HIS G 181 -47.69 -12.87 11.58
CA HIS G 181 -48.30 -11.65 12.11
C HIS G 181 -48.74 -10.67 11.01
N MET G 182 -49.19 -11.20 9.87
CA MET G 182 -49.92 -10.39 8.89
C MET G 182 -51.09 -9.62 9.52
N ALA G 183 -51.70 -10.16 10.59
CA ALA G 183 -52.88 -9.50 11.16
C ALA G 183 -52.56 -8.08 11.64
N THR G 184 -51.36 -7.89 12.17
CA THR G 184 -50.88 -6.58 12.57
C THR G 184 -50.79 -5.62 11.40
N TYR G 185 -50.62 -6.13 10.18
CA TYR G 185 -50.44 -5.27 9.02
C TYR G 185 -51.60 -5.44 8.06
N GLY G 186 -52.82 -5.39 8.58
CA GLY G 186 -54.00 -5.52 7.74
C GLY G 186 -54.05 -6.82 6.97
N GLY G 187 -53.49 -7.88 7.53
CA GLY G 187 -53.51 -9.18 6.88
C GLY G 187 -52.83 -9.23 5.52
N ASP G 188 -51.87 -8.34 5.25
CA ASP G 188 -51.20 -8.27 3.96
C ASP G 188 -49.73 -8.58 4.15
N PHE G 189 -49.24 -9.67 3.52
CA PHE G 189 -47.85 -10.06 3.71
C PHE G 189 -46.89 -9.06 3.06
N ASN G 190 -47.29 -8.41 1.97
CA ASN G 190 -46.42 -7.41 1.33
C ASN G 190 -46.18 -6.20 2.23
N LYS G 191 -47.20 -5.78 3.01
CA LYS G 191 -47.01 -4.71 3.98
C LYS G 191 -46.08 -5.15 5.11
N LEU G 192 -46.22 -6.41 5.52
CA LEU G 192 -45.32 -6.97 6.51
C LEU G 192 -43.87 -6.90 6.05
N LYS G 193 -43.59 -7.33 4.80
CA LYS G 193 -42.22 -7.22 4.28
C LYS G 193 -41.75 -5.77 4.28
N LYS G 194 -42.61 -4.85 3.83
CA LYS G 194 -42.23 -3.44 3.82
C LYS G 194 -41.84 -2.96 5.20
N THR G 195 -42.48 -3.49 6.24
CA THR G 195 -42.15 -3.08 7.61
C THR G 195 -40.75 -3.53 8.02
N PHE G 196 -40.31 -4.71 7.58
CA PHE G 196 -38.95 -5.12 7.89
C PHE G 196 -37.92 -4.23 7.19
N VAL G 197 -38.22 -3.75 5.97
CA VAL G 197 -37.37 -2.75 5.34
C VAL G 197 -37.34 -1.45 6.17
N GLU G 198 -38.52 -0.97 6.59
CA GLU G 198 -38.54 0.24 7.42
C GLU G 198 -37.77 0.03 8.72
N PHE G 199 -37.89 -1.15 9.32
CA PHE G 199 -37.19 -1.42 10.57
C PHE G 199 -35.68 -1.39 10.38
N LEU G 200 -35.17 -2.02 9.31
CA LEU G 200 -33.74 -1.94 9.00
C LEU G 200 -33.31 -0.52 8.68
N HIS G 201 -34.23 0.31 8.19
CA HIS G 201 -33.84 1.68 7.91
C HIS G 201 -33.77 2.54 9.17
N ASN G 202 -34.21 2.05 10.33
CA ASN G 202 -33.94 2.79 11.55
C ASN G 202 -32.50 2.67 12.00
N LEU G 203 -31.72 1.79 11.37
CA LEU G 203 -30.29 1.77 11.61
C LEU G 203 -29.63 3.08 11.16
N PRO G 204 -28.56 3.49 11.82
CA PRO G 204 -27.79 4.63 11.32
C PRO G 204 -26.90 4.18 10.16
N PHE G 205 -26.43 5.15 9.38
CA PHE G 205 -25.61 4.76 8.23
C PHE G 205 -24.38 3.97 8.66
N TYR G 206 -23.85 4.20 9.87
CA TYR G 206 -22.74 3.40 10.40
C TYR G 206 -23.18 2.08 11.05
N GLY G 207 -24.47 1.80 11.13
CA GLY G 207 -24.94 0.57 11.75
C GLY G 207 -24.66 -0.68 10.93
N LEU G 208 -25.32 -1.80 11.26
CA LEU G 208 -25.05 -3.07 10.59
C LEU G 208 -26.33 -3.91 10.55
N ALA G 209 -26.73 -4.31 9.34
CA ALA G 209 -27.82 -5.27 9.15
C ALA G 209 -27.24 -6.67 8.95
N VAL G 210 -27.72 -7.63 9.73
CA VAL G 210 -27.27 -9.02 9.66
C VAL G 210 -28.44 -9.86 9.16
N MET G 211 -28.32 -10.41 7.96
CA MET G 211 -29.45 -10.87 7.15
C MET G 211 -29.31 -12.34 6.83
N CYS G 212 -30.30 -13.13 7.21
CA CYS G 212 -30.28 -14.54 6.81
C CYS G 212 -30.76 -14.68 5.38
N VAL G 213 -29.83 -14.83 4.44
CA VAL G 213 -30.23 -15.00 3.03
C VAL G 213 -30.67 -16.41 2.70
N ASP G 214 -30.66 -17.34 3.66
CA ASP G 214 -31.30 -18.63 3.43
C ASP G 214 -32.82 -18.53 3.38
N ASP G 215 -33.38 -17.51 4.02
CA ASP G 215 -34.78 -17.15 3.90
C ASP G 215 -35.02 -16.42 2.58
N PRO G 216 -35.93 -16.88 1.72
CA PRO G 216 -36.09 -16.22 0.41
C PRO G 216 -36.71 -14.85 0.50
N VAL G 217 -37.43 -14.56 1.58
CA VAL G 217 -38.01 -13.24 1.71
C VAL G 217 -36.95 -12.23 2.17
N VAL G 218 -36.07 -12.64 3.08
CA VAL G 218 -34.93 -11.80 3.41
C VAL G 218 -34.11 -11.52 2.16
N ARG G 219 -33.87 -12.55 1.33
CA ARG G 219 -33.06 -12.35 0.13
C ARG G 219 -33.77 -11.42 -0.85
N GLU G 220 -35.10 -11.40 -0.83
CA GLU G 220 -35.86 -10.55 -1.75
C GLU G 220 -35.75 -9.07 -1.39
N ILE G 221 -35.74 -8.73 -0.10
CA ILE G 221 -35.67 -7.32 0.28
C ILE G 221 -34.25 -6.80 0.42
N LEU G 222 -33.25 -7.69 0.34
CA LEU G 222 -31.86 -7.27 0.47
C LEU G 222 -31.50 -6.07 -0.39
N PRO G 223 -31.84 -6.01 -1.70
CA PRO G 223 -31.48 -4.82 -2.49
C PRO G 223 -32.07 -3.50 -1.99
N GLN G 224 -33.04 -3.52 -1.09
CA GLN G 224 -33.64 -2.27 -0.63
C GLN G 224 -32.99 -1.72 0.62
N ILE G 225 -32.16 -2.52 1.28
CA ILE G 225 -31.49 -2.11 2.51
C ILE G 225 -30.36 -1.20 2.09
N ALA G 226 -30.49 0.08 2.41
CA ALA G 226 -29.41 1.01 2.09
C ALA G 226 -28.55 1.28 3.33
N ARG G 227 -28.19 0.22 4.04
CA ARG G 227 -27.34 0.23 5.22
C ARG G 227 -26.26 -0.81 5.04
N PRO G 228 -25.14 -0.68 5.76
CA PRO G 228 -24.14 -1.75 5.74
C PRO G 228 -24.76 -3.09 6.15
N THR G 229 -24.32 -4.15 5.49
CA THR G 229 -25.01 -5.42 5.52
C THR G 229 -24.02 -6.58 5.44
N VAL G 230 -24.19 -7.58 6.30
CA VAL G 230 -23.49 -8.85 6.20
C VAL G 230 -24.53 -9.95 6.15
N THR G 231 -24.41 -10.83 5.17
CA THR G 231 -25.35 -11.92 5.04
C THR G 231 -24.75 -13.17 5.63
N TYR G 232 -25.61 -14.06 6.10
CA TYR G 232 -25.18 -15.34 6.63
C TYR G 232 -26.18 -16.40 6.21
N GLY G 233 -25.73 -17.64 6.26
CA GLY G 233 -26.60 -18.77 6.01
C GLY G 233 -25.78 -19.94 5.49
N LEU G 234 -26.50 -21.00 5.15
CA LEU G 234 -25.90 -22.13 4.45
C LEU G 234 -25.66 -21.85 2.97
N SER G 235 -26.32 -20.84 2.39
CA SER G 235 -26.17 -20.59 0.96
C SER G 235 -24.71 -20.37 0.60
N GLU G 236 -24.32 -20.89 -0.57
CA GLU G 236 -22.96 -20.76 -1.05
C GLU G 236 -22.55 -19.30 -1.19
N ASP G 237 -23.51 -18.41 -1.45
CA ASP G 237 -23.18 -17.01 -1.68
C ASP G 237 -23.35 -16.10 -0.45
N ALA G 238 -23.53 -16.68 0.74
CA ALA G 238 -23.63 -15.87 1.94
C ALA G 238 -22.24 -15.42 2.39
N ASP G 239 -22.19 -14.26 3.06
CA ASP G 239 -20.91 -13.74 3.51
C ASP G 239 -20.28 -14.62 4.59
N VAL G 240 -21.07 -15.06 5.54
CA VAL G 240 -20.63 -15.89 6.65
C VAL G 240 -21.42 -17.19 6.56
N ARG G 241 -20.74 -18.30 6.30
CA ARG G 241 -21.40 -19.57 5.99
C ARG G 241 -20.93 -20.69 6.92
N ALA G 242 -21.74 -21.75 6.95
CA ALA G 242 -21.40 -22.99 7.65
C ALA G 242 -21.21 -24.12 6.64
N ILE G 243 -20.08 -24.79 6.72
CA ILE G 243 -19.81 -25.99 5.91
C ILE G 243 -19.43 -27.13 6.85
N ASN G 244 -19.43 -28.35 6.31
CA ASN G 244 -18.92 -29.54 6.99
C ASN G 244 -19.66 -29.77 8.32
N ILE G 245 -20.97 -29.65 8.27
CA ILE G 245 -21.80 -29.86 9.45
C ILE G 245 -21.83 -31.35 9.79
N ARG G 246 -21.49 -31.67 11.04
CA ARG G 246 -21.42 -33.04 11.49
CA ARG G 246 -21.33 -33.03 11.52
C ARG G 246 -21.88 -33.10 12.94
N GLN G 247 -21.92 -34.31 13.50
CA GLN G 247 -22.43 -34.52 14.85
C GLN G 247 -21.50 -35.42 15.66
N GLU G 248 -21.52 -35.21 16.99
CA GLU G 248 -20.80 -36.03 17.96
C GLU G 248 -21.67 -36.09 19.22
N GLY G 249 -22.50 -37.11 19.32
CA GLY G 249 -23.45 -37.18 20.41
C GLY G 249 -24.64 -36.30 20.14
N MET G 250 -24.97 -35.41 21.08
CA MET G 250 -26.02 -34.43 20.89
C MET G 250 -25.47 -33.11 20.38
N ARG G 251 -24.18 -33.06 20.06
CA ARG G 251 -23.51 -31.80 19.74
C ARG G 251 -23.31 -31.67 18.23
N THR G 252 -23.57 -30.47 17.72
CA THR G 252 -23.41 -30.16 16.31
C THR G 252 -22.11 -29.38 16.12
N TRP G 253 -21.20 -29.92 15.31
CA TRP G 253 -19.98 -29.24 14.90
C TRP G 253 -20.16 -28.68 13.49
N PHE G 254 -19.45 -27.60 13.21
CA PHE G 254 -19.41 -27.07 11.86
C PHE G 254 -18.29 -26.06 11.75
N THR G 255 -17.90 -25.77 10.51
CA THR G 255 -16.85 -24.82 10.19
C THR G 255 -17.50 -23.55 9.66
N VAL G 256 -17.14 -22.40 10.23
CA VAL G 256 -17.71 -21.12 9.83
C VAL G 256 -16.70 -20.37 8.97
N LEU G 257 -17.13 -20.00 7.77
CA LEU G 257 -16.33 -19.22 6.84
C LEU G 257 -16.66 -17.73 6.99
N ARG G 258 -15.63 -16.90 7.08
CA ARG G 258 -15.80 -15.46 7.26
C ARG G 258 -14.92 -14.71 6.28
N PRO G 259 -15.37 -13.56 5.80
CA PRO G 259 -14.50 -12.72 4.96
C PRO G 259 -13.19 -12.37 5.67
N GLU G 260 -12.09 -12.59 4.97
CA GLU G 260 -10.74 -12.23 5.43
C GLU G 260 -10.38 -12.87 6.78
N ARG G 261 -10.86 -14.08 7.06
CA ARG G 261 -10.45 -14.82 8.26
C ARG G 261 -10.25 -16.28 7.89
N GLU G 262 -9.42 -16.98 8.66
CA GLU G 262 -9.26 -18.41 8.48
C GLU G 262 -10.55 -19.13 8.88
N PRO G 263 -10.77 -20.34 8.37
CA PRO G 263 -11.94 -21.12 8.82
C PRO G 263 -11.85 -21.41 10.31
N LEU G 264 -13.00 -21.40 10.96
CA LEU G 264 -13.09 -21.52 12.42
C LEU G 264 -14.04 -22.67 12.74
N ASP G 265 -13.52 -23.71 13.39
CA ASP G 265 -14.37 -24.80 13.81
C ASP G 265 -15.16 -24.42 15.05
N VAL G 266 -16.44 -24.75 15.04
CA VAL G 266 -17.36 -24.35 16.10
C VAL G 266 -18.25 -25.53 16.41
N SER G 267 -18.70 -25.63 17.66
CA SER G 267 -19.75 -26.57 18.04
C SER G 267 -20.81 -25.82 18.84
N VAL G 268 -22.03 -26.37 18.81
CA VAL G 268 -23.13 -25.84 19.61
C VAL G 268 -23.91 -27.03 20.17
N ASN G 269 -24.38 -26.89 21.41
CA ASN G 269 -24.99 -28.01 22.14
C ASN G 269 -26.47 -28.16 21.83
N MET G 270 -26.88 -27.95 20.57
CA MET G 270 -28.28 -27.95 20.19
C MET G 270 -28.43 -28.47 18.77
N PRO G 271 -29.49 -29.22 18.47
CA PRO G 271 -29.60 -29.87 17.15
C PRO G 271 -30.33 -28.99 16.14
N GLY G 272 -30.27 -29.42 14.88
CA GLY G 272 -31.01 -28.79 13.81
C GLY G 272 -30.27 -27.62 13.21
N LEU G 273 -30.52 -27.39 11.90
CA LEU G 273 -29.84 -26.31 11.20
C LEU G 273 -30.26 -24.93 11.71
N HIS G 274 -31.40 -24.82 12.38
CA HIS G 274 -31.80 -23.51 12.87
C HIS G 274 -30.83 -23.01 13.94
N ASN G 275 -30.32 -23.91 14.78
CA ASN G 275 -29.30 -23.51 15.73
C ASN G 275 -27.94 -23.30 15.09
N VAL G 276 -27.67 -23.91 13.93
CA VAL G 276 -26.49 -23.52 13.17
C VAL G 276 -26.65 -22.08 12.67
N LEU G 277 -27.83 -21.76 12.14
CA LEU G 277 -28.10 -20.39 11.69
C LEU G 277 -28.06 -19.40 12.85
N ASN G 278 -28.68 -19.73 13.99
CA ASN G 278 -28.55 -18.86 15.16
C ASN G 278 -27.08 -18.60 15.49
N SER G 279 -26.25 -19.66 15.42
CA SER G 279 -24.83 -19.48 15.72
C SER G 279 -24.16 -18.58 14.71
N LEU G 280 -24.52 -18.71 13.41
CA LEU G 280 -23.90 -17.87 12.39
C LEU G 280 -24.24 -16.41 12.61
N ALA G 281 -25.52 -16.12 12.92
CA ALA G 281 -25.91 -14.75 13.23
C ALA G 281 -25.08 -14.20 14.38
N THR G 282 -24.92 -14.99 15.43
CA THR G 282 -24.10 -14.58 16.57
C THR G 282 -22.65 -14.36 16.16
N ILE G 283 -22.10 -15.29 15.38
CA ILE G 283 -20.72 -15.15 14.93
C ILE G 283 -20.55 -13.88 14.13
N VAL G 284 -21.56 -13.49 13.33
CA VAL G 284 -21.47 -12.25 12.59
C VAL G 284 -21.41 -11.05 13.54
N ILE G 285 -22.38 -10.96 14.46
CA ILE G 285 -22.39 -9.87 15.43
C ILE G 285 -21.07 -9.81 16.17
N ALA G 286 -20.64 -10.95 16.74
CA ALA G 286 -19.44 -11.00 17.56
C ALA G 286 -18.21 -10.59 16.77
N THR G 287 -18.06 -11.11 15.54
CA THR G 287 -16.91 -10.74 14.72
C THR G 287 -16.88 -9.24 14.47
N ASP G 288 -18.02 -8.66 14.08
CA ASP G 288 -18.08 -7.24 13.79
C ASP G 288 -17.75 -6.41 15.03
N GLU G 289 -18.10 -6.91 16.22
CA GLU G 289 -17.85 -6.19 17.45
C GLU G 289 -16.40 -6.32 17.91
N GLY G 290 -15.59 -7.16 17.26
CA GLY G 290 -14.22 -7.31 17.67
C GLY G 290 -13.96 -8.38 18.71
N ILE G 291 -14.94 -9.24 19.00
CA ILE G 291 -14.80 -10.28 20.02
C ILE G 291 -13.92 -11.40 19.48
N SER G 292 -13.10 -11.98 20.35
CA SER G 292 -12.10 -12.96 19.96
C SER G 292 -12.73 -14.30 19.57
N ASP G 293 -12.01 -15.04 18.72
CA ASP G 293 -12.42 -16.40 18.37
C ASP G 293 -12.63 -17.25 19.61
N GLU G 294 -11.80 -17.04 20.65
CA GLU G 294 -11.90 -17.83 21.88
C GLU G 294 -13.22 -17.59 22.59
N ALA G 295 -13.63 -16.33 22.74
CA ALA G 295 -14.92 -16.07 23.39
C ALA G 295 -16.09 -16.56 22.53
N ILE G 296 -15.96 -16.50 21.21
CA ILE G 296 -17.02 -16.99 20.34
C ILE G 296 -17.20 -18.49 20.55
N VAL G 297 -16.10 -19.23 20.56
CA VAL G 297 -16.15 -20.67 20.76
C VAL G 297 -16.70 -20.99 22.14
N GLN G 298 -16.25 -20.27 23.17
CA GLN G 298 -16.70 -20.52 24.54
C GLN G 298 -18.19 -20.20 24.71
N GLY G 299 -18.64 -19.04 24.23
CA GLY G 299 -20.06 -18.72 24.31
C GLY G 299 -20.95 -19.74 23.61
N LEU G 300 -20.60 -20.10 22.38
CA LEU G 300 -21.46 -21.02 21.62
C LEU G 300 -21.49 -22.40 22.26
N SER G 301 -20.33 -22.93 22.62
CA SER G 301 -20.27 -24.30 23.12
C SER G 301 -20.81 -24.41 24.54
N GLY G 302 -20.74 -23.34 25.31
CA GLY G 302 -21.22 -23.41 26.67
C GLY G 302 -22.69 -23.17 26.83
N PHE G 303 -23.37 -22.74 25.77
CA PHE G 303 -24.78 -22.41 25.89
C PHE G 303 -25.60 -23.67 26.14
N GLN G 304 -26.26 -23.72 27.30
CA GLN G 304 -27.03 -24.89 27.69
C GLN G 304 -28.33 -25.00 26.89
N HIS H 1 -21.72 19.89 42.95
CA HIS H 1 -21.66 21.35 43.06
C HIS H 1 -22.06 22.01 41.74
N ARG H 2 -23.12 22.84 41.76
CA ARG H 2 -23.76 23.31 40.54
C ARG H 2 -23.81 24.83 40.36
N ARG H 3 -23.64 25.62 41.42
CA ARG H 3 -23.77 27.08 41.33
C ARG H 3 -22.47 27.77 41.72
N ILE H 4 -21.89 28.51 40.79
CA ILE H 4 -20.66 29.26 40.99
C ILE H 4 -20.99 30.74 41.07
N HIS H 5 -20.43 31.42 42.07
CA HIS H 5 -20.68 32.84 42.32
C HIS H 5 -19.37 33.60 42.17
N PHE H 6 -19.38 34.62 41.30
CA PHE H 6 -18.20 35.44 41.05
C PHE H 6 -18.34 36.74 41.84
N VAL H 7 -17.35 37.06 42.66
CA VAL H 7 -17.30 38.36 43.32
C VAL H 7 -16.49 39.30 42.42
N GLY H 8 -17.15 40.31 41.85
CA GLY H 8 -16.55 41.14 40.82
C GLY H 8 -16.66 40.52 39.43
N ILE H 9 -17.85 40.05 39.05
CA ILE H 9 -18.01 39.29 37.82
C ILE H 9 -17.78 40.13 36.58
N GLY H 10 -17.93 41.46 36.68
CA GLY H 10 -17.63 42.32 35.56
C GLY H 10 -16.16 42.54 35.29
N GLY H 11 -15.28 42.21 36.24
CA GLY H 11 -13.86 42.42 36.03
C GLY H 11 -13.32 41.65 34.84
N ALA H 12 -12.13 42.07 34.39
CA ALA H 12 -11.63 41.75 33.06
C ALA H 12 -11.35 40.26 32.88
N GLY H 13 -10.81 39.61 33.91
CA GLY H 13 -10.57 38.20 33.81
C GLY H 13 -11.66 37.32 34.35
N MET H 14 -12.72 37.89 34.89
CA MET H 14 -13.76 37.10 35.53
C MET H 14 -14.92 36.77 34.59
N CYS H 15 -15.33 37.72 33.75
CA CYS H 15 -16.53 37.55 32.94
C CYS H 15 -16.38 36.40 31.94
N GLY H 16 -15.20 36.27 31.34
CA GLY H 16 -14.97 35.17 30.42
C GLY H 16 -15.05 33.80 31.09
N ILE H 17 -14.53 33.69 32.31
CA ILE H 17 -14.64 32.42 33.02
C ILE H 17 -16.09 32.11 33.32
N ALA H 18 -16.84 33.13 33.73
CA ALA H 18 -18.25 32.96 34.00
C ALA H 18 -18.99 32.51 32.75
N GLU H 19 -18.64 33.09 31.60
CA GLU H 19 -19.28 32.73 30.34
C GLU H 19 -19.02 31.28 29.97
N VAL H 20 -17.80 30.78 30.20
CA VAL H 20 -17.52 29.39 29.89
C VAL H 20 -18.30 28.46 30.80
N LEU H 21 -18.36 28.78 32.11
CA LEU H 21 -19.15 27.94 33.01
C LEU H 21 -20.60 27.91 32.59
N LEU H 22 -21.10 29.02 32.05
CA LEU H 22 -22.45 29.02 31.51
C LEU H 22 -22.55 28.07 30.33
N ASN H 23 -21.55 28.10 29.45
CA ASN H 23 -21.56 27.20 28.31
C ASN H 23 -21.48 25.74 28.75
N LEU H 24 -20.87 25.48 29.90
CA LEU H 24 -20.73 24.12 30.40
C LEU H 24 -21.99 23.61 31.08
N GLY H 25 -22.96 24.46 31.33
CA GLY H 25 -24.22 24.04 31.91
C GLY H 25 -24.42 24.40 33.37
N TYR H 26 -23.53 25.18 33.96
CA TYR H 26 -23.60 25.49 35.38
C TYR H 26 -24.51 26.70 35.62
N GLU H 27 -25.11 26.74 36.82
CA GLU H 27 -25.71 27.97 37.31
C GLU H 27 -24.61 28.93 37.71
N VAL H 28 -24.66 30.16 37.19
CA VAL H 28 -23.61 31.14 37.41
C VAL H 28 -24.25 32.41 37.96
N SER H 29 -23.70 32.91 39.06
CA SER H 29 -24.14 34.18 39.61
C SER H 29 -22.92 35.05 39.87
N GLY H 30 -23.14 36.35 39.99
CA GLY H 30 -22.03 37.26 40.16
C GLY H 30 -22.51 38.58 40.70
N SER H 31 -21.61 39.25 41.42
CA SER H 31 -21.86 40.58 41.96
C SER H 31 -20.85 41.55 41.38
N ASP H 32 -21.24 42.83 41.34
CA ASP H 32 -20.38 43.88 40.86
C ASP H 32 -20.96 45.21 41.35
N LEU H 33 -20.11 46.23 41.38
CA LEU H 33 -20.54 47.52 41.89
C LEU H 33 -21.27 48.34 40.84
N LYS H 34 -21.04 48.09 39.56
CA LYS H 34 -21.72 48.80 38.49
C LYS H 34 -22.24 47.79 37.49
N ALA H 35 -23.43 48.06 36.93
CA ALA H 35 -23.87 47.29 35.78
C ALA H 35 -23.21 47.82 34.51
N SER H 36 -22.93 46.92 33.58
CA SER H 36 -22.24 47.29 32.35
C SER H 36 -22.67 46.36 31.22
N ALA H 37 -22.19 46.66 30.01
CA ALA H 37 -22.46 45.79 28.87
C ALA H 37 -21.95 44.38 29.13
N VAL H 38 -20.88 44.25 29.92
CA VAL H 38 -20.34 42.94 30.26
C VAL H 38 -21.34 42.15 31.08
N THR H 39 -21.94 42.78 32.08
CA THR H 39 -22.87 42.05 32.91
C THR H 39 -24.21 41.81 32.23
N GLU H 40 -24.61 42.71 31.31
CA GLU H 40 -25.82 42.47 30.52
C GLU H 40 -25.65 41.27 29.60
N ARG H 41 -24.48 41.12 28.98
CA ARG H 41 -24.23 39.97 28.13
C ARG H 41 -24.29 38.68 28.93
N LEU H 42 -23.65 38.64 30.10
CA LEU H 42 -23.71 37.46 30.95
C LEU H 42 -25.14 37.16 31.37
N GLU H 43 -25.89 38.20 31.75
CA GLU H 43 -27.30 38.02 32.09
C GLU H 43 -28.10 37.50 30.90
N LYS H 44 -27.83 38.03 29.70
CA LYS H 44 -28.50 37.51 28.50
C LYS H 44 -28.22 36.02 28.32
N PHE H 45 -27.04 35.57 28.73
CA PHE H 45 -26.65 34.16 28.65
C PHE H 45 -27.08 33.35 29.85
N GLY H 46 -27.78 33.94 30.82
CA GLY H 46 -28.33 33.20 31.93
C GLY H 46 -27.64 33.39 33.27
N ALA H 47 -26.62 34.25 33.36
CA ALA H 47 -26.04 34.54 34.66
C ALA H 47 -27.00 35.43 35.45
N GLN H 48 -27.09 35.17 36.76
CA GLN H 48 -27.81 36.06 37.65
C GLN H 48 -26.82 37.08 38.21
N ILE H 49 -27.15 38.37 38.09
CA ILE H 49 -26.24 39.46 38.36
C ILE H 49 -26.75 40.27 39.55
N PHE H 50 -25.89 40.50 40.55
CA PHE H 50 -26.23 41.33 41.69
C PHE H 50 -25.38 42.60 41.64
N ILE H 51 -26.01 43.75 41.91
CA ILE H 51 -25.32 45.03 41.95
C ILE H 51 -25.02 45.36 43.40
N GLY H 52 -23.75 45.66 43.69
CA GLY H 52 -23.33 45.86 45.05
C GLY H 52 -22.99 44.54 45.73
N HIS H 53 -22.30 44.64 46.86
CA HIS H 53 -21.83 43.49 47.60
C HIS H 53 -22.60 43.38 48.91
N GLN H 54 -23.20 42.22 49.14
CA GLN H 54 -23.85 41.97 50.42
C GLN H 54 -23.95 40.46 50.59
N ALA H 55 -24.03 40.04 51.86
CA ALA H 55 -23.86 38.62 52.18
C ALA H 55 -24.86 37.73 51.46
N GLU H 56 -26.10 38.20 51.29
CA GLU H 56 -27.14 37.41 50.63
C GLU H 56 -26.77 37.04 49.20
N ASN H 57 -25.92 37.83 48.53
CA ASN H 57 -25.58 37.55 47.15
C ASN H 57 -24.94 36.16 47.00
N ALA H 58 -24.29 35.66 48.05
CA ALA H 58 -23.61 34.38 47.96
C ALA H 58 -24.50 33.20 48.34
N ASP H 59 -25.76 33.44 48.68
CA ASP H 59 -26.64 32.35 49.09
C ASP H 59 -26.87 31.37 47.95
N GLY H 60 -26.88 30.08 48.28
CA GLY H 60 -27.01 29.03 47.29
C GLY H 60 -25.76 28.67 46.54
N ALA H 61 -24.68 29.44 46.70
CA ALA H 61 -23.48 29.16 45.92
C ALA H 61 -22.80 27.90 46.42
N ASP H 62 -22.22 27.16 45.50
CA ASP H 62 -21.44 25.99 45.86
C ASP H 62 -19.94 26.27 45.84
N VAL H 63 -19.51 27.31 45.12
CA VAL H 63 -18.15 27.81 45.20
C VAL H 63 -18.18 29.32 44.90
N LEU H 64 -17.21 30.06 45.44
CA LEU H 64 -17.00 31.47 45.13
C LEU H 64 -15.70 31.67 44.38
N VAL H 65 -15.71 32.58 43.41
CA VAL H 65 -14.52 32.98 42.67
C VAL H 65 -14.27 34.45 42.93
N VAL H 66 -13.06 34.77 43.38
CA VAL H 66 -12.63 36.13 43.66
C VAL H 66 -11.46 36.45 42.73
N SER H 67 -11.32 37.72 42.35
CA SER H 67 -10.28 38.10 41.40
C SER H 67 -8.91 38.19 42.07
N SER H 68 -8.82 38.87 43.21
CA SER H 68 -7.55 39.01 43.89
C SER H 68 -7.42 38.00 45.02
N ALA H 69 -6.82 38.43 46.12
CA ALA H 69 -6.74 37.57 47.28
C ALA H 69 -8.05 37.63 48.06
N ILE H 70 -8.19 36.71 49.01
CA ILE H 70 -9.39 36.65 49.83
C ILE H 70 -9.47 37.91 50.68
N ASN H 71 -10.57 38.65 50.54
CA ASN H 71 -10.83 39.88 51.28
C ASN H 71 -11.90 39.59 52.33
N ARG H 72 -11.50 39.55 53.61
CA ARG H 72 -12.44 39.31 54.70
C ARG H 72 -13.41 40.48 54.88
N ALA H 73 -13.11 41.66 54.34
CA ALA H 73 -14.05 42.77 54.43
C ALA H 73 -15.32 42.46 53.63
N ASN H 74 -15.17 41.87 52.46
CA ASN H 74 -16.29 41.64 51.56
C ASN H 74 -17.33 40.73 52.20
N PRO H 75 -18.59 41.17 52.31
CA PRO H 75 -19.57 40.35 53.04
C PRO H 75 -19.92 39.05 52.34
N GLU H 76 -19.85 39.00 51.02
CA GLU H 76 -20.07 37.75 50.29
C GLU H 76 -18.98 36.74 50.64
N VAL H 77 -17.73 37.18 50.65
CA VAL H 77 -16.62 36.29 50.96
C VAL H 77 -16.67 35.85 52.44
N ALA H 78 -16.90 36.81 53.35
CA ALA H 78 -16.98 36.44 54.76
C ALA H 78 -18.14 35.47 55.03
N SER H 79 -19.25 35.66 54.32
CA SER H 79 -20.39 34.75 54.53
C SER H 79 -20.08 33.35 54.01
N ALA H 80 -19.49 33.27 52.81
CA ALA H 80 -19.07 31.97 52.27
C ALA H 80 -18.11 31.27 53.22
N LEU H 81 -17.09 32.00 53.70
CA LEU H 81 -16.11 31.39 54.59
C LEU H 81 -16.78 30.80 55.82
N GLU H 82 -17.71 31.55 56.42
CA GLU H 82 -18.36 31.10 57.65
C GLU H 82 -19.21 29.86 57.44
N ARG H 83 -19.67 29.60 56.21
CA ARG H 83 -20.46 28.41 55.92
C ARG H 83 -19.62 27.28 55.31
N ARG H 84 -18.29 27.43 55.32
CA ARG H 84 -17.34 26.47 54.72
C ARG H 84 -17.67 26.23 53.24
N ILE H 85 -18.03 27.30 52.54
CA ILE H 85 -18.18 27.27 51.09
C ILE H 85 -16.82 27.63 50.49
N PRO H 86 -16.24 26.78 49.65
CA PRO H 86 -14.88 27.05 49.17
C PRO H 86 -14.82 28.36 48.39
N VAL H 87 -13.75 29.11 48.64
CA VAL H 87 -13.44 30.34 47.92
C VAL H 87 -12.16 30.09 47.14
N VAL H 88 -12.26 30.11 45.82
CA VAL H 88 -11.09 29.86 44.97
C VAL H 88 -10.69 31.15 44.26
N PRO H 89 -9.41 31.35 43.98
CA PRO H 89 -9.02 32.50 43.16
C PRO H 89 -9.31 32.27 41.68
N ARG H 90 -9.50 33.38 40.98
CA ARG H 90 -9.73 33.41 39.55
C ARG H 90 -8.79 32.51 38.79
N ALA H 91 -7.49 32.56 39.12
CA ALA H 91 -6.52 31.81 38.33
C ALA H 91 -6.79 30.31 38.41
N GLU H 92 -7.27 29.83 39.56
CA GLU H 92 -7.52 28.40 39.70
C GLU H 92 -8.75 27.96 38.91
N MET H 93 -9.82 28.76 38.96
CA MET H 93 -11.00 28.41 38.18
C MET H 93 -10.68 28.45 36.69
N LEU H 94 -9.86 29.43 36.29
CA LEU H 94 -9.41 29.53 34.91
C LEU H 94 -8.68 28.26 34.48
N ALA H 95 -7.83 27.73 35.35
CA ALA H 95 -7.07 26.55 34.95
C ALA H 95 -7.95 25.32 34.85
N GLU H 96 -9.04 25.28 35.62
CA GLU H 96 -9.91 24.10 35.62
C GLU H 96 -10.76 23.99 34.38
N LEU H 97 -10.93 25.06 33.62
CA LEU H 97 -11.72 24.98 32.40
C LEU H 97 -11.18 23.92 31.43
N MET H 98 -9.87 23.64 31.49
CA MET H 98 -9.28 22.63 30.61
C MET H 98 -9.79 21.22 30.86
N ARG H 99 -10.30 20.92 32.06
CA ARG H 99 -10.80 19.57 32.28
C ARG H 99 -12.02 19.24 31.43
N TYR H 100 -12.68 20.26 30.86
CA TYR H 100 -13.91 20.04 30.10
C TYR H 100 -13.68 20.08 28.60
N ARG H 101 -12.44 20.30 28.15
CA ARG H 101 -12.16 20.59 26.75
C ARG H 101 -10.88 19.87 26.35
N HIS H 102 -10.61 19.84 25.05
CA HIS H 102 -9.33 19.34 24.54
C HIS H 102 -8.31 20.46 24.75
N GLY H 103 -7.56 20.37 25.85
CA GLY H 103 -6.75 21.49 26.31
C GLY H 103 -5.37 21.49 25.69
N ILE H 104 -4.93 22.67 25.26
CA ILE H 104 -3.59 22.85 24.70
C ILE H 104 -2.90 23.92 25.53
N ALA H 105 -1.90 23.49 26.30
CA ALA H 105 -1.21 24.35 27.27
C ALA H 105 0.11 24.80 26.65
N VAL H 106 0.25 26.10 26.42
CA VAL H 106 1.46 26.66 25.83
C VAL H 106 2.32 27.18 26.98
N ALA H 107 3.35 26.43 27.34
CA ALA H 107 4.29 26.78 28.40
C ALA H 107 5.62 27.21 27.81
N GLY H 108 6.45 27.79 28.65
CA GLY H 108 7.69 28.38 28.21
C GLY H 108 7.78 29.80 28.76
N THR H 109 8.98 30.25 29.12
CA THR H 109 9.13 31.57 29.71
C THR H 109 8.84 32.68 28.69
N HIS H 110 9.32 32.55 27.46
CA HIS H 110 9.15 33.58 26.45
C HIS H 110 8.33 33.04 25.27
N GLY H 111 7.50 33.89 24.68
CA GLY H 111 6.78 33.46 23.49
C GLY H 111 5.53 32.65 23.71
N LYS H 112 4.94 32.71 24.92
CA LYS H 112 3.67 32.03 25.14
C LYS H 112 2.55 32.73 24.38
N THR H 113 2.58 34.06 24.38
CA THR H 113 1.49 34.86 23.86
C THR H 113 1.36 34.73 22.35
N THR H 114 2.48 34.78 21.64
CA THR H 114 2.42 34.67 20.19
C THR H 114 2.08 33.25 19.77
N THR H 115 2.67 32.25 20.41
CA THR H 115 2.41 30.87 20.02
C THR H 115 0.96 30.49 20.30
N THR H 116 0.41 30.96 21.42
CA THR H 116 -1.01 30.75 21.68
C THR H 116 -1.87 31.39 20.58
N SER H 117 -1.52 32.60 20.15
CA SER H 117 -2.31 33.24 19.10
C SER H 117 -2.14 32.51 17.77
N LEU H 118 -0.93 32.05 17.48
CA LEU H 118 -0.70 31.37 16.22
C LEU H 118 -1.49 30.08 16.18
N ILE H 119 -1.51 29.34 17.28
CA ILE H 119 -2.30 28.11 17.36
C ILE H 119 -3.76 28.42 17.18
N ALA H 120 -4.26 29.48 17.84
CA ALA H 120 -5.66 29.85 17.68
C ALA H 120 -5.96 30.16 16.22
N SER H 121 -5.07 30.93 15.58
CA SER H 121 -5.36 31.40 14.23
C SER H 121 -5.36 30.23 13.25
N VAL H 122 -4.51 29.23 13.46
CA VAL H 122 -4.47 28.07 12.59
C VAL H 122 -5.71 27.19 12.82
N PHE H 123 -6.05 26.94 14.08
CA PHE H 123 -7.27 26.20 14.38
C PHE H 123 -8.50 26.93 13.85
N ALA H 124 -8.54 28.26 13.96
CA ALA H 124 -9.64 29.02 13.37
C ALA H 124 -9.69 28.84 11.85
N ALA H 125 -8.53 28.94 11.18
CA ALA H 125 -8.53 28.73 9.74
C ALA H 125 -9.03 27.34 9.37
N GLY H 126 -8.90 26.38 10.28
CA GLY H 126 -9.45 25.05 10.07
C GLY H 126 -10.89 24.88 10.50
N GLY H 127 -11.56 25.96 10.90
CA GLY H 127 -12.98 25.91 11.22
C GLY H 127 -13.31 25.47 12.63
N LEU H 128 -12.34 25.46 13.54
CA LEU H 128 -12.53 24.88 14.86
C LEU H 128 -12.85 25.93 15.93
N ASP H 129 -12.77 27.23 15.58
CA ASP H 129 -13.17 28.37 16.40
C ASP H 129 -12.75 28.23 17.86
N PRO H 130 -11.47 27.98 18.14
CA PRO H 130 -11.08 27.68 19.52
C PRO H 130 -11.29 28.87 20.44
N THR H 131 -11.52 28.56 21.71
CA THR H 131 -11.38 29.54 22.77
C THR H 131 -9.92 29.57 23.22
N PHE H 132 -9.37 30.76 23.46
CA PHE H 132 -7.97 30.84 23.84
C PHE H 132 -7.76 31.91 24.91
N VAL H 133 -6.72 31.70 25.71
CA VAL H 133 -6.45 32.48 26.91
C VAL H 133 -5.09 33.13 26.76
N ILE H 134 -5.06 34.46 26.67
CA ILE H 134 -3.84 35.24 26.66
CA ILE H 134 -3.82 35.22 26.68
C ILE H 134 -3.95 36.30 27.74
N GLY H 135 -2.93 36.41 28.59
CA GLY H 135 -2.96 37.42 29.63
C GLY H 135 -4.12 37.26 30.60
N GLY H 136 -4.52 36.02 30.87
CA GLY H 136 -5.65 35.81 31.76
C GLY H 136 -7.01 36.14 31.19
N ARG H 137 -7.10 36.45 29.88
CA ARG H 137 -8.35 36.86 29.26
C ARG H 137 -8.74 35.84 28.20
N LEU H 138 -9.98 35.34 28.32
CA LEU H 138 -10.52 34.39 27.36
C LEU H 138 -11.05 35.12 26.13
N ASN H 139 -10.82 34.52 24.96
CA ASN H 139 -11.13 35.09 23.66
C ASN H 139 -11.52 33.98 22.71
N ALA H 140 -12.30 34.36 21.70
CA ALA H 140 -12.54 33.54 20.51
C ALA H 140 -12.95 34.48 19.39
N ALA H 141 -12.68 34.10 18.16
CA ALA H 141 -13.01 35.01 17.07
C ALA H 141 -14.51 35.16 16.83
N GLY H 142 -15.35 34.36 17.49
CA GLY H 142 -16.72 34.16 17.05
C GLY H 142 -17.72 35.22 17.49
N THR H 143 -17.34 36.10 18.42
CA THR H 143 -18.08 37.31 18.78
C THR H 143 -19.48 37.08 19.35
N ASN H 144 -20.37 36.39 18.63
CA ASN H 144 -21.71 36.12 19.18
C ASN H 144 -21.76 34.83 20.00
N ALA H 145 -21.10 33.76 19.55
CA ALA H 145 -21.10 32.48 20.24
C ALA H 145 -20.46 32.60 21.62
N GLN H 146 -20.98 31.82 22.57
CA GLN H 146 -20.42 31.81 23.92
C GLN H 146 -18.98 31.33 23.90
N LEU H 147 -18.14 31.90 24.76
CA LEU H 147 -16.83 31.32 24.96
C LEU H 147 -16.96 29.89 25.46
N GLY H 148 -15.99 29.06 25.10
CA GLY H 148 -16.05 27.67 25.48
C GLY H 148 -16.82 26.78 24.53
N ALA H 149 -17.45 27.34 23.49
CA ALA H 149 -18.27 26.50 22.62
C ALA H 149 -17.41 25.52 21.83
N SER H 150 -16.22 25.93 21.45
CA SER H 150 -15.30 25.02 20.76
C SER H 150 -14.93 23.83 21.64
N ARG H 151 -14.61 22.72 21.00
CA ARG H 151 -14.00 21.60 21.71
C ARG H 151 -12.62 21.95 22.25
N TYR H 152 -11.98 22.97 21.71
CA TYR H 152 -10.58 23.26 21.96
C TYR H 152 -10.43 24.45 22.86
N LEU H 153 -9.53 24.31 23.85
CA LEU H 153 -9.16 25.40 24.74
C LEU H 153 -7.64 25.52 24.69
N VAL H 154 -7.16 26.65 24.16
CA VAL H 154 -5.73 26.92 24.01
C VAL H 154 -5.37 27.96 25.05
N ALA H 155 -4.45 27.65 25.96
CA ALA H 155 -4.16 28.60 27.02
C ALA H 155 -2.67 28.68 27.26
N GLU H 156 -2.18 29.90 27.54
CA GLU H 156 -0.81 30.04 27.97
C GLU H 156 -0.70 29.54 29.40
N ALA H 157 0.44 28.94 29.71
CA ALA H 157 0.67 28.31 30.99
C ALA H 157 1.91 28.94 31.60
N ASP H 158 1.73 29.65 32.70
CA ASP H 158 2.77 30.47 33.31
C ASP H 158 3.39 29.73 34.49
N GLU H 159 4.71 29.54 34.44
CA GLU H 159 5.33 28.76 35.52
C GLU H 159 5.40 29.54 36.82
N SER H 160 5.17 30.85 36.83
CA SER H 160 5.14 31.57 38.09
C SER H 160 3.76 31.60 38.72
N ASP H 161 2.76 31.07 38.02
CA ASP H 161 1.38 31.09 38.49
C ASP H 161 1.12 29.93 39.42
N ALA H 162 0.40 30.19 40.51
CA ALA H 162 0.19 29.17 41.52
C ALA H 162 -0.58 27.97 40.98
N SER H 163 -1.28 28.09 39.86
CA SER H 163 -2.03 26.98 39.29
C SER H 163 -1.28 26.23 38.16
N PHE H 164 0.00 26.49 37.97
CA PHE H 164 0.75 25.90 36.85
C PHE H 164 0.62 24.39 36.81
N LEU H 165 0.73 23.73 37.98
CA LEU H 165 0.75 22.28 38.08
C LEU H 165 -0.64 21.69 38.29
N HIS H 166 -1.69 22.51 38.20
CA HIS H 166 -3.06 21.98 38.22
C HIS H 166 -3.73 22.05 36.86
N LEU H 167 -2.97 22.34 35.82
CA LEU H 167 -3.50 22.24 34.47
C LEU H 167 -3.59 20.78 34.07
N GLN H 168 -4.65 20.44 33.34
CA GLN H 168 -4.86 19.10 32.80
C GLN H 168 -5.01 19.17 31.29
N PRO H 169 -3.96 19.52 30.56
CA PRO H 169 -4.04 19.60 29.10
C PRO H 169 -3.96 18.23 28.45
N MET H 170 -4.38 18.20 27.18
CA MET H 170 -4.13 17.08 26.27
C MET H 170 -2.80 17.23 25.55
N VAL H 171 -2.39 18.45 25.29
CA VAL H 171 -1.17 18.75 24.57
C VAL H 171 -0.46 19.83 25.36
N ALA H 172 0.87 19.72 25.50
CA ALA H 172 1.63 20.73 26.21
C ALA H 172 2.82 21.11 25.35
N VAL H 173 3.04 22.41 25.20
CA VAL H 173 4.21 22.96 24.52
C VAL H 173 5.13 23.57 25.57
N VAL H 174 6.43 23.36 25.40
CA VAL H 174 7.45 24.06 26.17
C VAL H 174 8.34 24.79 25.16
N THR H 175 8.20 26.11 25.08
CA THR H 175 8.95 26.87 24.06
C THR H 175 10.40 27.07 24.47
N ASN H 176 10.65 27.26 25.77
CA ASN H 176 11.96 27.50 26.33
C ASN H 176 11.82 27.60 27.84
N ILE H 177 12.94 27.48 28.54
CA ILE H 177 12.95 27.54 29.99
C ILE H 177 14.02 28.54 30.39
N ASP H 178 13.60 29.68 30.92
CA ASP H 178 14.49 30.74 31.39
C ASP H 178 14.38 30.87 32.90
N ALA H 179 15.29 31.66 33.47
CA ALA H 179 15.42 31.86 34.90
C ALA H 179 14.59 33.02 35.44
N ASP H 180 13.80 33.69 34.59
CA ASP H 180 12.98 34.82 35.03
C ASP H 180 12.32 34.58 36.39
N HIS H 181 11.66 33.44 36.54
CA HIS H 181 10.78 33.15 37.67
C HIS H 181 11.39 32.18 38.67
N MET H 182 12.72 32.20 38.79
CA MET H 182 13.38 31.48 39.89
C MET H 182 12.85 31.89 41.26
N ALA H 183 12.43 33.16 41.44
CA ALA H 183 11.96 33.59 42.76
C ALA H 183 10.77 32.77 43.24
N THR H 184 9.88 32.40 42.31
CA THR H 184 8.76 31.51 42.59
C THR H 184 9.24 30.17 43.13
N TYR H 185 10.47 29.78 42.82
CA TYR H 185 10.98 28.48 43.28
C TYR H 185 12.18 28.69 44.19
N GLY H 186 12.03 29.56 45.19
CA GLY H 186 13.11 29.81 46.14
C GLY H 186 14.41 30.25 45.51
N GLY H 187 14.35 30.89 44.34
CA GLY H 187 15.56 31.34 43.66
C GLY H 187 16.50 30.23 43.23
N ASP H 188 15.98 29.09 42.79
CA ASP H 188 16.82 27.94 42.41
C ASP H 188 16.41 27.44 41.02
N PHE H 189 17.32 27.57 40.04
CA PHE H 189 16.97 27.23 38.68
C PHE H 189 16.78 25.72 38.50
N ASN H 190 17.46 24.91 39.32
CA ASN H 190 17.24 23.46 39.27
C ASN H 190 15.83 23.06 39.71
N LYS H 191 15.27 23.77 40.70
CA LYS H 191 13.89 23.46 41.08
C LYS H 191 12.93 23.89 39.99
N LEU H 192 13.22 25.01 39.32
CA LEU H 192 12.42 25.47 38.19
C LEU H 192 12.39 24.42 37.08
N LYS H 193 13.55 23.88 36.73
CA LYS H 193 13.60 22.82 35.72
C LYS H 193 12.74 21.63 36.14
N LYS H 194 12.82 21.25 37.43
CA LYS H 194 12.05 20.11 37.92
C LYS H 194 10.55 20.35 37.77
N THR H 195 10.10 21.59 37.94
CA THR H 195 8.68 21.90 37.79
C THR H 195 8.21 21.72 36.35
N PHE H 196 9.04 22.06 35.36
CA PHE H 196 8.63 21.81 33.98
C PHE H 196 8.52 20.32 33.71
N VAL H 197 9.41 19.52 34.30
CA VAL H 197 9.24 18.08 34.23
C VAL H 197 7.90 17.67 34.84
N GLU H 198 7.63 18.13 36.07
CA GLU H 198 6.37 17.77 36.72
C GLU H 198 5.18 18.22 35.90
N PHE H 199 5.28 19.40 35.29
CA PHE H 199 4.19 19.92 34.47
C PHE H 199 3.90 18.99 33.30
N LEU H 200 4.94 18.56 32.58
CA LEU H 200 4.74 17.66 31.44
C LEU H 200 4.19 16.33 31.90
N HIS H 201 4.47 15.95 33.14
CA HIS H 201 3.89 14.71 33.62
C HIS H 201 2.43 14.86 34.03
N ASN H 202 1.85 16.05 33.93
CA ASN H 202 0.40 16.14 34.05
C ASN H 202 -0.30 15.72 32.76
N LEU H 203 0.44 15.58 31.66
CA LEU H 203 -0.10 14.94 30.48
C LEU H 203 -0.53 13.51 30.81
N PRO H 204 -1.64 13.04 30.24
CA PRO H 204 -1.91 11.60 30.28
C PRO H 204 -0.98 10.87 29.32
N PHE H 205 -0.88 9.54 29.48
CA PHE H 205 0.00 8.77 28.60
C PHE H 205 -0.40 8.90 27.12
N TYR H 206 -1.65 9.27 26.84
CA TYR H 206 -2.08 9.52 25.48
C TYR H 206 -1.95 10.97 25.05
N GLY H 207 -1.49 11.87 25.92
CA GLY H 207 -1.28 13.25 25.55
C GLY H 207 -0.06 13.38 24.65
N LEU H 208 0.35 14.65 24.44
CA LEU H 208 1.51 14.94 23.60
C LEU H 208 2.31 16.09 24.20
N ALA H 209 3.63 15.91 24.28
CA ALA H 209 4.52 16.99 24.68
C ALA H 209 5.29 17.48 23.46
N VAL H 210 5.24 18.78 23.23
CA VAL H 210 5.85 19.43 22.08
C VAL H 210 6.98 20.32 22.61
N MET H 211 8.21 20.00 22.21
CA MET H 211 9.43 20.42 22.90
C MET H 211 10.38 21.11 21.95
N CYS H 212 10.78 22.32 22.31
CA CYS H 212 11.74 23.07 21.50
C CYS H 212 13.13 22.65 21.93
N VAL H 213 13.77 21.78 21.13
CA VAL H 213 15.12 21.31 21.45
C VAL H 213 16.21 22.29 21.05
N ASP H 214 15.86 23.44 20.47
CA ASP H 214 16.87 24.50 20.33
C ASP H 214 17.22 25.14 21.67
N ASP H 215 16.35 25.02 22.66
CA ASP H 215 16.63 25.44 24.00
C ASP H 215 17.42 24.34 24.71
N PRO H 216 18.58 24.64 25.28
CA PRO H 216 19.42 23.56 25.82
C PRO H 216 18.83 22.95 27.07
N VAL H 217 18.04 23.72 27.81
CA VAL H 217 17.45 23.20 29.04
C VAL H 217 16.30 22.26 28.71
N VAL H 218 15.48 22.64 27.72
CA VAL H 218 14.45 21.73 27.22
C VAL H 218 15.08 20.43 26.73
N ARG H 219 16.19 20.54 25.99
CA ARG H 219 16.87 19.34 25.52
C ARG H 219 17.42 18.52 26.69
N GLU H 220 17.79 19.17 27.79
CA GLU H 220 18.35 18.47 28.94
C GLU H 220 17.29 17.61 29.64
N ILE H 221 16.05 18.10 29.77
CA ILE H 221 15.05 17.34 30.51
C ILE H 221 14.30 16.35 29.63
N LEU H 222 14.43 16.46 28.30
CA LEU H 222 13.77 15.55 27.38
C LEU H 222 13.83 14.07 27.79
N PRO H 223 14.97 13.50 28.21
CA PRO H 223 14.96 12.09 28.61
C PRO H 223 14.12 11.78 29.84
N GLN H 224 13.67 12.78 30.60
CA GLN H 224 12.85 12.52 31.77
C GLN H 224 11.37 12.45 31.45
N ILE H 225 10.96 12.88 30.26
CA ILE H 225 9.54 12.99 29.92
C ILE H 225 9.08 11.60 29.52
N ALA H 226 8.24 10.99 30.34
CA ALA H 226 7.77 9.66 29.95
C ALA H 226 6.38 9.77 29.32
N ARG H 227 6.30 10.60 28.29
CA ARG H 227 5.08 10.91 27.56
C ARG H 227 5.43 10.97 26.08
N PRO H 228 4.45 10.75 25.19
CA PRO H 228 4.71 10.96 23.76
C PRO H 228 5.18 12.39 23.52
N THR H 229 6.18 12.52 22.67
CA THR H 229 6.95 13.75 22.52
C THR H 229 7.26 13.97 21.05
N VAL H 230 7.05 15.20 20.56
CA VAL H 230 7.56 15.61 19.24
C VAL H 230 8.47 16.81 19.45
N THR H 231 9.68 16.75 18.92
CA THR H 231 10.59 17.86 19.10
C THR H 231 10.55 18.75 17.86
N TYR H 232 10.91 20.02 18.06
CA TYR H 232 10.94 20.97 16.97
C TYR H 232 12.05 21.97 17.22
N GLY H 233 12.45 22.63 16.15
CA GLY H 233 13.42 23.70 16.21
C GLY H 233 14.20 23.78 14.92
N LEU H 234 15.21 24.65 14.92
CA LEU H 234 16.17 24.72 13.83
C LEU H 234 17.18 23.58 13.86
N SER H 235 17.33 22.88 15.00
CA SER H 235 18.36 21.85 15.12
C SER H 235 18.14 20.78 14.07
N GLU H 236 19.23 20.30 13.47
CA GLU H 236 19.14 19.29 12.43
C GLU H 236 18.52 18.00 12.96
N ASP H 237 18.56 17.76 14.26
CA ASP H 237 18.01 16.52 14.79
C ASP H 237 16.60 16.68 15.35
N ALA H 238 15.98 17.85 15.24
CA ALA H 238 14.58 18.01 15.64
C ALA H 238 13.63 17.23 14.73
N ASP H 239 12.52 16.74 15.28
CA ASP H 239 11.58 15.98 14.45
C ASP H 239 10.91 16.87 13.41
N VAL H 240 10.49 18.06 13.81
CA VAL H 240 9.89 19.04 12.93
C VAL H 240 10.82 20.24 12.88
N ARG H 241 11.37 20.53 11.69
CA ARG H 241 12.45 21.49 11.49
C ARG H 241 12.04 22.53 10.45
N ALA H 242 12.73 23.67 10.49
CA ALA H 242 12.65 24.68 9.45
C ALA H 242 13.98 24.76 8.71
N ILE H 243 13.90 24.82 7.38
CA ILE H 243 15.07 25.01 6.54
C ILE H 243 14.70 26.09 5.53
N ASN H 244 15.70 26.55 4.78
CA ASN H 244 15.51 27.50 3.67
C ASN H 244 14.82 28.77 4.14
N ILE H 245 15.31 29.34 5.23
CA ILE H 245 14.68 30.54 5.75
C ILE H 245 15.10 31.72 4.88
N ARG H 246 14.14 32.57 4.55
CA ARG H 246 14.42 33.69 3.66
CA ARG H 246 14.35 33.65 3.59
C ARG H 246 13.39 34.78 3.92
N GLN H 247 13.59 35.92 3.27
CA GLN H 247 12.74 37.08 3.48
C GLN H 247 12.25 37.64 2.15
N GLU H 248 11.03 38.21 2.19
CA GLU H 248 10.42 39.00 1.12
C GLU H 248 9.63 40.10 1.82
N GLY H 249 10.31 41.22 2.07
CA GLY H 249 9.68 42.25 2.89
C GLY H 249 9.67 41.86 4.36
N MET H 250 8.66 42.31 5.08
CA MET H 250 8.47 41.92 6.47
C MET H 250 7.95 40.49 6.62
N ARG H 251 7.90 39.75 5.52
CA ARG H 251 7.40 38.38 5.51
C ARG H 251 8.59 37.41 5.52
N THR H 252 8.57 36.48 6.47
CA THR H 252 9.57 35.41 6.54
C THR H 252 9.00 34.16 5.88
N TRP H 253 9.75 33.58 4.96
CA TRP H 253 9.39 32.31 4.34
C TRP H 253 10.31 31.22 4.86
N PHE H 254 9.79 30.00 4.93
CA PHE H 254 10.64 28.85 5.18
C PHE H 254 9.90 27.58 4.81
N THR H 255 10.65 26.49 4.78
CA THR H 255 10.15 25.16 4.48
C THR H 255 10.18 24.34 5.77
N VAL H 256 9.04 23.75 6.13
CA VAL H 256 8.96 22.93 7.34
C VAL H 256 8.98 21.46 6.95
N LEU H 257 9.91 20.70 7.55
CA LEU H 257 10.04 19.27 7.34
C LEU H 257 9.39 18.54 8.50
N ARG H 258 8.55 17.55 8.20
CA ARG H 258 7.82 16.79 9.21
C ARG H 258 7.99 15.31 8.92
N PRO H 259 7.98 14.47 9.95
CA PRO H 259 8.10 13.03 9.70
C PRO H 259 6.94 12.50 8.86
N GLU H 260 7.28 11.74 7.82
CA GLU H 260 6.32 11.08 6.94
C GLU H 260 5.42 12.07 6.19
N ARG H 261 5.85 13.31 6.00
CA ARG H 261 5.12 14.27 5.17
C ARG H 261 6.09 14.90 4.17
N GLU H 262 5.52 15.44 3.10
CA GLU H 262 6.32 16.19 2.15
C GLU H 262 6.64 17.57 2.71
N PRO H 263 7.75 18.17 2.27
CA PRO H 263 8.08 19.52 2.75
C PRO H 263 6.96 20.49 2.43
N LEU H 264 6.73 21.42 3.34
CA LEU H 264 5.66 22.40 3.20
C LEU H 264 6.23 23.81 3.30
N ASP H 265 6.01 24.62 2.28
CA ASP H 265 6.44 26.01 2.32
C ASP H 265 5.41 26.84 3.05
N VAL H 266 5.86 27.60 4.06
CA VAL H 266 4.97 28.47 4.81
C VAL H 266 5.62 29.85 4.90
N SER H 267 4.80 30.84 5.24
CA SER H 267 5.29 32.18 5.51
C SER H 267 4.55 32.72 6.72
N VAL H 268 5.22 33.63 7.43
CA VAL H 268 4.64 34.30 8.58
C VAL H 268 4.98 35.78 8.47
N ASN H 269 4.03 36.63 8.86
CA ASN H 269 4.18 38.07 8.66
C ASN H 269 4.78 38.75 9.88
N MET H 270 5.87 38.18 10.39
CA MET H 270 6.56 38.60 11.60
C MET H 270 8.02 38.20 11.46
N PRO H 271 8.96 39.06 11.84
CA PRO H 271 10.37 38.76 11.63
C PRO H 271 10.98 37.98 12.78
N GLY H 272 12.14 37.39 12.51
CA GLY H 272 12.89 36.78 13.58
C GLY H 272 12.77 35.27 13.64
N LEU H 273 13.85 34.61 14.06
CA LEU H 273 13.82 33.17 14.22
C LEU H 273 12.84 32.74 15.32
N HIS H 274 12.62 33.58 16.34
CA HIS H 274 11.66 33.17 17.37
C HIS H 274 10.26 33.01 16.78
N ASN H 275 9.90 33.80 15.77
CA ASN H 275 8.59 33.57 15.18
C ASN H 275 8.60 32.37 14.23
N VAL H 276 9.74 32.03 13.63
CA VAL H 276 9.83 30.74 12.95
C VAL H 276 9.57 29.61 13.92
N LEU H 277 10.18 29.68 15.12
CA LEU H 277 9.97 28.67 16.16
C LEU H 277 8.51 28.62 16.62
N ASN H 278 7.89 29.79 16.83
CA ASN H 278 6.48 29.80 17.21
C ASN H 278 5.63 29.10 16.15
N SER H 279 5.98 29.31 14.88
CA SER H 279 5.27 28.63 13.79
C SER H 279 5.53 27.13 13.82
N LEU H 280 6.78 26.72 14.08
CA LEU H 280 7.07 25.29 14.13
C LEU H 280 6.27 24.60 15.22
N ALA H 281 6.14 25.24 16.38
CA ALA H 281 5.34 24.65 17.46
C ALA H 281 3.89 24.53 17.04
N THR H 282 3.35 25.59 16.44
CA THR H 282 1.99 25.55 15.91
C THR H 282 1.81 24.44 14.88
N ILE H 283 2.78 24.29 13.98
CA ILE H 283 2.68 23.28 12.94
C ILE H 283 2.67 21.89 13.56
N VAL H 284 3.43 21.69 14.64
CA VAL H 284 3.43 20.39 15.32
C VAL H 284 2.03 20.09 15.87
N ILE H 285 1.44 21.06 16.58
CA ILE H 285 0.14 20.87 17.20
CA ILE H 285 0.15 20.83 17.20
C ILE H 285 -0.92 20.62 16.13
N ALA H 286 -0.97 21.50 15.12
CA ALA H 286 -1.97 21.40 14.08
C ALA H 286 -1.83 20.09 13.30
N THR H 287 -0.59 19.69 12.99
CA THR H 287 -0.36 18.43 12.29
C THR H 287 -0.85 17.26 13.12
N ASP H 288 -0.52 17.25 14.40
CA ASP H 288 -0.93 16.14 15.23
C ASP H 288 -2.44 16.08 15.35
N GLU H 289 -3.10 17.24 15.29
CA GLU H 289 -4.55 17.29 15.39
C GLU H 289 -5.24 16.92 14.07
N GLY H 290 -4.50 16.73 12.97
CA GLY H 290 -5.11 16.38 11.71
C GLY H 290 -5.59 17.55 10.87
N ILE H 291 -5.13 18.75 11.18
CA ILE H 291 -5.54 19.95 10.44
C ILE H 291 -4.80 19.97 9.10
N SER H 292 -5.48 20.41 8.05
CA SER H 292 -4.90 20.34 6.71
C SER H 292 -3.78 21.37 6.54
N ASP H 293 -2.92 21.09 5.56
CA ASP H 293 -1.87 22.03 5.20
C ASP H 293 -2.44 23.40 4.84
N GLU H 294 -3.59 23.42 4.17
CA GLU H 294 -4.20 24.68 3.72
C GLU H 294 -4.55 25.58 4.88
N ALA H 295 -5.14 25.01 5.94
CA ALA H 295 -5.43 25.80 7.14
C ALA H 295 -4.15 26.22 7.86
N ILE H 296 -3.14 25.38 7.85
CA ILE H 296 -1.87 25.74 8.45
C ILE H 296 -1.25 26.92 7.69
N VAL H 297 -1.16 26.81 6.37
CA VAL H 297 -0.61 27.89 5.55
C VAL H 297 -1.42 29.17 5.76
N GLN H 298 -2.74 29.05 5.79
CA GLN H 298 -3.61 30.23 5.89
C GLN H 298 -3.60 30.84 7.29
N GLY H 299 -3.58 30.03 8.33
CA GLY H 299 -3.56 30.59 9.68
C GLY H 299 -2.24 31.30 9.96
N LEU H 300 -1.14 30.75 9.45
CA LEU H 300 0.17 31.34 9.73
C LEU H 300 0.38 32.61 8.94
N SER H 301 -0.05 32.62 7.70
CA SER H 301 0.24 33.74 6.81
C SER H 301 -0.67 34.94 7.07
N GLY H 302 -1.90 34.70 7.51
CA GLY H 302 -2.84 35.76 7.75
C GLY H 302 -2.79 36.32 9.14
N PHE H 303 -1.87 35.84 9.96
CA PHE H 303 -1.79 36.31 11.34
C PHE H 303 -1.04 37.63 11.39
N GLN H 304 -1.62 38.62 12.06
CA GLN H 304 -1.01 39.95 12.19
C GLN H 304 0.02 40.01 13.32
#